data_5N96
#
_entry.id   5N96
#
_cell.length_a   303.389
_cell.length_b   51.316
_cell.length_c   164.602
_cell.angle_alpha   90.00
_cell.angle_beta   114.57
_cell.angle_gamma   90.00
#
_symmetry.space_group_name_H-M   'C 1 2 1'
#
loop_
_entity.id
_entity.type
_entity.pdbx_description
1 polymer 'CG9323, isoform A'
2 polymer "DNA (5'-D(P*AP*GP*GP*GP*TP*TP*TP*TP*TP*T)-3')"
3 non-polymer 'MAGNESIUM ION'
4 water water
#
loop_
_entity_poly.entity_id
_entity_poly.type
_entity_poly.pdbx_seq_one_letter_code
_entity_poly.pdbx_strand_id
1 'polypeptide(L)'
;MQRDRDSSGSNARKGNRPPGLRGKDIGLYYRNLARQQKKDRGENAESKEPQIRLGCNVSAPSGVLERVKELMEDYSRAPS
RQNVDDKNVDAKFQQQFRHLLSVNFEEFVAETKERNADLDWVNPKLDERLQLELGQRQLEENAKKRLEARKKLPTMKYAD
DIIQAVRENQVILIVGSTGCGKTTQVPQILLDDAISRGCASSCRIICTQPRRISAIAIAEWVSYERCESLGNSVGYQIRL
ESRKARERASITYCTTGVLLQQLQSDPLMHNLSVLILDEIHERSVETDLLMGLLKVILPHRPDLKVILMSATVREQDFCD
YFNNCPMFRIEGVMFPVKMLYLEDVLSKTNYEFQKFRDRRPKRDPPERRMKHEAMIEPYLRRIRNSYDSRVLDKLRLPES
EGCEDIDFIADLVYYICENEPEGAILVFLPGYDKISQLYNILDKPKTSKGQRWRDHMAVFPLHSLMQSGEQQAVFRRPPA
GQRKVIISTIIAETSVTIDDVVYVINSGRTKATNYDIETNIQSLDEVWVTKANTQQRRGRAGRVRPGICYNLFSRAREDR
MDDIPTPEILRSKLESIILSLKLLHIDDPYRFLQTLINAPNPEAIKMGVELLKRIEALDQTGTLTPLGMHLAKLPIDPQM
GKMILMSALFCCLDPITSAAAALSFKSPFYSPLGKESRVDEIKRRMARNMRSDHLMVHNTIIAYRDSRYSHAERDFCYKN
FLSSMTLQQLERMKNQFSELLYNYKFLASSNCKDAASNKNSEKIPLLRAIIGAGLYPNMAHLRKSRQIKNRVRAIHTMAT
DDGRRVNFHPSSVNSGESGFDSAYFVYFQRQKSTDLFLLDSTMVFPMALIIFGDGVEAGVTQNTPYLCVAKTYYFKCNRE
TADVVIQLRSNLEKLLLKKALYPAPIEENGYEKQLIKAIELLLSLDERLGEDYISSDEIDDIVD
;
A,B
2 'polydeoxyribonucleotide' (DA)(DG)(DG)(DG)(DT)(DT)(DT)(DT)(DT)(DT) C,D
#
loop_
_chem_comp.id
_chem_comp.type
_chem_comp.name
_chem_comp.formula
DA DNA linking 2'-DEOXYADENOSINE-5'-MONOPHOSPHATE 'C10 H14 N5 O6 P'
DG DNA linking 2'-DEOXYGUANOSINE-5'-MONOPHOSPHATE 'C10 H14 N5 O7 P'
DT DNA linking THYMIDINE-5'-MONOPHOSPHATE 'C10 H15 N2 O8 P'
MG non-polymer 'MAGNESIUM ION' 'Mg 2'
#
# COMPACT_ATOMS: atom_id res chain seq x y z
N ILE A 52 60.00 -3.86 -21.43
CA ILE A 52 59.05 -4.74 -20.76
C ILE A 52 59.72 -5.87 -19.97
N ARG A 53 59.43 -5.89 -18.67
CA ARG A 53 59.78 -6.99 -17.77
C ARG A 53 58.62 -7.99 -17.76
N LEU A 54 58.88 -9.19 -17.24
CA LEU A 54 57.88 -10.26 -17.31
C LEU A 54 57.74 -10.95 -15.96
N GLY A 55 56.51 -11.04 -15.47
CA GLY A 55 56.24 -11.50 -14.13
C GLY A 55 56.08 -13.00 -14.08
N CYS A 56 55.48 -13.47 -12.98
CA CYS A 56 55.43 -14.90 -12.69
C CYS A 56 54.45 -15.62 -13.61
N ASN A 57 54.49 -16.95 -13.57
CA ASN A 57 53.71 -17.75 -14.50
C ASN A 57 52.31 -17.98 -13.94
N VAL A 58 51.29 -17.69 -14.76
CA VAL A 58 49.91 -17.81 -14.32
C VAL A 58 49.13 -18.84 -15.14
N SER A 59 49.84 -19.69 -15.87
CA SER A 59 49.17 -20.75 -16.60
C SER A 59 48.58 -21.76 -15.63
N ALA A 60 47.43 -22.29 -15.99
CA ALA A 60 46.65 -23.20 -15.16
C ALA A 60 46.82 -24.63 -15.63
N PRO A 61 46.75 -25.60 -14.70
CA PRO A 61 46.81 -27.00 -15.10
C PRO A 61 45.70 -27.37 -16.08
N SER A 62 46.00 -28.36 -16.92
CA SER A 62 45.09 -28.77 -17.99
C SER A 62 43.77 -29.29 -17.44
N GLY A 63 43.82 -30.01 -16.31
CA GLY A 63 42.59 -30.51 -15.75
C GLY A 63 41.69 -29.37 -15.29
N VAL A 64 42.29 -28.32 -14.75
CA VAL A 64 41.51 -27.14 -14.40
C VAL A 64 40.95 -26.48 -15.65
N LEU A 65 41.80 -26.28 -16.66
CA LEU A 65 41.33 -25.55 -17.84
C LEU A 65 40.14 -26.23 -18.49
N GLU A 66 40.13 -27.56 -18.52
CA GLU A 66 39.07 -28.25 -19.22
C GLU A 66 37.77 -28.29 -18.41
N ARG A 67 37.82 -28.19 -17.08
CA ARG A 67 36.58 -28.06 -16.32
C ARG A 67 36.01 -26.64 -16.40
N VAL A 68 36.89 -25.63 -16.48
CA VAL A 68 36.40 -24.28 -16.76
C VAL A 68 35.77 -24.25 -18.14
N LYS A 69 36.42 -24.88 -19.13
CA LYS A 69 35.82 -24.93 -20.46
C LYS A 69 34.44 -25.58 -20.43
N GLU A 70 34.28 -26.65 -19.64
CA GLU A 70 32.96 -27.27 -19.61
C GLU A 70 31.97 -26.35 -18.90
N LEU A 71 32.40 -25.71 -17.81
CA LEU A 71 31.50 -24.84 -17.06
C LEU A 71 31.04 -23.65 -17.90
N MET A 72 31.98 -22.99 -18.59
CA MET A 72 31.59 -21.87 -19.45
C MET A 72 30.66 -22.34 -20.53
N GLU A 73 30.83 -23.55 -20.98
CA GLU A 73 29.96 -23.98 -22.05
C GLU A 73 28.53 -24.23 -21.55
N ASP A 74 28.38 -24.58 -20.28
CA ASP A 74 27.04 -24.72 -19.72
C ASP A 74 26.42 -23.37 -19.45
N TYR A 75 27.21 -22.40 -19.05
CA TYR A 75 26.66 -21.06 -18.97
C TYR A 75 26.16 -20.61 -20.34
N SER A 76 26.85 -21.00 -21.42
CA SER A 76 26.56 -20.48 -22.77
C SER A 76 25.40 -21.18 -23.46
N ARG A 77 24.75 -22.14 -22.82
CA ARG A 77 23.56 -22.77 -23.39
C ARG A 77 22.30 -22.32 -22.66
N ALA A 78 22.27 -21.06 -22.27
CA ALA A 78 21.13 -20.47 -21.59
C ALA A 78 20.36 -19.57 -22.53
N PRO A 79 19.02 -19.53 -22.41
CA PRO A 79 18.11 -18.70 -23.22
C PRO A 79 18.23 -17.20 -22.94
N ASP A 90 10.80 -11.26 -14.81
CA ASP A 90 10.04 -10.03 -15.05
C ASP A 90 10.89 -8.81 -14.64
N ALA A 91 11.00 -7.82 -15.54
CA ALA A 91 11.97 -6.73 -15.40
C ALA A 91 11.32 -5.37 -15.19
N LYS A 92 11.02 -5.04 -13.93
CA LYS A 92 10.60 -3.68 -13.63
C LYS A 92 11.76 -2.71 -13.76
N PHE A 93 12.97 -3.16 -13.40
CA PHE A 93 14.13 -2.26 -13.43
C PHE A 93 14.49 -1.88 -14.84
N GLN A 94 14.28 -2.77 -15.80
CA GLN A 94 14.61 -2.44 -17.17
C GLN A 94 13.72 -1.34 -17.72
N GLN A 95 12.45 -1.30 -17.30
CA GLN A 95 11.55 -0.22 -17.73
C GLN A 95 11.91 1.11 -17.07
N GLN A 96 12.25 1.10 -15.79
CA GLN A 96 12.66 2.33 -15.13
C GLN A 96 13.88 2.93 -15.79
N PHE A 97 14.84 2.07 -16.17
CA PHE A 97 16.07 2.55 -16.79
C PHE A 97 15.83 3.11 -18.17
N ARG A 98 15.00 2.44 -18.99
CA ARG A 98 14.74 3.00 -20.31
C ARG A 98 13.91 4.28 -20.18
N HIS A 99 13.00 4.31 -19.20
CA HIS A 99 12.17 5.51 -19.02
C HIS A 99 13.03 6.71 -18.67
N LEU A 100 14.06 6.51 -17.84
CA LEU A 100 14.91 7.63 -17.49
C LEU A 100 15.66 8.15 -18.72
N LEU A 101 16.09 7.26 -19.62
CA LEU A 101 16.85 7.75 -20.77
C LEU A 101 15.96 8.44 -21.79
N SER A 102 14.70 8.03 -21.89
CA SER A 102 13.85 8.53 -22.96
C SER A 102 13.24 9.91 -22.64
N VAL A 103 13.16 10.31 -21.36
CA VAL A 103 12.55 11.58 -20.99
C VAL A 103 13.52 12.73 -21.26
N ASN A 104 13.00 13.87 -21.71
CA ASN A 104 13.73 15.12 -21.57
C ASN A 104 13.41 15.74 -20.21
N PHE A 105 14.10 16.83 -19.88
CA PHE A 105 13.98 17.39 -18.53
C PHE A 105 12.58 17.91 -18.24
N GLU A 106 11.89 18.48 -19.24
CA GLU A 106 10.57 19.02 -18.98
C GLU A 106 9.54 17.93 -18.68
N GLU A 107 9.58 16.82 -19.40
CA GLU A 107 8.67 15.72 -19.04
C GLU A 107 9.13 15.06 -17.74
N PHE A 108 10.43 15.07 -17.46
CA PHE A 108 10.90 14.64 -16.14
C PHE A 108 10.29 15.50 -15.05
N VAL A 109 10.24 16.81 -15.28
CA VAL A 109 9.63 17.71 -14.29
C VAL A 109 8.15 17.43 -14.14
N ALA A 110 7.45 17.24 -15.26
CA ALA A 110 6.02 16.95 -15.18
C ALA A 110 5.77 15.70 -14.32
N GLU A 111 6.48 14.60 -14.62
CA GLU A 111 6.19 13.34 -13.94
C GLU A 111 6.50 13.40 -12.44
N THR A 112 7.57 14.08 -12.04
CA THR A 112 7.87 14.11 -10.61
C THR A 112 6.78 14.84 -9.84
N LYS A 113 6.16 15.83 -10.49
CA LYS A 113 5.10 16.59 -9.85
C LYS A 113 3.90 15.71 -9.53
N GLU A 114 3.53 14.83 -10.46
CA GLU A 114 2.35 14.01 -10.29
C GLU A 114 2.58 12.91 -9.25
N ARG A 115 3.81 12.36 -9.21
CA ARG A 115 4.15 11.27 -8.30
C ARG A 115 4.32 11.76 -6.86
N ASN A 116 4.74 13.01 -6.66
CA ASN A 116 4.86 13.59 -5.33
C ASN A 116 3.84 14.71 -5.19
N ALA A 117 2.62 14.33 -4.78
CA ALA A 117 1.52 15.26 -4.66
C ALA A 117 0.93 15.31 -3.25
N ASP A 118 1.58 14.68 -2.26
CA ASP A 118 0.98 14.54 -0.93
C ASP A 118 0.64 15.90 -0.31
N LEU A 119 1.53 16.89 -0.46
CA LEU A 119 1.25 18.19 0.14
C LEU A 119 0.19 18.99 -0.60
N ASP A 120 -0.26 18.54 -1.77
CA ASP A 120 -1.47 19.12 -2.36
C ASP A 120 -2.70 18.84 -1.51
N TRP A 121 -2.59 18.05 -0.44
CA TRP A 121 -3.74 17.68 0.39
C TRP A 121 -3.57 18.28 1.77
N VAL A 122 -4.68 18.78 2.31
CA VAL A 122 -4.73 19.52 3.56
C VAL A 122 -5.86 18.94 4.40
N ASN A 123 -5.73 19.04 5.72
CA ASN A 123 -6.75 18.47 6.60
C ASN A 123 -7.31 19.59 7.47
N PRO A 124 -8.46 20.15 7.12
CA PRO A 124 -8.97 21.32 7.84
C PRO A 124 -9.30 21.06 9.31
N LYS A 125 -9.75 19.85 9.68
CA LYS A 125 -9.98 19.60 11.09
C LYS A 125 -8.68 19.47 11.86
N LEU A 126 -7.60 19.12 11.19
CA LEU A 126 -6.35 19.16 11.90
C LEU A 126 -5.83 20.59 11.96
N ASP A 127 -5.99 21.33 10.87
CA ASP A 127 -5.68 22.76 10.90
C ASP A 127 -6.37 23.44 12.07
N GLU A 128 -7.67 23.21 12.21
CA GLU A 128 -8.38 23.94 13.23
C GLU A 128 -8.06 23.41 14.62
N ARG A 129 -7.77 22.11 14.75
CA ARG A 129 -7.54 21.60 16.10
C ARG A 129 -6.19 22.03 16.64
N LEU A 130 -5.14 21.99 15.82
CA LEU A 130 -3.84 22.47 16.29
C LEU A 130 -3.85 23.97 16.50
N GLN A 131 -4.64 24.71 15.73
CA GLN A 131 -4.81 26.14 15.97
C GLN A 131 -5.38 26.39 17.36
N LEU A 132 -6.38 25.61 17.75
CA LEU A 132 -6.96 25.74 19.08
C LEU A 132 -5.97 25.34 20.17
N GLU A 133 -5.37 24.15 20.05
CA GLU A 133 -4.46 23.65 21.08
C GLU A 133 -3.27 24.57 21.30
N LEU A 134 -2.82 25.28 20.26
CA LEU A 134 -1.72 26.22 20.48
C LEU A 134 -2.18 27.39 21.32
N GLY A 135 -3.30 27.98 20.94
CA GLY A 135 -3.83 29.10 21.69
C GLY A 135 -4.01 28.80 23.15
N GLN A 136 -4.43 27.58 23.48
CA GLN A 136 -4.65 27.27 24.89
C GLN A 136 -3.35 26.96 25.62
N ARG A 137 -2.40 26.25 25.00
CA ARG A 137 -1.21 25.92 25.76
C ARG A 137 -0.20 27.07 25.81
N GLN A 138 -0.55 28.21 25.22
CA GLN A 138 0.19 29.44 25.46
C GLN A 138 -0.32 30.18 26.70
N LEU A 139 -1.37 29.65 27.33
CA LEU A 139 -1.93 30.16 28.57
C LEU A 139 -1.46 29.32 29.75
N GLU A 140 -0.98 28.13 29.40
CA GLU A 140 -0.40 27.12 30.28
C GLU A 140 0.89 27.69 30.88
N GLU A 141 1.46 27.01 31.87
CA GLU A 141 2.65 27.58 32.51
C GLU A 141 3.93 26.78 32.35
N ASN A 142 3.96 25.69 31.58
CA ASN A 142 5.29 25.23 31.14
C ASN A 142 5.72 26.06 29.94
N ALA A 143 4.82 26.28 28.99
CA ALA A 143 5.01 27.44 28.17
C ALA A 143 4.71 28.67 29.02
N LYS A 144 4.96 29.84 28.46
CA LYS A 144 4.75 31.13 29.12
C LYS A 144 5.84 31.37 30.16
N LYS A 145 6.69 30.37 30.42
CA LYS A 145 8.04 30.54 30.97
C LYS A 145 9.09 30.43 29.89
N ARG A 146 8.94 29.41 29.05
CA ARG A 146 9.93 29.10 28.03
C ARG A 146 9.77 30.02 26.84
N LEU A 147 8.62 30.66 26.70
CA LEU A 147 8.52 31.65 25.64
C LEU A 147 9.12 32.96 26.09
N GLU A 148 9.23 33.21 27.39
CA GLU A 148 9.92 34.43 27.79
C GLU A 148 11.39 34.21 28.05
N ALA A 149 11.88 32.99 27.96
CA ALA A 149 13.29 32.79 27.70
C ALA A 149 13.61 32.80 26.21
N ARG A 150 12.68 32.33 25.36
CA ARG A 150 12.88 32.40 23.92
C ARG A 150 13.04 33.85 23.48
N LYS A 151 12.22 34.77 24.02
CA LYS A 151 12.28 36.16 23.56
C LYS A 151 13.46 36.94 24.12
N LYS A 152 14.25 36.35 25.00
CA LYS A 152 15.55 36.90 25.29
C LYS A 152 16.57 36.59 24.19
N LEU A 153 16.25 35.62 23.23
CA LEU A 153 17.25 35.43 22.19
C LEU A 153 16.98 36.38 21.03
N PRO A 154 18.06 36.93 20.49
CA PRO A 154 17.92 38.04 19.53
C PRO A 154 17.01 37.74 18.36
N THR A 155 17.08 36.51 17.84
CA THR A 155 16.29 36.16 16.67
C THR A 155 14.82 36.47 16.88
N MET A 156 14.31 36.22 18.10
CA MET A 156 12.88 36.41 18.36
C MET A 156 12.44 37.85 18.19
N LYS A 157 13.33 38.83 18.38
CA LYS A 157 12.94 40.22 18.11
C LYS A 157 12.65 40.47 16.65
N TYR A 158 13.12 39.62 15.75
CA TYR A 158 12.91 39.82 14.32
C TYR A 158 11.81 38.94 13.76
N ALA A 159 11.04 38.27 14.62
CA ALA A 159 10.07 37.28 14.17
C ALA A 159 9.19 37.82 13.05
N ASP A 160 8.54 38.96 13.28
CA ASP A 160 7.56 39.46 12.33
C ASP A 160 8.22 39.88 11.01
N ASP A 161 9.37 40.55 11.06
CA ASP A 161 10.07 40.90 9.81
C ASP A 161 10.49 39.63 9.04
N ILE A 162 10.85 38.56 9.76
CA ILE A 162 11.20 37.32 9.09
C ILE A 162 9.98 36.67 8.45
N ILE A 163 8.87 36.59 9.19
CA ILE A 163 7.63 36.03 8.64
C ILE A 163 7.23 36.77 7.37
N GLN A 164 7.35 38.10 7.37
CA GLN A 164 6.93 38.88 6.21
C GLN A 164 7.91 38.70 5.04
N ALA A 165 9.20 38.70 5.32
CA ALA A 165 10.17 38.56 4.23
C ALA A 165 10.04 37.19 3.56
N VAL A 166 9.73 36.14 4.36
CA VAL A 166 9.50 34.83 3.77
C VAL A 166 8.23 34.86 2.92
N ARG A 167 7.19 35.55 3.38
CA ARG A 167 5.97 35.56 2.58
C ARG A 167 6.20 36.28 1.25
N GLU A 168 7.05 37.32 1.22
CA GLU A 168 7.25 38.07 -0.01
C GLU A 168 8.37 37.54 -0.90
N ASN A 169 9.25 36.68 -0.40
CA ASN A 169 10.37 36.25 -1.22
C ASN A 169 10.54 34.75 -1.17
N GLN A 170 10.93 34.21 -2.32
CA GLN A 170 11.21 32.79 -2.42
C GLN A 170 12.46 32.44 -1.60
N VAL A 171 13.50 33.27 -1.68
CA VAL A 171 14.74 33.01 -0.96
C VAL A 171 15.03 34.21 -0.06
N ILE A 172 15.31 33.97 1.21
CA ILE A 172 15.92 34.97 2.09
C ILE A 172 17.15 34.36 2.76
N LEU A 173 17.88 35.21 3.47
CA LEU A 173 19.15 34.80 4.08
C LEU A 173 19.24 35.43 5.46
N ILE A 174 19.52 34.62 6.48
CA ILE A 174 19.59 35.10 7.86
C ILE A 174 21.02 34.90 8.32
N VAL A 175 21.68 35.99 8.66
CA VAL A 175 23.10 36.00 9.00
C VAL A 175 23.22 36.29 10.47
N GLY A 176 23.87 35.40 11.20
CA GLY A 176 24.00 35.56 12.64
C GLY A 176 25.10 34.73 13.23
N SER A 177 25.70 35.27 14.29
CA SER A 177 26.78 34.64 15.04
C SER A 177 26.23 33.71 16.11
N THR A 178 27.10 32.82 16.57
CA THR A 178 26.81 31.94 17.70
C THR A 178 26.12 32.70 18.83
N GLY A 179 25.02 32.13 19.33
CA GLY A 179 24.25 32.78 20.37
C GLY A 179 23.02 33.53 19.88
N CYS A 180 22.88 33.71 18.57
CA CYS A 180 21.75 34.47 18.01
C CYS A 180 20.44 33.70 17.99
N GLY A 181 20.48 32.38 18.08
CA GLY A 181 19.28 31.57 18.14
C GLY A 181 18.57 31.36 16.83
N LYS A 182 19.21 31.63 15.68
CA LYS A 182 18.53 31.44 14.40
C LYS A 182 18.14 29.99 14.18
N THR A 183 18.99 29.05 14.60
CA THR A 183 18.76 27.65 14.27
C THR A 183 17.59 27.08 15.09
N THR A 184 17.48 27.47 16.35
CA THR A 184 16.36 27.05 17.18
C THR A 184 15.08 27.84 16.91
N GLN A 185 15.19 29.14 16.62
CA GLN A 185 13.99 29.97 16.62
C GLN A 185 13.35 30.14 15.25
N VAL A 186 14.13 30.32 14.18
CA VAL A 186 13.53 30.52 12.85
C VAL A 186 12.50 29.43 12.51
N PRO A 187 12.80 28.13 12.61
CA PRO A 187 11.79 27.13 12.23
C PRO A 187 10.52 27.24 13.06
N GLN A 188 10.67 27.50 14.36
CA GLN A 188 9.50 27.70 15.20
C GLN A 188 8.70 28.92 14.80
N ILE A 189 9.38 30.00 14.42
CA ILE A 189 8.66 31.21 14.05
C ILE A 189 7.74 30.94 12.87
N LEU A 190 8.20 30.14 11.90
CA LEU A 190 7.42 29.92 10.69
C LEU A 190 6.32 28.90 10.93
N LEU A 191 6.62 27.86 11.71
CA LEU A 191 5.63 26.83 12.03
C LEU A 191 4.52 27.39 12.90
N ASP A 192 4.88 28.03 14.01
CA ASP A 192 3.88 28.64 14.88
C ASP A 192 3.03 29.65 14.12
N ASP A 193 3.63 30.36 13.17
CA ASP A 193 2.88 31.31 12.36
C ASP A 193 1.87 30.58 11.46
N ALA A 194 2.29 29.47 10.84
CA ALA A 194 1.37 28.71 10.00
C ALA A 194 0.24 28.05 10.80
N ILE A 195 0.52 27.56 12.02
CA ILE A 195 -0.55 27.03 12.85
C ILE A 195 -1.54 28.12 13.22
N SER A 196 -1.03 29.29 13.64
CA SER A 196 -1.87 30.39 14.11
C SER A 196 -2.82 30.89 13.02
N ARG A 197 -2.34 30.99 11.79
CA ARG A 197 -3.14 31.40 10.65
C ARG A 197 -4.12 30.32 10.18
N GLY A 198 -4.19 29.18 10.85
CA GLY A 198 -5.08 28.11 10.45
C GLY A 198 -4.58 27.27 9.29
N CYS A 199 -3.26 27.12 9.14
CA CYS A 199 -2.66 26.43 7.99
C CYS A 199 -1.74 25.28 8.38
N ALA A 200 -1.90 24.73 9.60
CA ALA A 200 -0.94 23.79 10.16
C ALA A 200 -0.59 22.65 9.20
N SER A 201 -1.60 22.03 8.61
CA SER A 201 -1.37 20.83 7.83
C SER A 201 -0.61 21.08 6.55
N SER A 202 -0.48 22.34 6.12
CA SER A 202 0.26 22.69 4.91
C SER A 202 1.76 22.78 5.14
N CYS A 203 2.19 22.79 6.38
CA CYS A 203 3.52 23.25 6.74
C CYS A 203 4.39 22.04 7.08
N ARG A 204 5.50 21.90 6.36
CA ARG A 204 6.46 20.85 6.67
C ARG A 204 7.84 21.47 6.49
N ILE A 205 8.51 21.70 7.61
CA ILE A 205 9.79 22.38 7.62
C ILE A 205 10.90 21.34 7.70
N ILE A 206 11.89 21.49 6.83
CA ILE A 206 13.10 20.69 6.89
C ILE A 206 14.29 21.62 7.08
N CYS A 207 15.07 21.38 8.13
CA CYS A 207 16.25 22.20 8.41
C CYS A 207 17.49 21.30 8.44
N THR A 208 18.46 21.56 7.58
CA THR A 208 19.69 20.81 7.48
C THR A 208 20.79 21.29 8.44
N GLN A 209 21.66 20.36 8.81
CA GLN A 209 22.87 20.61 9.58
C GLN A 209 24.04 19.90 8.91
N PRO A 210 25.25 20.40 9.11
CA PRO A 210 26.42 19.72 8.54
C PRO A 210 26.77 18.46 9.32
N ARG A 211 26.49 18.43 10.62
CA ARG A 211 26.94 17.34 11.48
C ARG A 211 25.78 16.61 12.14
N ARG A 212 26.02 15.31 12.43
CA ARG A 212 24.99 14.47 13.02
C ARG A 212 24.67 14.89 14.45
N ILE A 213 25.70 15.11 15.27
CA ILE A 213 25.45 15.43 16.67
C ILE A 213 24.64 16.71 16.79
N SER A 214 24.94 17.69 15.92
CA SER A 214 24.21 18.94 15.95
C SER A 214 22.74 18.72 15.65
N ALA A 215 22.43 17.92 14.61
CA ALA A 215 21.05 17.70 14.24
C ALA A 215 20.24 17.13 15.40
N ILE A 216 20.78 16.12 16.10
CA ILE A 216 20.06 15.54 17.21
C ILE A 216 19.91 16.55 18.36
N ALA A 217 21.01 17.17 18.75
CA ALA A 217 21.00 18.03 19.93
C ALA A 217 20.08 19.22 19.75
N ILE A 218 20.11 19.85 18.57
CA ILE A 218 19.18 20.92 18.28
C ILE A 218 17.75 20.40 18.36
N ALA A 219 17.50 19.24 17.76
CA ALA A 219 16.13 18.72 17.73
C ALA A 219 15.63 18.44 19.13
N GLU A 220 16.47 17.86 19.97
CA GLU A 220 16.05 17.61 21.36
C GLU A 220 15.81 18.91 22.09
N TRP A 221 16.58 19.96 21.77
CA TRP A 221 16.38 21.23 22.44
C TRP A 221 15.09 21.91 21.98
N VAL A 222 14.82 21.89 20.67
CA VAL A 222 13.61 22.54 20.18
C VAL A 222 12.39 21.83 20.72
N SER A 223 12.47 20.51 20.90
CA SER A 223 11.33 19.78 21.47
C SER A 223 11.12 20.13 22.93
N TYR A 224 12.20 20.40 23.66
CA TYR A 224 12.09 20.88 25.03
C TYR A 224 11.45 22.27 25.09
N GLU A 225 11.75 23.13 24.11
CA GLU A 225 11.16 24.46 24.09
C GLU A 225 9.68 24.46 23.75
N ARG A 226 9.09 23.31 23.43
CA ARG A 226 7.67 23.23 23.14
C ARG A 226 6.96 22.24 24.06
N CYS A 227 7.64 21.74 25.11
CA CYS A 227 7.07 20.81 26.09
C CYS A 227 6.57 19.54 25.43
N GLU A 228 7.40 19.00 24.54
CA GLU A 228 7.09 17.77 23.83
C GLU A 228 8.28 16.82 23.86
N SER A 229 7.98 15.53 24.03
CA SER A 229 9.02 14.56 23.76
C SER A 229 9.30 14.55 22.26
N LEU A 230 10.47 14.05 21.89
CA LEU A 230 10.83 14.01 20.48
C LEU A 230 9.83 13.21 19.68
N GLY A 231 9.52 13.69 18.50
CA GLY A 231 8.68 12.95 17.61
C GLY A 231 7.25 13.43 17.46
N ASN A 232 6.80 14.47 18.19
CA ASN A 232 5.53 15.05 17.73
C ASN A 232 5.65 16.27 16.82
N SER A 233 6.24 17.38 17.27
CA SER A 233 6.30 18.49 16.32
C SER A 233 7.69 18.68 15.77
N VAL A 234 8.69 18.17 16.45
CA VAL A 234 10.07 18.30 16.04
C VAL A 234 10.66 16.90 15.95
N GLY A 235 11.46 16.69 14.92
CA GLY A 235 12.09 15.39 14.75
C GLY A 235 13.46 15.57 14.16
N TYR A 236 14.19 14.48 14.11
CA TYR A 236 15.45 14.48 13.41
C TYR A 236 15.55 13.22 12.60
N GLN A 237 16.45 13.26 11.62
CA GLN A 237 16.68 12.12 10.75
C GLN A 237 18.14 12.22 10.30
N ILE A 238 18.94 11.25 10.68
CA ILE A 238 20.30 11.15 10.20
C ILE A 238 20.47 9.76 9.66
N ARG A 239 21.66 9.48 9.12
CA ARG A 239 21.86 8.18 8.51
C ARG A 239 21.61 7.08 9.54
N LEU A 240 20.67 6.19 9.23
CA LEU A 240 20.37 5.00 10.04
C LEU A 240 19.92 5.35 11.46
N GLU A 241 19.31 6.51 11.67
CA GLU A 241 18.79 6.78 12.99
C GLU A 241 17.82 7.97 12.87
N SER A 242 16.60 7.81 13.38
CA SER A 242 15.62 8.86 13.21
C SER A 242 14.55 8.76 14.29
N ARG A 243 14.25 9.89 14.92
CA ARG A 243 13.00 10.07 15.66
C ARG A 243 12.16 11.00 14.78
N LYS A 244 11.40 10.43 13.86
CA LYS A 244 10.73 11.21 12.83
C LYS A 244 9.64 12.04 13.47
N ALA A 245 9.51 13.27 12.99
CA ALA A 245 8.40 14.10 13.45
C ALA A 245 7.09 13.59 12.86
N ARG A 246 5.98 14.11 13.39
CA ARG A 246 4.69 13.87 12.77
C ARG A 246 4.72 14.42 11.35
N GLU A 247 3.75 13.99 10.54
CA GLU A 247 3.86 14.21 9.11
C GLU A 247 3.73 15.69 8.75
N ARG A 248 2.72 16.37 9.32
CA ARG A 248 2.45 17.76 8.99
C ARG A 248 2.50 18.65 10.23
N ALA A 249 2.65 19.95 9.98
CA ALA A 249 2.85 20.92 11.05
C ALA A 249 4.04 20.50 11.91
N SER A 250 5.20 20.39 11.25
CA SER A 250 6.36 19.78 11.88
C SER A 250 7.66 20.39 11.34
N ILE A 251 8.70 20.27 12.16
CA ILE A 251 10.06 20.68 11.85
C ILE A 251 10.94 19.44 11.96
N THR A 252 11.79 19.22 10.96
CA THR A 252 12.76 18.12 11.01
C THR A 252 14.16 18.64 10.79
N TYR A 253 15.07 18.23 11.67
CA TYR A 253 16.50 18.48 11.47
C TYR A 253 17.17 17.25 10.89
N CYS A 254 17.98 17.44 9.84
CA CYS A 254 18.65 16.30 9.23
C CYS A 254 19.98 16.74 8.67
N THR A 255 20.92 15.80 8.56
CA THR A 255 22.19 16.09 7.89
C THR A 255 21.94 16.45 6.44
N THR A 256 22.76 17.34 5.89
CA THR A 256 22.56 17.77 4.51
C THR A 256 22.51 16.58 3.57
N GLY A 257 23.33 15.57 3.83
CA GLY A 257 23.37 14.38 3.00
C GLY A 257 22.07 13.59 2.97
N VAL A 258 21.34 13.54 4.09
CA VAL A 258 20.04 12.88 4.07
C VAL A 258 19.16 13.49 3.00
N LEU A 259 19.09 14.82 2.96
CA LEU A 259 18.17 15.44 2.02
C LEU A 259 18.66 15.24 0.59
N LEU A 260 19.99 15.24 0.39
CA LEU A 260 20.52 14.92 -0.93
C LEU A 260 20.12 13.52 -1.38
N GLN A 261 20.19 12.55 -0.46
CA GLN A 261 19.73 11.21 -0.83
C GLN A 261 18.23 11.18 -1.11
N GLN A 262 17.44 11.99 -0.42
CA GLN A 262 16.01 11.98 -0.72
C GLN A 262 15.66 12.60 -2.06
N LEU A 263 16.57 13.40 -2.65
CA LEU A 263 16.27 14.01 -3.94
C LEU A 263 16.00 12.99 -5.03
N GLN A 264 16.64 11.83 -4.96
CA GLN A 264 16.41 10.79 -5.95
C GLN A 264 14.92 10.44 -6.08
N SER A 265 14.21 10.34 -4.95
CA SER A 265 12.78 10.03 -4.98
C SER A 265 11.91 11.27 -5.20
N ASP A 266 12.38 12.46 -4.81
CA ASP A 266 11.58 13.67 -4.84
C ASP A 266 12.46 14.82 -5.36
N PRO A 267 12.83 14.78 -6.65
CA PRO A 267 13.90 15.67 -7.14
C PRO A 267 13.54 17.13 -7.20
N LEU A 268 12.27 17.51 -7.10
CA LEU A 268 11.92 18.94 -7.08
C LEU A 268 11.32 19.34 -5.73
N MET A 269 11.58 18.57 -4.68
CA MET A 269 11.25 18.93 -3.29
C MET A 269 9.76 19.25 -3.10
N HIS A 270 8.90 18.44 -3.71
CA HIS A 270 7.47 18.59 -3.49
C HIS A 270 7.03 18.15 -2.11
N ASN A 271 7.86 17.40 -1.36
CA ASN A 271 7.44 16.86 -0.06
C ASN A 271 7.88 17.71 1.12
N LEU A 272 8.13 19.01 0.90
CA LEU A 272 8.40 19.94 1.99
C LEU A 272 7.98 21.33 1.53
N SER A 273 7.42 22.12 2.46
CA SER A 273 6.96 23.47 2.13
C SER A 273 8.00 24.55 2.40
N VAL A 274 8.91 24.30 3.36
CA VAL A 274 9.96 25.23 3.74
C VAL A 274 11.27 24.46 3.84
N LEU A 275 12.31 24.96 3.19
CA LEU A 275 13.65 24.40 3.33
C LEU A 275 14.58 25.43 3.93
N ILE A 276 15.18 25.08 5.05
CA ILE A 276 16.18 25.90 5.70
C ILE A 276 17.53 25.20 5.63
N LEU A 277 18.52 25.87 5.05
CA LEU A 277 19.91 25.40 5.05
C LEU A 277 20.76 26.18 6.01
N ASP A 278 21.34 25.48 6.97
CA ASP A 278 22.12 26.12 8.01
C ASP A 278 23.61 25.91 7.77
N GLU A 279 24.41 26.79 8.35
CA GLU A 279 25.87 26.69 8.34
C GLU A 279 26.44 26.57 6.93
N ILE A 280 25.76 27.20 5.96
CA ILE A 280 26.28 27.21 4.60
C ILE A 280 27.64 27.89 4.50
N HIS A 281 28.00 28.74 5.47
CA HIS A 281 29.27 29.44 5.38
C HIS A 281 30.45 28.50 5.49
N GLU A 282 30.22 27.31 6.04
CA GLU A 282 31.25 26.28 6.15
C GLU A 282 31.66 25.73 4.80
N ARG A 283 30.88 26.01 3.75
CA ARG A 283 31.16 25.56 2.38
C ARG A 283 31.45 24.06 2.32
N SER A 284 30.67 23.31 3.09
CA SER A 284 30.53 21.87 2.89
C SER A 284 30.16 21.55 1.42
N VAL A 285 30.66 20.42 0.94
CA VAL A 285 30.30 19.97 -0.41
C VAL A 285 28.79 19.94 -0.56
N GLU A 286 28.09 19.43 0.45
CA GLU A 286 26.67 19.18 0.32
C GLU A 286 25.89 20.46 0.16
N THR A 287 26.17 21.45 1.01
CA THR A 287 25.44 22.72 0.90
C THR A 287 25.85 23.50 -0.35
N ASP A 288 27.10 23.37 -0.80
CA ASP A 288 27.44 24.00 -2.07
C ASP A 288 26.70 23.31 -3.20
N LEU A 289 26.56 22.00 -3.11
CA LEU A 289 25.80 21.27 -4.12
C LEU A 289 24.32 21.63 -4.07
N LEU A 290 23.74 21.68 -2.88
CA LEU A 290 22.33 21.97 -2.75
C LEU A 290 21.98 23.32 -3.34
N MET A 291 22.80 24.33 -3.09
CA MET A 291 22.51 25.65 -3.64
C MET A 291 22.63 25.66 -5.14
N GLY A 292 23.51 24.83 -5.70
CA GLY A 292 23.49 24.67 -7.15
C GLY A 292 22.15 24.16 -7.64
N LEU A 293 21.64 23.14 -6.97
CA LEU A 293 20.40 22.52 -7.40
C LEU A 293 19.18 23.41 -7.13
N LEU A 294 19.22 24.26 -6.11
CA LEU A 294 18.09 25.17 -5.92
C LEU A 294 17.92 26.10 -7.12
N LYS A 295 19.00 26.46 -7.82
CA LYS A 295 18.80 27.30 -9.00
C LYS A 295 18.11 26.53 -10.12
N VAL A 296 18.21 25.19 -10.10
CA VAL A 296 17.47 24.33 -11.03
C VAL A 296 16.06 24.07 -10.52
N ILE A 297 15.91 23.87 -9.21
CA ILE A 297 14.62 23.46 -8.65
C ILE A 297 13.66 24.63 -8.54
N LEU A 298 14.11 25.74 -7.95
CA LEU A 298 13.18 26.82 -7.61
C LEU A 298 12.38 27.36 -8.79
N PRO A 299 12.91 27.52 -10.00
CA PRO A 299 12.08 27.99 -11.13
C PRO A 299 10.89 27.10 -11.48
N HIS A 300 10.81 25.89 -10.95
CA HIS A 300 9.64 25.03 -11.10
C HIS A 300 8.90 24.80 -9.79
N ARG A 301 9.24 25.51 -8.71
CA ARG A 301 8.56 25.36 -7.41
C ARG A 301 8.30 26.73 -6.79
N PRO A 302 7.37 27.49 -7.35
CA PRO A 302 7.18 28.86 -6.86
C PRO A 302 6.70 28.93 -5.43
N ASP A 303 5.97 27.93 -4.95
CA ASP A 303 5.43 27.96 -3.60
C ASP A 303 6.43 27.48 -2.55
N LEU A 304 7.61 27.03 -2.97
CA LEU A 304 8.62 26.57 -2.03
C LEU A 304 9.39 27.75 -1.47
N LYS A 305 9.55 27.76 -0.16
CA LYS A 305 10.30 28.81 0.53
C LYS A 305 11.66 28.28 0.95
N VAL A 306 12.68 29.08 0.74
CA VAL A 306 14.03 28.72 1.13
C VAL A 306 14.55 29.80 2.07
N ILE A 307 15.15 29.38 3.17
CA ILE A 307 15.79 30.29 4.12
C ILE A 307 17.23 29.82 4.29
N LEU A 308 18.17 30.55 3.69
CA LEU A 308 19.58 30.28 3.87
C LEU A 308 20.06 30.86 5.19
N MET A 309 20.97 30.15 5.86
CA MET A 309 21.49 30.64 7.12
C MET A 309 22.99 30.50 7.18
N SER A 310 23.63 31.53 7.72
CA SER A 310 25.06 31.70 7.63
C SER A 310 25.59 32.35 8.89
N ALA A 311 26.84 32.05 9.22
CA ALA A 311 27.57 32.86 10.16
C ALA A 311 28.08 34.12 9.46
N THR A 312 28.75 35.01 10.18
CA THR A 312 29.29 36.23 9.58
C THR A 312 30.68 35.96 8.99
N VAL A 313 30.70 35.09 7.99
CA VAL A 313 31.94 34.59 7.39
C VAL A 313 31.66 34.63 5.89
N ARG A 314 32.19 35.66 5.21
CA ARG A 314 31.92 35.90 3.80
C ARG A 314 30.43 35.78 3.47
N GLU A 315 29.60 36.37 4.35
CA GLU A 315 28.14 36.34 4.19
C GLU A 315 27.72 36.81 2.81
N GLN A 316 28.46 37.76 2.22
CA GLN A 316 27.94 38.44 1.04
C GLN A 316 27.97 37.55 -0.19
N ASP A 317 28.82 36.50 -0.19
CA ASP A 317 28.91 35.58 -1.32
C ASP A 317 27.58 34.92 -1.61
N PHE A 318 26.83 34.57 -0.56
CA PHE A 318 25.58 33.84 -0.74
C PHE A 318 24.47 34.75 -1.22
N CYS A 319 24.37 35.94 -0.64
CA CYS A 319 23.39 36.92 -1.11
C CYS A 319 23.67 37.28 -2.57
N ASP A 320 24.95 37.46 -2.93
CA ASP A 320 25.30 37.65 -4.33
C ASP A 320 24.83 36.47 -5.16
N TYR A 321 24.91 35.25 -4.61
CA TYR A 321 24.62 34.07 -5.41
C TYR A 321 23.14 33.94 -5.73
N PHE A 322 22.21 34.10 -4.75
CA PHE A 322 20.80 34.27 -5.15
C PHE A 322 20.38 35.74 -5.22
N ASN A 323 21.12 36.52 -5.97
CA ASN A 323 20.91 37.56 -6.97
C ASN A 323 20.40 38.97 -6.70
N ASN A 324 19.95 39.52 -5.57
CA ASN A 324 20.47 40.11 -4.34
C ASN A 324 19.67 39.75 -3.08
N CYS A 325 19.25 38.53 -2.80
CA CYS A 325 18.02 38.38 -2.01
C CYS A 325 18.11 39.00 -0.60
N PRO A 326 16.97 39.33 0.03
CA PRO A 326 16.99 39.98 1.34
C PRO A 326 17.83 39.26 2.38
N MET A 327 18.47 40.05 3.25
CA MET A 327 19.38 39.50 4.23
C MET A 327 19.18 40.15 5.59
N PHE A 328 18.93 39.34 6.61
CA PHE A 328 18.84 39.78 8.00
C PHE A 328 20.16 39.50 8.70
N ARG A 329 20.60 40.45 9.51
CA ARG A 329 21.75 40.25 10.38
C ARG A 329 21.30 40.33 11.83
N ILE A 330 21.47 39.22 12.55
CA ILE A 330 20.96 39.09 13.91
C ILE A 330 22.13 39.06 14.90
N GLU A 331 22.08 39.94 15.90
CA GLU A 331 23.14 40.10 16.90
C GLU A 331 23.42 38.80 17.63
N GLY A 332 24.67 38.65 18.07
CA GLY A 332 25.09 37.50 18.84
C GLY A 332 25.08 37.70 20.34
N VAL A 333 25.13 36.59 21.07
CA VAL A 333 25.21 36.62 22.52
C VAL A 333 26.39 35.73 22.91
N MET A 334 27.57 36.32 23.07
CA MET A 334 28.68 35.63 23.73
C MET A 334 29.38 36.57 24.71
N PHE A 335 30.27 36.00 25.54
CA PHE A 335 31.06 36.89 26.38
C PHE A 335 32.25 37.40 25.57
N PRO A 336 32.70 38.63 25.86
CA PRO A 336 33.84 39.17 25.10
C PRO A 336 35.07 38.33 25.37
N VAL A 337 35.87 38.10 24.33
CA VAL A 337 37.12 37.35 24.46
C VAL A 337 38.26 38.17 23.88
N LYS A 338 39.33 38.25 24.66
CA LYS A 338 40.46 39.14 24.42
C LYS A 338 41.42 38.45 23.46
N MET A 339 41.78 39.12 22.37
CA MET A 339 42.74 38.60 21.40
C MET A 339 44.11 39.18 21.70
N LEU A 340 45.09 38.31 21.94
CA LEU A 340 46.49 38.69 22.00
C LEU A 340 47.25 37.97 20.91
N TYR A 341 48.15 38.66 20.28
CA TYR A 341 48.96 38.08 19.25
C TYR A 341 50.35 37.85 19.84
N LEU A 342 51.28 37.35 19.03
CA LEU A 342 52.52 36.86 19.61
C LEU A 342 53.36 38.00 20.19
N GLU A 343 53.23 39.20 19.62
CA GLU A 343 53.72 40.41 20.29
C GLU A 343 53.32 40.41 21.76
N ASP A 344 52.03 40.32 22.01
CA ASP A 344 51.53 40.47 23.36
C ASP A 344 51.95 39.30 24.25
N VAL A 345 51.96 38.07 23.71
CA VAL A 345 52.25 36.90 24.55
C VAL A 345 53.68 36.95 25.08
N LEU A 346 54.65 37.20 24.20
CA LEU A 346 56.02 37.27 24.66
C LEU A 346 56.25 38.47 25.55
N SER A 347 55.52 39.58 25.32
CA SER A 347 55.56 40.72 26.21
C SER A 347 55.08 40.33 27.59
N LYS A 348 54.23 39.32 27.66
CA LYS A 348 53.73 38.91 28.95
C LYS A 348 54.42 37.66 29.51
N THR A 349 54.97 36.75 28.69
CA THR A 349 55.65 35.57 29.22
C THR A 349 57.17 35.70 29.33
N ASN A 350 57.80 36.50 28.46
CA ASN A 350 59.25 36.72 28.46
C ASN A 350 60.05 35.45 28.19
N TYR A 351 59.43 34.51 27.48
CA TYR A 351 60.11 33.27 27.16
C TYR A 351 61.35 33.54 26.31
N GLU A 352 62.31 32.62 26.38
CA GLU A 352 63.57 32.76 25.65
C GLU A 352 63.78 31.49 24.84
N PHE A 353 64.14 31.64 23.56
CA PHE A 353 64.29 30.50 22.67
C PHE A 353 65.76 30.18 22.51
N GLN A 354 66.13 28.91 22.58
CA GLN A 354 67.13 28.23 21.75
C GLN A 354 67.13 26.75 22.15
N LYS A 355 67.71 25.90 21.31
CA LYS A 355 68.04 24.54 21.78
C LYS A 355 69.58 24.28 21.83
N ARG A 369 61.83 29.16 3.52
CA ARG A 369 62.73 30.26 3.23
C ARG A 369 62.42 31.48 4.07
N MET A 370 63.04 32.61 3.69
CA MET A 370 62.76 33.92 4.29
C MET A 370 62.83 35.00 3.23
N LYS A 371 61.75 35.76 3.05
CA LYS A 371 60.28 35.52 3.16
C LYS A 371 59.64 35.38 4.53
N HIS A 372 60.39 35.33 5.62
CA HIS A 372 59.86 35.54 6.96
C HIS A 372 60.06 36.97 7.37
N GLU A 373 61.24 37.46 7.01
CA GLU A 373 61.70 38.77 7.40
C GLU A 373 61.26 39.83 6.40
N ALA A 374 61.04 39.45 5.14
CA ALA A 374 60.29 40.33 4.26
C ALA A 374 58.89 40.55 4.83
N MET A 375 58.42 39.57 5.59
CA MET A 375 57.10 39.64 6.22
C MET A 375 57.16 40.41 7.55
N ILE A 376 58.18 40.14 8.37
CA ILE A 376 58.16 40.56 9.77
C ILE A 376 58.79 41.94 10.04
N GLU A 377 59.73 42.37 9.20
CA GLU A 377 60.42 43.62 9.53
C GLU A 377 59.66 44.89 9.18
N PRO A 378 58.96 44.96 8.03
CA PRO A 378 58.04 46.10 7.84
C PRO A 378 57.07 46.22 8.99
N TYR A 379 56.59 45.08 9.49
CA TYR A 379 55.64 45.09 10.60
C TYR A 379 56.32 45.55 11.88
N LEU A 380 57.49 44.99 12.20
CA LEU A 380 58.18 45.30 13.46
C LEU A 380 58.43 46.78 13.67
N ARG A 381 58.34 47.59 12.63
CA ARG A 381 58.56 48.98 12.88
C ARG A 381 57.34 49.89 12.87
N ARG A 382 56.21 49.47 12.31
CA ARG A 382 55.03 50.23 12.75
C ARG A 382 54.60 49.92 14.18
N ILE A 383 55.35 49.13 14.93
CA ILE A 383 55.06 48.87 16.33
C ILE A 383 56.27 49.17 17.23
N ARG A 384 57.23 49.98 16.74
CA ARG A 384 58.42 50.32 17.51
C ARG A 384 58.11 50.69 18.95
N ASN A 385 57.22 51.66 19.08
CA ASN A 385 56.97 52.37 20.32
C ASN A 385 55.88 51.73 21.16
N SER A 386 55.27 50.67 20.68
CA SER A 386 54.23 49.97 21.41
C SER A 386 54.77 48.75 22.16
N TYR A 387 55.98 48.29 21.84
CA TYR A 387 56.53 47.09 22.46
C TYR A 387 58.02 47.27 22.77
N ASP A 388 58.48 46.43 23.70
CA ASP A 388 59.87 46.40 24.14
C ASP A 388 60.80 46.00 22.99
N SER A 389 62.06 46.45 23.08
CA SER A 389 63.06 46.05 22.10
C SER A 389 63.25 44.54 22.07
N ARG A 390 63.46 43.92 23.24
CA ARG A 390 63.81 42.49 23.29
C ARG A 390 62.69 41.57 22.82
N VAL A 391 61.43 41.92 23.05
CA VAL A 391 60.34 41.06 22.58
C VAL A 391 60.27 41.09 21.05
N LEU A 392 60.47 42.24 20.43
CA LEU A 392 60.38 42.29 18.98
C LEU A 392 61.58 41.63 18.31
N ASP A 393 62.69 41.41 19.02
CA ASP A 393 63.80 40.65 18.44
C ASP A 393 63.45 39.16 18.39
N LYS A 394 62.54 38.72 19.27
CA LYS A 394 62.09 37.35 19.21
C LYS A 394 61.18 37.11 18.02
N LEU A 395 60.44 38.12 17.57
CA LEU A 395 59.53 37.95 16.44
C LEU A 395 60.27 37.65 15.15
N ARG A 396 61.55 37.90 15.12
CA ARG A 396 62.33 37.69 13.92
C ARG A 396 62.86 36.28 13.77
N LEU A 397 62.70 35.47 14.79
CA LEU A 397 63.04 34.08 14.73
C LEU A 397 61.88 33.34 14.09
N PRO A 398 62.11 32.60 13.01
CA PRO A 398 60.99 31.92 12.32
C PRO A 398 60.25 30.93 13.19
N GLU A 399 60.91 30.39 14.21
CA GLU A 399 60.25 29.44 15.11
C GLU A 399 59.35 30.13 16.12
N SER A 400 59.42 31.47 16.22
CA SER A 400 58.58 32.19 17.17
C SER A 400 57.11 31.89 16.91
N GLU A 401 56.69 31.87 15.64
CA GLU A 401 55.30 31.69 15.25
C GLU A 401 54.93 30.22 15.06
N GLY A 402 53.63 29.94 15.13
CA GLY A 402 53.19 28.58 14.93
C GLY A 402 53.50 27.74 16.15
N CYS A 403 53.85 26.49 15.92
CA CYS A 403 54.14 25.55 16.99
C CYS A 403 55.43 24.77 16.72
N GLU A 404 56.45 25.45 16.22
CA GLU A 404 57.72 24.77 16.01
C GLU A 404 58.39 24.47 17.34
N ASP A 405 58.27 25.39 18.29
CA ASP A 405 58.80 25.23 19.66
C ASP A 405 57.66 24.89 20.61
N ILE A 406 57.62 23.63 21.03
CA ILE A 406 56.56 23.15 21.92
C ILE A 406 56.78 23.61 23.36
N ASP A 407 58.04 23.77 23.79
CA ASP A 407 58.30 24.28 25.14
C ASP A 407 57.81 25.72 25.30
N PHE A 408 57.87 26.51 24.22
CA PHE A 408 57.21 27.80 24.25
C PHE A 408 55.73 27.65 24.57
N ILE A 409 55.07 26.69 23.91
CA ILE A 409 53.66 26.45 24.20
C ILE A 409 53.49 25.96 25.65
N ALA A 410 54.37 25.05 26.08
CA ALA A 410 54.29 24.53 27.45
C ALA A 410 54.47 25.64 28.47
N ASP A 411 55.37 26.58 28.19
CA ASP A 411 55.60 27.69 29.10
C ASP A 411 54.36 28.58 29.21
N LEU A 412 53.63 28.76 28.10
CA LEU A 412 52.46 29.63 28.21
C LEU A 412 51.28 28.92 28.87
N VAL A 413 51.21 27.59 28.78
CA VAL A 413 50.29 26.85 29.64
C VAL A 413 50.66 27.09 31.10
N TYR A 414 51.95 26.97 31.41
CA TYR A 414 52.39 27.17 32.78
C TYR A 414 52.10 28.59 33.23
N TYR A 415 52.23 29.57 32.33
CA TYR A 415 51.93 30.96 32.70
C TYR A 415 50.46 31.13 33.04
N ILE A 416 49.57 30.56 32.23
CA ILE A 416 48.16 30.73 32.51
C ILE A 416 47.78 30.03 33.80
N CYS A 417 48.50 28.97 34.16
CA CYS A 417 48.20 28.22 35.38
C CYS A 417 48.41 29.05 36.65
N GLU A 418 49.30 30.05 36.62
CA GLU A 418 49.71 30.79 37.81
C GLU A 418 48.97 32.13 38.02
N ASN A 419 48.75 32.89 36.95
CA ASN A 419 48.05 34.17 36.84
C ASN A 419 46.60 33.90 36.39
N GLU A 420 45.85 34.97 36.00
CA GLU A 420 44.76 34.56 35.09
C GLU A 420 43.70 33.55 35.54
N PRO A 421 42.79 33.93 36.44
CA PRO A 421 42.08 32.99 37.34
C PRO A 421 41.31 31.87 36.65
N GLU A 422 40.72 31.03 37.51
CA GLU A 422 40.34 29.65 37.18
C GLU A 422 39.56 29.52 35.87
N GLY A 423 39.88 28.45 35.16
CA GLY A 423 39.19 28.04 33.94
C GLY A 423 40.03 27.04 33.19
N ALA A 424 39.41 26.39 32.20
CA ALA A 424 40.09 25.38 31.40
C ALA A 424 40.88 25.99 30.24
N ILE A 425 41.98 25.32 29.88
CA ILE A 425 42.84 25.72 28.76
C ILE A 425 42.58 24.82 27.57
N LEU A 426 42.28 25.41 26.42
CA LEU A 426 42.11 24.69 25.16
C LEU A 426 43.25 25.04 24.21
N VAL A 427 44.10 24.05 23.89
CA VAL A 427 45.30 24.28 23.08
C VAL A 427 45.10 23.61 21.73
N PHE A 428 45.17 24.41 20.66
CA PHE A 428 45.01 23.92 19.29
C PHE A 428 46.37 23.66 18.65
N LEU A 429 46.64 22.41 18.34
CA LEU A 429 47.83 22.03 17.59
C LEU A 429 47.40 21.35 16.31
N PRO A 430 48.29 21.28 15.30
CA PRO A 430 47.84 20.80 13.99
C PRO A 430 47.38 19.34 14.02
N GLY A 431 48.20 18.42 14.55
CA GLY A 431 47.88 17.01 14.49
C GLY A 431 48.42 16.11 15.60
N TYR A 432 48.24 14.80 15.37
CA TYR A 432 48.65 13.77 16.34
C TYR A 432 50.08 13.98 16.82
N ASP A 433 51.00 14.26 15.90
CA ASP A 433 52.41 14.27 16.26
C ASP A 433 52.72 15.36 17.29
N LYS A 434 52.26 16.60 17.05
CA LYS A 434 52.59 17.64 18.02
C LYS A 434 51.71 17.57 19.27
N ILE A 435 50.51 17.02 19.17
CA ILE A 435 49.75 16.77 20.40
C ILE A 435 50.54 15.84 21.33
N SER A 436 51.11 14.79 20.77
CA SER A 436 51.91 13.88 21.59
C SER A 436 53.06 14.62 22.30
N GLN A 437 53.76 15.51 21.60
CA GLN A 437 54.89 16.20 22.19
C GLN A 437 54.45 17.07 23.36
N LEU A 438 53.39 17.85 23.18
CA LEU A 438 53.04 18.74 24.26
C LEU A 438 52.45 17.97 25.42
N TYR A 439 51.77 16.85 25.15
CA TYR A 439 51.26 16.00 26.21
C TYR A 439 52.40 15.43 27.05
N ASN A 440 53.46 14.95 26.39
CA ASN A 440 54.60 14.41 27.13
C ASN A 440 55.31 15.50 27.92
N ILE A 441 55.35 16.71 27.35
CA ILE A 441 55.98 17.80 28.07
C ILE A 441 55.17 18.15 29.31
N LEU A 442 53.84 18.20 29.18
CA LEU A 442 53.02 18.53 30.34
C LEU A 442 52.96 17.41 31.36
N ASP A 443 53.13 16.15 30.93
CA ASP A 443 53.01 15.03 31.86
C ASP A 443 54.35 14.49 32.35
N LYS A 444 55.41 14.63 31.57
CA LYS A 444 56.75 14.22 32.04
C LYS A 444 57.66 15.43 31.91
N PRO A 445 57.43 16.44 32.75
CA PRO A 445 58.13 17.72 32.56
C PRO A 445 59.57 17.59 32.99
N LYS A 446 60.43 18.29 32.28
CA LYS A 446 61.85 18.31 32.59
C LYS A 446 62.30 19.61 33.24
N THR A 447 61.44 20.65 33.21
CA THR A 447 61.72 21.94 33.82
C THR A 447 61.14 21.92 35.23
N SER A 448 61.69 22.76 36.11
CA SER A 448 61.17 22.80 37.48
C SER A 448 59.78 23.44 37.49
N LYS A 449 59.57 24.47 36.65
CA LYS A 449 58.24 25.06 36.50
C LYS A 449 57.19 24.01 36.16
N GLY A 450 57.54 23.03 35.33
CA GLY A 450 56.56 22.04 34.92
C GLY A 450 56.27 21.01 35.98
N GLN A 451 57.27 20.65 36.79
CA GLN A 451 57.09 19.60 37.77
C GLN A 451 56.18 20.06 38.90
N ARG A 452 56.33 21.32 39.31
CA ARG A 452 55.35 21.97 40.17
C ARG A 452 53.94 21.80 39.63
N TRP A 453 53.77 21.97 38.32
CA TRP A 453 52.44 22.01 37.75
C TRP A 453 51.90 20.64 37.36
N ARG A 454 52.73 19.59 37.37
CA ARG A 454 52.32 18.31 36.79
C ARG A 454 51.06 17.78 37.46
N ASP A 455 51.05 17.72 38.79
CA ASP A 455 49.95 17.11 39.50
C ASP A 455 48.92 18.13 39.92
N HIS A 456 48.92 19.30 39.28
CA HIS A 456 47.81 20.25 39.35
C HIS A 456 47.16 20.48 37.99
N MET A 457 47.43 19.62 37.00
CA MET A 457 46.71 19.66 35.74
C MET A 457 46.08 18.32 35.42
N ALA A 458 44.92 18.40 34.79
CA ALA A 458 44.25 17.27 34.16
C ALA A 458 44.37 17.49 32.66
N VAL A 459 45.18 16.66 32.01
CA VAL A 459 45.57 16.87 30.61
C VAL A 459 44.80 15.89 29.73
N PHE A 460 44.04 16.42 28.77
CA PHE A 460 43.27 15.61 27.82
C PHE A 460 43.71 15.89 26.39
N PRO A 461 44.25 14.90 25.67
CA PRO A 461 44.38 15.04 24.22
C PRO A 461 43.03 14.76 23.57
N LEU A 462 42.79 15.42 22.44
CA LEU A 462 41.49 15.39 21.77
C LEU A 462 41.73 15.23 20.28
N HIS A 463 41.38 14.08 19.72
CA HIS A 463 41.73 13.73 18.35
C HIS A 463 40.73 12.69 17.88
N SER A 464 40.35 12.76 16.59
CA SER A 464 39.31 11.87 16.09
C SER A 464 39.68 10.41 16.26
N LEU A 465 40.99 10.10 16.25
CA LEU A 465 41.48 8.74 16.43
C LEU A 465 41.72 8.38 17.88
N MET A 466 41.39 9.27 18.79
CA MET A 466 41.62 9.05 20.20
C MET A 466 40.28 8.91 20.94
N GLN A 467 40.34 8.18 22.04
CA GLN A 467 39.10 7.82 22.69
C GLN A 467 38.54 8.95 23.55
N SER A 468 39.34 9.99 23.82
CA SER A 468 38.93 11.05 24.73
C SER A 468 37.58 11.67 24.38
N GLY A 469 37.28 11.79 23.09
CA GLY A 469 36.03 12.40 22.70
C GLY A 469 34.80 11.57 23.05
N GLU A 470 34.95 10.26 23.11
CA GLU A 470 33.84 9.35 23.36
C GLU A 470 33.74 8.91 24.83
N GLN A 471 34.46 9.60 25.73
CA GLN A 471 34.30 9.55 27.17
C GLN A 471 33.65 10.82 27.68
N GLN A 472 33.21 10.79 28.94
CA GLN A 472 32.50 11.90 29.55
C GLN A 472 33.40 12.80 30.39
N ALA A 473 34.68 12.48 30.52
CA ALA A 473 35.58 13.22 31.42
C ALA A 473 36.00 14.56 30.85
N VAL A 474 36.41 14.57 29.58
CA VAL A 474 36.88 15.79 28.94
C VAL A 474 35.81 16.88 28.92
N PHE A 475 34.52 16.53 29.03
CA PHE A 475 33.47 17.55 29.03
C PHE A 475 33.12 18.05 30.43
N ARG A 476 33.46 17.31 31.47
CA ARG A 476 33.11 17.69 32.82
C ARG A 476 34.15 18.62 33.41
N ARG A 477 33.89 19.08 34.61
CA ARG A 477 34.75 20.06 35.24
C ARG A 477 35.79 19.38 36.13
N PRO A 478 37.00 19.90 36.17
CA PRO A 478 38.15 19.11 36.66
C PRO A 478 38.06 18.92 38.16
N PRO A 479 38.85 18.02 38.72
CA PRO A 479 38.91 17.92 40.19
C PRO A 479 39.31 19.26 40.82
N ALA A 480 38.93 19.43 42.08
CA ALA A 480 39.28 20.66 42.78
C ALA A 480 40.79 20.79 42.86
N GLY A 481 41.27 22.02 42.66
CA GLY A 481 42.70 22.24 42.69
C GLY A 481 43.44 21.82 41.45
N GLN A 482 42.75 21.31 40.43
CA GLN A 482 43.39 20.98 39.17
C GLN A 482 42.73 21.76 38.05
N ARG A 483 43.56 22.15 37.08
CA ARG A 483 43.12 22.88 35.90
C ARG A 483 43.11 21.94 34.72
N LYS A 484 42.01 21.92 33.98
CA LYS A 484 41.91 21.06 32.80
C LYS A 484 42.63 21.70 31.62
N VAL A 485 43.42 20.91 30.90
CA VAL A 485 44.16 21.38 29.74
C VAL A 485 43.87 20.42 28.59
N ILE A 486 43.29 20.94 27.51
CA ILE A 486 42.88 20.15 26.36
C ILE A 486 43.85 20.43 25.21
N ILE A 487 44.49 19.38 24.69
CA ILE A 487 45.43 19.50 23.57
C ILE A 487 44.77 18.85 22.36
N SER A 488 44.33 19.67 21.40
CA SER A 488 43.37 19.22 20.42
C SER A 488 43.74 19.66 19.00
N THR A 489 43.19 18.92 18.04
CA THR A 489 43.25 19.32 16.65
C THR A 489 42.09 20.26 16.37
N ILE A 490 41.86 20.54 15.08
CA ILE A 490 40.73 21.35 14.68
C ILE A 490 39.41 20.73 15.12
N ILE A 491 39.45 19.48 15.62
CA ILE A 491 38.24 18.79 16.06
C ILE A 491 37.41 19.67 17.02
N ALA A 492 38.09 20.45 17.87
CA ALA A 492 37.41 21.26 18.88
C ALA A 492 36.90 22.61 18.36
N GLU A 493 37.00 22.88 17.06
CA GLU A 493 36.52 24.16 16.53
C GLU A 493 35.01 24.16 16.39
N THR A 494 34.46 23.16 15.71
CA THR A 494 33.01 22.97 15.65
C THR A 494 32.57 21.58 16.07
N SER A 495 33.35 20.56 15.73
CA SER A 495 32.87 19.18 15.91
C SER A 495 32.59 18.87 17.38
N VAL A 496 33.54 19.19 18.26
CA VAL A 496 33.43 18.91 19.69
C VAL A 496 33.34 20.22 20.44
N THR A 497 32.45 20.27 21.44
CA THR A 497 32.25 21.47 22.25
C THR A 497 32.45 21.15 23.72
N ILE A 498 33.33 21.88 24.37
CA ILE A 498 33.60 21.74 25.80
C ILE A 498 33.24 23.06 26.46
N ASP A 499 32.44 22.99 27.51
CA ASP A 499 31.75 24.19 27.95
C ASP A 499 32.47 25.01 29.03
N ASP A 500 33.44 24.46 29.76
CA ASP A 500 34.12 25.25 30.79
C ASP A 500 35.46 25.83 30.33
N VAL A 501 35.74 25.82 29.02
CA VAL A 501 36.98 26.40 28.51
C VAL A 501 36.91 27.91 28.64
N VAL A 502 37.94 28.49 29.26
CA VAL A 502 38.07 29.93 29.35
C VAL A 502 39.22 30.46 28.51
N TYR A 503 40.25 29.66 28.25
CA TYR A 503 41.46 30.12 27.58
C TYR A 503 41.78 29.29 26.34
N VAL A 504 42.03 29.98 25.24
CA VAL A 504 42.39 29.37 23.97
C VAL A 504 43.84 29.72 23.64
N ILE A 505 44.67 28.71 23.41
CA ILE A 505 46.00 28.90 22.84
C ILE A 505 45.92 28.46 21.38
N ASN A 506 45.94 29.43 20.48
CA ASN A 506 45.80 29.19 19.04
C ASN A 506 47.19 29.18 18.40
N SER A 507 47.66 28.00 18.02
CA SER A 507 48.94 27.89 17.31
C SER A 507 48.87 28.37 15.88
N GLY A 508 47.67 28.46 15.28
CA GLY A 508 47.54 28.95 13.94
C GLY A 508 47.88 27.95 12.87
N ARG A 509 48.20 26.71 13.23
CA ARG A 509 48.56 25.68 12.27
C ARG A 509 47.62 24.50 12.39
N THR A 510 47.14 23.99 11.25
CA THR A 510 46.45 22.72 11.23
C THR A 510 46.94 21.95 9.98
N LYS A 511 46.35 20.79 9.73
CA LYS A 511 46.71 20.03 8.56
C LYS A 511 45.55 20.02 7.59
N ALA A 512 45.87 19.88 6.30
CA ALA A 512 44.86 19.88 5.25
C ALA A 512 45.34 18.94 4.16
N THR A 513 44.39 18.36 3.44
CA THR A 513 44.66 17.47 2.33
C THR A 513 44.56 18.24 1.04
N ASN A 514 45.60 18.13 0.22
CA ASN A 514 45.70 18.88 -1.02
C ASN A 514 45.94 17.90 -2.15
N TYR A 515 44.99 17.83 -3.09
CA TYR A 515 45.18 17.01 -4.28
C TYR A 515 45.69 17.85 -5.43
N ASP A 516 46.80 17.42 -6.03
CA ASP A 516 47.36 18.03 -7.22
C ASP A 516 46.91 17.21 -8.42
N ILE A 517 46.11 17.83 -9.30
CA ILE A 517 45.55 17.09 -10.42
C ILE A 517 46.63 16.74 -11.45
N GLU A 518 47.70 17.52 -11.51
CA GLU A 518 48.79 17.22 -12.45
C GLU A 518 49.48 15.90 -12.11
N THR A 519 50.00 15.79 -10.89
CA THR A 519 50.78 14.62 -10.48
C THR A 519 49.91 13.47 -10.00
N ASN A 520 48.61 13.69 -9.80
CA ASN A 520 47.73 12.67 -9.26
C ASN A 520 48.29 12.15 -7.93
N ILE A 521 48.82 13.09 -7.14
CA ILE A 521 49.33 12.81 -5.80
C ILE A 521 48.53 13.65 -4.81
N GLN A 522 47.95 12.99 -3.81
CA GLN A 522 47.31 13.69 -2.72
C GLN A 522 48.28 13.78 -1.55
N SER A 523 48.32 14.94 -0.90
CA SER A 523 49.27 15.16 0.19
C SER A 523 48.56 15.69 1.42
N LEU A 524 49.19 15.47 2.56
CA LEU A 524 48.70 15.94 3.85
C LEU A 524 49.80 16.82 4.42
N ASP A 525 49.59 18.13 4.38
CA ASP A 525 50.64 19.09 4.68
C ASP A 525 50.20 19.95 5.85
N GLU A 526 51.19 20.44 6.59
CA GLU A 526 50.93 21.41 7.64
C GLU A 526 50.80 22.79 6.99
N VAL A 527 49.69 23.48 7.28
CA VAL A 527 49.36 24.76 6.66
C VAL A 527 48.87 25.72 7.73
N TRP A 528 48.89 27.01 7.40
CA TRP A 528 48.31 28.00 8.29
C TRP A 528 46.79 27.97 8.21
N VAL A 529 46.17 28.31 9.32
CA VAL A 529 44.72 28.50 9.47
C VAL A 529 44.30 29.76 8.75
N THR A 530 42.99 29.91 8.56
CA THR A 530 42.41 31.11 7.95
C THR A 530 41.79 32.01 9.02
N LYS A 531 41.50 33.27 8.63
CA LYS A 531 40.95 34.20 9.61
C LYS A 531 39.61 33.71 10.12
N ALA A 532 38.87 32.99 9.28
CA ALA A 532 37.62 32.37 9.75
C ALA A 532 37.87 31.34 10.84
N ASN A 533 38.92 30.53 10.72
CA ASN A 533 39.25 29.60 11.80
C ASN A 533 39.59 30.34 13.09
N THR A 534 40.56 31.24 13.00
CA THR A 534 41.00 31.98 14.18
C THR A 534 39.81 32.59 14.90
N GLN A 535 38.82 33.09 14.15
CA GLN A 535 37.72 33.76 14.83
C GLN A 535 36.79 32.76 15.48
N GLN A 536 36.65 31.57 14.90
CA GLN A 536 35.83 30.54 15.51
C GLN A 536 36.43 30.09 16.84
N ARG A 537 37.78 29.97 16.88
CA ARG A 537 38.49 29.53 18.07
C ARG A 537 38.38 30.56 19.20
N ARG A 538 38.27 31.83 18.85
CA ARG A 538 38.12 32.82 19.90
C ARG A 538 36.74 32.73 20.53
N GLY A 539 35.72 32.37 19.75
CA GLY A 539 34.40 32.16 20.31
C GLY A 539 34.34 31.02 21.30
N ARG A 540 35.18 29.99 21.11
CA ARG A 540 35.24 28.85 22.00
C ARG A 540 35.63 29.20 23.43
N ALA A 541 36.06 30.43 23.70
CA ALA A 541 36.35 30.89 25.05
C ALA A 541 35.24 31.78 25.62
N GLY A 542 34.27 32.17 24.81
CA GLY A 542 33.33 33.15 25.30
C GLY A 542 32.02 32.49 25.66
N ARG A 543 32.12 31.25 26.14
CA ARG A 543 30.93 30.46 26.34
C ARG A 543 30.31 30.63 27.72
N VAL A 544 31.15 30.56 28.75
CA VAL A 544 30.68 30.62 30.13
C VAL A 544 30.94 32.00 30.74
N ARG A 545 32.09 32.56 30.46
CA ARG A 545 32.53 33.81 31.06
C ARG A 545 33.53 34.47 30.11
N PRO A 546 33.86 35.74 30.32
CA PRO A 546 34.90 36.39 29.52
C PRO A 546 36.18 35.59 29.51
N GLY A 547 36.73 35.36 28.32
CA GLY A 547 37.91 34.56 28.16
C GLY A 547 39.02 35.29 27.43
N ILE A 548 40.07 34.57 27.08
CA ILE A 548 41.24 35.09 26.37
C ILE A 548 41.68 34.09 25.32
N CYS A 549 42.14 34.62 24.19
CA CYS A 549 42.68 33.82 23.10
C CYS A 549 44.10 34.31 22.83
N TYR A 550 45.07 33.40 22.88
CA TYR A 550 46.48 33.71 22.64
C TYR A 550 46.84 33.08 21.31
N ASN A 551 47.06 33.93 20.30
CA ASN A 551 47.42 33.47 18.97
C ASN A 551 48.94 33.54 18.86
N LEU A 552 49.58 32.38 18.69
CA LEU A 552 51.03 32.36 18.62
C LEU A 552 51.53 32.72 17.23
N PHE A 553 51.07 33.85 16.70
CA PHE A 553 51.59 34.45 15.49
C PHE A 553 51.33 35.94 15.56
N SER A 554 52.10 36.71 14.79
CA SER A 554 51.95 38.16 14.72
C SER A 554 50.72 38.54 13.91
N ARG A 555 50.29 39.81 14.07
CA ARG A 555 49.23 40.30 13.20
C ARG A 555 49.73 40.51 11.78
N ALA A 556 51.05 40.53 11.58
CA ALA A 556 51.58 40.48 10.23
C ALA A 556 51.26 39.13 9.60
N ARG A 557 51.39 38.04 10.35
CA ARG A 557 51.02 36.74 9.82
C ARG A 557 49.52 36.67 9.52
N GLU A 558 48.68 37.29 10.38
CA GLU A 558 47.24 37.21 10.12
C GLU A 558 46.84 37.96 8.86
N ASP A 559 47.55 39.03 8.50
CA ASP A 559 47.09 39.75 7.33
C ASP A 559 47.45 39.02 6.05
N ARG A 560 48.22 37.95 6.17
CA ARG A 560 48.59 37.06 5.08
C ARG A 560 47.80 35.77 5.09
N MET A 561 46.91 35.58 6.06
CA MET A 561 45.99 34.47 6.08
C MET A 561 44.83 34.74 5.12
N ASP A 562 44.25 33.66 4.59
CA ASP A 562 43.08 33.77 3.74
C ASP A 562 41.84 34.09 4.58
N ASP A 563 40.77 34.51 3.91
CA ASP A 563 39.49 34.67 4.59
C ASP A 563 39.00 33.33 5.13
N ILE A 564 38.79 32.38 4.23
CA ILE A 564 38.17 31.08 4.56
C ILE A 564 39.05 29.97 4.00
N PRO A 565 38.90 28.76 4.52
CA PRO A 565 39.58 27.61 3.90
C PRO A 565 39.04 27.40 2.50
N THR A 566 39.83 26.72 1.70
CA THR A 566 39.40 26.38 0.34
C THR A 566 38.08 25.62 0.39
N PRO A 567 37.04 26.07 -0.31
CA PRO A 567 35.76 25.36 -0.30
C PRO A 567 35.97 23.87 -0.56
N GLU A 568 35.25 23.03 0.19
CA GLU A 568 35.59 21.61 0.16
C GLU A 568 35.41 21.02 -1.23
N ILE A 569 34.51 21.58 -2.05
CA ILE A 569 34.23 20.91 -3.32
C ILE A 569 35.44 20.97 -4.26
N LEU A 570 36.26 22.01 -4.19
CA LEU A 570 37.38 22.06 -5.11
C LEU A 570 38.47 21.06 -4.77
N ARG A 571 38.38 20.39 -3.62
CA ARG A 571 39.35 19.39 -3.22
C ARG A 571 38.84 17.97 -3.35
N SER A 572 37.62 17.78 -3.85
CA SER A 572 36.95 16.50 -3.78
C SER A 572 37.01 15.74 -5.10
N LYS A 573 37.10 14.42 -4.95
CA LYS A 573 36.80 13.48 -6.03
C LYS A 573 35.35 13.66 -6.45
N LEU A 574 35.10 13.66 -7.78
CA LEU A 574 33.78 14.02 -8.29
C LEU A 574 32.95 12.88 -8.87
N GLU A 575 33.49 11.65 -8.97
CA GLU A 575 32.74 10.57 -9.63
C GLU A 575 31.39 10.39 -8.98
N SER A 576 31.32 10.53 -7.67
CA SER A 576 30.08 10.13 -7.03
C SER A 576 29.01 11.22 -7.20
N ILE A 577 29.42 12.49 -7.21
CA ILE A 577 28.48 13.57 -7.53
C ILE A 577 27.98 13.44 -8.96
N ILE A 578 28.90 13.27 -9.92
CA ILE A 578 28.53 13.15 -11.32
C ILE A 578 27.52 12.02 -11.53
N LEU A 579 27.70 10.93 -10.79
CA LEU A 579 26.80 9.79 -10.91
C LEU A 579 25.42 10.11 -10.33
N SER A 580 25.39 10.66 -9.11
CA SER A 580 24.14 11.06 -8.48
C SER A 580 23.36 12.06 -9.34
N LEU A 581 24.06 12.98 -10.02
CA LEU A 581 23.34 13.96 -10.83
C LEU A 581 22.52 13.31 -11.94
N LYS A 582 23.01 12.21 -12.54
CA LYS A 582 22.32 11.60 -13.67
C LYS A 582 20.90 11.18 -13.29
N LEU A 583 20.66 10.84 -12.02
CA LEU A 583 19.33 10.45 -11.59
C LEU A 583 18.40 11.63 -11.33
N LEU A 584 18.96 12.83 -11.18
CA LEU A 584 18.19 14.07 -11.17
C LEU A 584 18.03 14.65 -12.57
N HIS A 585 18.33 13.85 -13.59
CA HIS A 585 18.26 14.26 -14.99
C HIS A 585 19.13 15.48 -15.27
N ILE A 586 20.22 15.62 -14.53
CA ILE A 586 21.26 16.57 -14.85
C ILE A 586 22.36 15.76 -15.53
N ASP A 587 22.30 15.71 -16.86
CA ASP A 587 23.19 14.81 -17.57
C ASP A 587 24.48 15.48 -18.02
N ASP A 588 24.61 16.79 -17.93
CA ASP A 588 25.86 17.41 -18.32
C ASP A 588 26.56 17.96 -17.08
N PRO A 589 27.55 17.25 -16.53
CA PRO A 589 28.21 17.74 -15.31
C PRO A 589 29.13 18.93 -15.56
N TYR A 590 29.72 19.09 -16.74
CA TYR A 590 30.54 20.29 -16.97
C TYR A 590 29.70 21.55 -16.82
N ARG A 591 28.54 21.60 -17.48
CA ARG A 591 27.70 22.80 -17.39
C ARG A 591 27.13 23.00 -15.98
N PHE A 592 26.65 21.94 -15.33
CA PHE A 592 25.99 22.16 -14.05
C PHE A 592 26.98 22.60 -12.98
N LEU A 593 28.07 21.84 -12.83
CA LEU A 593 29.04 22.16 -11.78
C LEU A 593 29.67 23.54 -11.97
N GLN A 594 29.69 24.04 -13.19
CA GLN A 594 30.17 25.37 -13.46
C GLN A 594 29.29 26.44 -12.83
N THR A 595 28.05 26.10 -12.46
CA THR A 595 27.15 27.08 -11.86
C THR A 595 27.26 27.18 -10.35
N LEU A 596 28.08 26.34 -9.72
CA LEU A 596 28.26 26.41 -8.28
C LEU A 596 28.99 27.68 -7.87
N ILE A 597 28.90 28.01 -6.58
CA ILE A 597 29.50 29.27 -6.13
C ILE A 597 30.99 29.30 -6.42
N ASN A 598 31.68 28.18 -6.21
CA ASN A 598 33.02 27.99 -6.72
C ASN A 598 32.97 26.80 -7.66
N ALA A 599 33.21 27.03 -8.94
CA ALA A 599 33.16 25.95 -9.91
C ALA A 599 34.39 25.08 -9.77
N PRO A 600 34.25 23.76 -9.70
CA PRO A 600 35.44 22.90 -9.67
C PRO A 600 36.13 22.96 -11.02
N ASN A 601 37.39 22.55 -11.03
CA ASN A 601 38.14 22.60 -12.28
C ASN A 601 37.50 21.59 -13.23
N PRO A 602 37.16 21.98 -14.46
CA PRO A 602 36.58 21.01 -15.39
C PRO A 602 37.46 19.79 -15.62
N GLU A 603 38.78 19.94 -15.47
CA GLU A 603 39.68 18.81 -15.61
C GLU A 603 39.42 17.76 -14.53
N ALA A 604 38.97 18.18 -13.35
CA ALA A 604 38.56 17.22 -12.32
C ALA A 604 37.25 16.55 -12.68
N ILE A 605 36.35 17.23 -13.40
CA ILE A 605 35.14 16.58 -13.88
C ILE A 605 35.47 15.52 -14.92
N LYS A 606 36.33 15.85 -15.90
CA LYS A 606 36.81 14.87 -16.87
C LYS A 606 37.38 13.65 -16.15
N MET A 607 38.19 13.88 -15.10
CA MET A 607 38.84 12.80 -14.40
C MET A 607 37.83 11.96 -13.65
N GLY A 608 36.75 12.60 -13.19
CA GLY A 608 35.68 11.85 -12.56
C GLY A 608 34.84 11.08 -13.56
N VAL A 609 34.53 11.71 -14.70
CA VAL A 609 33.75 11.00 -15.72
C VAL A 609 34.50 9.80 -16.25
N GLU A 610 35.82 9.91 -16.40
CA GLU A 610 36.54 8.80 -17.01
C GLU A 610 36.68 7.63 -16.04
N LEU A 611 36.85 7.89 -14.75
CA LEU A 611 36.75 6.80 -13.80
C LEU A 611 35.42 6.08 -13.94
N LEU A 612 34.31 6.84 -14.07
CA LEU A 612 33.00 6.20 -14.19
C LEU A 612 32.87 5.41 -15.49
N LYS A 613 33.53 5.84 -16.57
CA LYS A 613 33.50 5.00 -17.76
C LYS A 613 34.37 3.78 -17.59
N ARG A 614 35.41 3.87 -16.79
CA ARG A 614 36.27 2.72 -16.64
C ARG A 614 35.58 1.60 -15.89
N ILE A 615 34.82 1.94 -14.85
CA ILE A 615 34.07 0.90 -14.11
C ILE A 615 32.74 0.59 -14.75
N GLU A 616 32.44 1.20 -15.90
CA GLU A 616 31.30 0.89 -16.73
C GLU A 616 29.98 1.33 -16.12
N ALA A 617 30.02 2.34 -15.23
CA ALA A 617 28.81 3.02 -14.78
C ALA A 617 28.27 3.99 -15.83
N LEU A 618 29.15 4.51 -16.69
CA LEU A 618 28.79 5.24 -17.90
C LEU A 618 29.40 4.53 -19.10
N ASP A 619 28.74 4.65 -20.26
CA ASP A 619 29.28 4.22 -21.55
C ASP A 619 30.13 5.33 -22.18
N GLN A 620 30.65 5.10 -23.40
CA GLN A 620 31.61 6.06 -23.92
C GLN A 620 30.96 7.35 -24.44
N THR A 621 29.67 7.33 -24.75
CA THR A 621 29.00 8.61 -24.99
C THR A 621 28.68 9.32 -23.69
N GLY A 622 28.99 8.70 -22.56
CA GLY A 622 28.81 9.25 -21.23
C GLY A 622 27.44 9.07 -20.61
N THR A 623 26.57 8.28 -21.21
CA THR A 623 25.23 8.13 -20.67
C THR A 623 25.22 7.00 -19.66
N LEU A 624 24.28 7.10 -18.73
CA LEU A 624 24.28 6.18 -17.60
C LEU A 624 24.00 4.76 -18.09
N THR A 625 24.67 3.80 -17.47
CA THR A 625 24.38 2.42 -17.83
C THR A 625 23.56 1.78 -16.74
N PRO A 626 22.89 0.64 -17.01
CA PRO A 626 22.09 0.03 -15.94
C PRO A 626 22.89 -0.20 -14.67
N LEU A 627 24.15 -0.61 -14.79
CA LEU A 627 24.94 -0.77 -13.57
C LEU A 627 25.14 0.58 -12.89
N GLY A 628 25.40 1.63 -13.66
CA GLY A 628 25.60 2.94 -13.08
C GLY A 628 24.39 3.45 -12.33
N MET A 629 23.19 3.07 -12.76
CA MET A 629 22.00 3.51 -12.04
C MET A 629 21.87 2.79 -10.70
N HIS A 630 22.25 1.52 -10.62
CA HIS A 630 22.35 0.86 -9.32
C HIS A 630 23.36 1.57 -8.41
N LEU A 631 24.57 1.80 -8.92
CA LEU A 631 25.60 2.43 -8.09
C LEU A 631 25.18 3.79 -7.57
N ALA A 632 24.41 4.54 -8.36
CA ALA A 632 24.02 5.89 -7.92
C ALA A 632 23.02 5.83 -6.77
N LYS A 633 22.25 4.76 -6.66
CA LYS A 633 21.29 4.65 -5.57
C LYS A 633 21.90 4.13 -4.29
N LEU A 634 23.09 3.49 -4.37
CA LEU A 634 23.74 3.02 -3.15
C LEU A 634 24.43 4.20 -2.46
N PRO A 635 24.21 4.38 -1.19
CA PRO A 635 24.81 5.53 -0.48
C PRO A 635 26.30 5.39 -0.24
N ILE A 636 27.08 5.15 -1.29
CA ILE A 636 28.50 4.87 -1.12
C ILE A 636 29.16 5.15 -2.47
N ASP A 637 30.44 5.51 -2.42
CA ASP A 637 31.15 5.90 -3.64
C ASP A 637 31.13 4.75 -4.66
N PRO A 638 31.14 5.07 -5.96
CA PRO A 638 30.74 4.04 -6.94
C PRO A 638 31.67 2.85 -7.03
N GLN A 639 32.97 3.00 -6.79
CA GLN A 639 33.86 1.85 -6.83
C GLN A 639 33.49 0.84 -5.74
N MET A 640 33.27 1.31 -4.53
CA MET A 640 32.92 0.35 -3.50
C MET A 640 31.48 -0.15 -3.61
N GLY A 641 30.61 0.61 -4.26
CA GLY A 641 29.32 0.04 -4.63
C GLY A 641 29.47 -1.17 -5.52
N LYS A 642 30.28 -1.03 -6.58
CA LYS A 642 30.52 -2.15 -7.49
C LYS A 642 31.02 -3.37 -6.72
N MET A 643 31.90 -3.14 -5.76
CA MET A 643 32.43 -4.25 -4.97
C MET A 643 31.32 -4.91 -4.17
N ILE A 644 30.45 -4.10 -3.57
CA ILE A 644 29.34 -4.68 -2.81
C ILE A 644 28.44 -5.51 -3.73
N LEU A 645 28.16 -5.02 -4.96
CA LEU A 645 27.31 -5.83 -5.84
C LEU A 645 28.01 -7.10 -6.28
N MET A 646 29.30 -7.02 -6.60
CA MET A 646 30.00 -8.26 -6.94
C MET A 646 29.90 -9.25 -5.80
N SER A 647 30.01 -8.76 -4.56
CA SER A 647 29.97 -9.71 -3.44
C SER A 647 28.58 -10.32 -3.27
N ALA A 648 27.54 -9.69 -3.81
CA ALA A 648 26.25 -10.35 -3.87
C ALA A 648 26.25 -11.45 -4.92
N LEU A 649 26.76 -11.15 -6.12
CA LEU A 649 26.77 -12.15 -7.19
C LEU A 649 27.78 -13.27 -6.94
N PHE A 650 28.77 -13.07 -6.08
CA PHE A 650 29.82 -14.05 -5.82
C PHE A 650 29.76 -14.62 -4.41
N CYS A 651 28.67 -14.40 -3.68
CA CYS A 651 28.39 -15.06 -2.39
C CYS A 651 29.45 -14.82 -1.32
N CYS A 652 29.95 -13.60 -1.23
CA CYS A 652 30.84 -13.25 -0.13
C CYS A 652 30.42 -11.90 0.50
N LEU A 653 29.12 -11.77 0.76
CA LEU A 653 28.51 -10.49 1.13
C LEU A 653 29.08 -9.93 2.42
N ASP A 654 29.26 -10.78 3.46
CA ASP A 654 29.54 -10.23 4.79
C ASP A 654 30.94 -9.65 4.84
N PRO A 655 32.00 -10.37 4.47
CA PRO A 655 33.32 -9.72 4.51
C PRO A 655 33.44 -8.51 3.59
N ILE A 656 32.79 -8.49 2.42
CA ILE A 656 33.04 -7.35 1.54
C ILE A 656 32.25 -6.13 1.98
N THR A 657 30.99 -6.28 2.43
CA THR A 657 30.32 -5.11 3.02
C THR A 657 31.13 -4.54 4.18
N SER A 658 31.81 -5.40 4.95
CA SER A 658 32.64 -4.88 6.03
C SER A 658 33.80 -4.05 5.49
N ALA A 659 34.52 -4.55 4.48
CA ALA A 659 35.57 -3.71 3.92
C ALA A 659 34.99 -2.42 3.33
N ALA A 660 33.85 -2.52 2.64
CA ALA A 660 33.23 -1.34 2.04
C ALA A 660 32.91 -0.27 3.11
N ALA A 661 32.20 -0.66 4.17
CA ALA A 661 31.80 0.29 5.20
C ALA A 661 33.01 0.97 5.82
N ALA A 662 34.06 0.19 6.09
CA ALA A 662 35.25 0.73 6.75
C ALA A 662 35.97 1.75 5.87
N LEU A 663 35.95 1.55 4.56
CA LEU A 663 36.59 2.51 3.67
C LEU A 663 35.73 3.76 3.51
N SER A 664 34.41 3.57 3.44
CA SER A 664 33.52 4.70 3.36
C SER A 664 33.54 5.50 4.64
N PHE A 665 33.42 4.86 5.82
CA PHE A 665 33.43 5.70 7.03
C PHE A 665 34.75 5.89 7.79
N LYS A 666 35.33 4.83 8.32
CA LYS A 666 36.42 5.03 9.27
C LYS A 666 36.93 3.66 9.70
N SER A 667 38.15 3.63 10.23
CA SER A 667 38.61 2.44 10.93
C SER A 667 38.06 2.43 12.36
N PRO A 668 37.76 1.25 12.93
CA PRO A 668 37.28 1.19 14.32
C PRO A 668 38.37 1.26 15.39
N PHE A 669 39.65 1.24 15.02
CA PHE A 669 40.75 1.27 15.97
C PHE A 669 41.08 2.70 16.41
N TYR A 670 41.20 2.91 17.72
CA TYR A 670 41.82 4.11 18.25
C TYR A 670 43.34 4.09 18.04
N SER A 671 43.97 5.24 18.25
CA SER A 671 45.43 5.35 18.28
C SER A 671 45.81 6.16 19.50
N PRO A 672 45.77 5.54 20.69
CA PRO A 672 46.01 6.30 21.92
C PRO A 672 47.48 6.63 22.11
N LEU A 673 47.72 7.79 22.75
CA LEU A 673 49.10 8.24 22.94
C LEU A 673 49.91 7.20 23.68
N GLY A 674 51.15 7.01 23.24
CA GLY A 674 52.05 6.12 23.93
C GLY A 674 51.86 4.67 23.61
N LYS A 675 50.74 4.30 22.99
CA LYS A 675 50.39 2.91 22.75
C LYS A 675 50.54 2.51 21.28
N GLU A 676 51.35 3.23 20.50
CA GLU A 676 51.39 2.98 19.06
C GLU A 676 51.98 1.61 18.74
N SER A 677 53.01 1.20 19.48
CA SER A 677 53.61 -0.10 19.24
C SER A 677 52.64 -1.23 19.61
N ARG A 678 51.83 -1.05 20.66
CA ARG A 678 50.87 -2.10 20.99
C ARG A 678 49.68 -2.10 20.06
N VAL A 679 49.31 -0.95 19.47
CA VAL A 679 48.24 -0.95 18.48
C VAL A 679 48.69 -1.72 17.23
N ASP A 680 49.96 -1.56 16.83
CA ASP A 680 50.49 -2.30 15.69
C ASP A 680 50.33 -3.80 15.88
N GLU A 681 50.57 -4.30 17.08
CA GLU A 681 50.48 -5.73 17.30
C GLU A 681 49.03 -6.20 17.27
N ILE A 682 48.10 -5.39 17.77
CA ILE A 682 46.70 -5.78 17.75
C ILE A 682 46.20 -5.96 16.33
N LYS A 683 46.63 -5.08 15.41
CA LYS A 683 46.19 -5.24 14.03
C LYS A 683 46.90 -6.38 13.31
N ARG A 684 48.16 -6.66 13.63
CA ARG A 684 48.76 -7.88 13.07
C ARG A 684 48.02 -9.11 13.58
N ARG A 685 47.56 -9.08 14.83
CA ARG A 685 46.84 -10.23 15.34
C ARG A 685 45.47 -10.33 14.67
N MET A 686 44.76 -9.21 14.54
CA MET A 686 43.45 -9.22 13.90
C MET A 686 43.54 -9.48 12.39
N ALA A 687 44.68 -9.27 11.77
CA ALA A 687 44.76 -9.55 10.34
C ALA A 687 44.89 -11.03 10.04
N ARG A 688 45.23 -11.83 11.05
CA ARG A 688 45.37 -13.28 10.92
C ARG A 688 46.30 -13.62 9.76
N ASN A 689 47.35 -12.83 9.63
CA ASN A 689 48.40 -13.04 8.63
C ASN A 689 47.84 -13.08 7.20
N MET A 690 46.68 -12.48 6.97
CA MET A 690 46.06 -12.44 5.63
C MET A 690 46.54 -11.26 4.79
N ARG A 691 47.41 -10.39 5.30
CA ARG A 691 48.11 -9.40 4.48
C ARG A 691 47.15 -8.36 3.88
N SER A 692 46.06 -8.05 4.56
CA SER A 692 45.07 -7.13 4.02
C SER A 692 44.52 -6.24 5.12
N ASP A 693 44.65 -4.92 4.96
CA ASP A 693 43.99 -4.03 5.90
C ASP A 693 42.47 -4.20 5.86
N HIS A 694 41.93 -4.53 4.69
CA HIS A 694 40.48 -4.64 4.55
C HIS A 694 39.94 -5.88 5.23
N LEU A 695 40.52 -7.05 4.94
CA LEU A 695 40.12 -8.25 5.67
C LEU A 695 40.34 -8.08 7.18
N MET A 696 41.44 -7.40 7.55
CA MET A 696 41.73 -7.14 8.96
C MET A 696 40.56 -6.46 9.67
N VAL A 697 39.89 -5.53 8.99
CA VAL A 697 38.69 -4.92 9.57
C VAL A 697 37.60 -5.96 9.74
N HIS A 698 37.40 -6.83 8.75
CA HIS A 698 36.28 -7.77 8.86
C HIS A 698 36.47 -8.73 10.01
N ASN A 699 37.69 -9.25 10.19
CA ASN A 699 37.92 -10.12 11.34
C ASN A 699 37.68 -9.35 12.64
N THR A 700 37.94 -8.04 12.64
CA THR A 700 37.60 -7.23 13.80
C THR A 700 36.11 -7.27 14.07
N ILE A 701 35.30 -7.16 13.03
CA ILE A 701 33.85 -7.23 13.21
C ILE A 701 33.43 -8.63 13.66
N ILE A 702 34.03 -9.68 13.08
CA ILE A 702 33.71 -11.04 13.51
C ILE A 702 34.04 -11.23 14.98
N ALA A 703 35.22 -10.80 15.40
CA ALA A 703 35.59 -10.89 16.81
C ALA A 703 34.67 -10.06 17.70
N TYR A 704 34.31 -8.85 17.25
CA TYR A 704 33.39 -8.02 18.01
C TYR A 704 32.07 -8.73 18.26
N ARG A 705 31.48 -9.33 17.22
CA ARG A 705 30.21 -10.06 17.36
C ARG A 705 30.31 -11.11 18.45
N ASP A 706 31.37 -11.93 18.40
CA ASP A 706 31.57 -12.99 19.38
C ASP A 706 31.73 -12.43 20.79
N SER A 707 32.29 -11.23 20.94
CA SER A 707 32.35 -10.63 22.27
C SER A 707 30.98 -10.19 22.74
N ARG A 708 30.06 -9.87 21.83
CA ARG A 708 28.70 -9.62 22.30
C ARG A 708 27.97 -10.93 22.56
N TYR A 709 28.24 -11.94 21.76
CA TYR A 709 27.67 -13.24 22.03
C TYR A 709 28.14 -13.83 23.36
N SER A 710 29.29 -13.38 23.87
CA SER A 710 29.87 -13.88 25.11
C SER A 710 29.77 -12.91 26.26
N HIS A 711 29.04 -11.80 26.12
CA HIS A 711 28.95 -10.77 27.17
C HIS A 711 30.32 -10.24 27.60
N ALA A 712 31.31 -10.26 26.73
CA ALA A 712 32.63 -9.66 27.00
C ALA A 712 32.90 -8.43 26.14
N GLU A 713 31.86 -7.66 25.78
CA GLU A 713 32.05 -6.64 24.76
C GLU A 713 33.07 -5.58 25.19
N ARG A 714 32.90 -4.92 26.35
CA ARG A 714 33.86 -3.86 26.62
C ARG A 714 35.24 -4.41 26.94
N ASP A 715 35.34 -5.51 27.70
CA ASP A 715 36.67 -6.14 27.85
C ASP A 715 37.34 -6.32 26.48
N PHE A 716 36.60 -6.83 25.49
CA PHE A 716 37.15 -6.98 24.16
C PHE A 716 37.57 -5.64 23.57
N CYS A 717 36.74 -4.61 23.72
CA CYS A 717 37.11 -3.31 23.18
C CYS A 717 38.28 -2.68 23.94
N TYR A 718 38.30 -2.80 25.27
CA TYR A 718 39.42 -2.27 26.05
C TYR A 718 40.73 -2.92 25.61
N LYS A 719 40.75 -4.24 25.54
CA LYS A 719 42.01 -4.94 25.29
C LYS A 719 42.57 -4.68 23.89
N ASN A 720 41.73 -4.37 22.92
CA ASN A 720 42.18 -4.21 21.53
C ASN A 720 42.04 -2.79 20.99
N PHE A 721 41.76 -1.79 21.84
CA PHE A 721 41.71 -0.39 21.42
C PHE A 721 40.71 -0.15 20.30
N LEU A 722 39.48 -0.64 20.49
CA LEU A 722 38.42 -0.48 19.52
C LEU A 722 37.30 0.38 20.06
N SER A 723 36.74 1.22 19.19
CA SER A 723 35.56 2.03 19.51
C SER A 723 34.32 1.19 19.27
N SER A 724 33.61 0.83 20.35
CA SER A 724 32.35 0.12 20.15
C SER A 724 31.40 0.97 19.30
N MET A 725 31.42 2.30 19.45
CA MET A 725 30.50 3.14 18.72
C MET A 725 30.76 3.07 17.22
N THR A 726 32.05 3.02 16.82
CA THR A 726 32.34 2.87 15.40
C THR A 726 31.96 1.49 14.89
N LEU A 727 32.18 0.46 15.72
CA LEU A 727 31.81 -0.89 15.30
C LEU A 727 30.31 -1.01 15.11
N GLN A 728 29.50 -0.49 16.06
CA GLN A 728 28.07 -0.64 15.88
C GLN A 728 27.57 0.13 14.66
N GLN A 729 28.18 1.27 14.33
CA GLN A 729 27.76 1.99 13.14
C GLN A 729 28.16 1.22 11.89
N LEU A 730 29.40 0.72 11.84
CA LEU A 730 29.78 -0.12 10.72
C LEU A 730 28.81 -1.28 10.52
N GLU A 731 28.31 -1.84 11.62
CA GLU A 731 27.31 -2.89 11.46
C GLU A 731 26.03 -2.34 10.84
N ARG A 732 25.57 -1.15 11.26
CA ARG A 732 24.32 -0.68 10.65
C ARG A 732 24.54 -0.31 9.19
N MET A 733 25.75 0.10 8.80
CA MET A 733 25.97 0.31 7.37
C MET A 733 25.95 -1.00 6.59
N LYS A 734 26.52 -2.07 7.15
CA LYS A 734 26.44 -3.38 6.47
C LYS A 734 25.00 -3.85 6.31
N ASN A 735 24.16 -3.70 7.33
CA ASN A 735 22.76 -4.05 7.13
C ASN A 735 22.09 -3.08 6.16
N GLN A 736 22.56 -1.83 6.07
CA GLN A 736 21.85 -0.99 5.13
C GLN A 736 22.20 -1.36 3.71
N PHE A 737 23.46 -1.73 3.47
CA PHE A 737 23.82 -2.25 2.15
C PHE A 737 23.08 -3.55 1.84
N SER A 738 22.94 -4.43 2.83
CA SER A 738 22.20 -5.67 2.63
C SER A 738 20.74 -5.42 2.29
N GLU A 739 20.08 -4.51 3.00
CA GLU A 739 18.67 -4.29 2.72
C GLU A 739 18.49 -3.68 1.34
N LEU A 740 19.36 -2.73 0.98
CA LEU A 740 19.31 -2.13 -0.35
C LEU A 740 19.50 -3.18 -1.43
N LEU A 741 20.54 -4.00 -1.30
CA LEU A 741 20.74 -5.04 -2.31
C LEU A 741 19.57 -6.01 -2.38
N TYR A 742 19.04 -6.39 -1.22
CA TYR A 742 17.83 -7.20 -1.20
C TYR A 742 16.69 -6.49 -1.93
N ASN A 743 16.51 -5.19 -1.66
CA ASN A 743 15.39 -4.49 -2.28
C ASN A 743 15.57 -4.34 -3.78
N TYR A 744 16.80 -4.27 -4.27
CA TYR A 744 17.06 -4.19 -5.70
C TYR A 744 17.05 -5.57 -6.37
N LYS A 745 16.75 -6.64 -5.62
CA LYS A 745 16.63 -8.02 -6.12
C LYS A 745 17.99 -8.63 -6.46
N PHE A 746 19.06 -8.24 -5.78
CA PHE A 746 20.36 -8.89 -5.93
C PHE A 746 20.65 -9.93 -4.87
N LEU A 747 19.94 -9.89 -3.74
CA LEU A 747 20.06 -10.91 -2.71
C LEU A 747 18.70 -11.49 -2.36
N ALA A 748 18.73 -12.77 -1.97
CA ALA A 748 17.54 -13.48 -1.51
C ALA A 748 17.14 -13.06 -0.10
N SER A 749 18.09 -12.58 0.70
CA SER A 749 17.88 -12.22 2.08
C SER A 749 18.54 -10.88 2.35
N SER A 750 17.88 -10.05 3.15
CA SER A 750 18.40 -8.76 3.59
C SER A 750 19.44 -8.88 4.69
N ASN A 751 19.73 -10.08 5.17
CA ASN A 751 20.66 -10.28 6.26
C ASN A 751 22.07 -10.38 5.68
N CYS A 752 22.97 -9.51 6.13
CA CYS A 752 24.30 -9.67 5.55
C CYS A 752 25.04 -10.85 6.12
N LYS A 753 24.49 -11.52 7.13
CA LYS A 753 25.05 -12.76 7.63
C LYS A 753 24.36 -13.99 7.07
N ASP A 754 23.45 -13.83 6.10
CA ASP A 754 22.71 -14.99 5.63
C ASP A 754 23.63 -16.03 4.99
N ALA A 755 23.32 -17.31 5.25
CA ALA A 755 24.19 -18.38 4.76
C ALA A 755 24.23 -18.42 3.24
N ALA A 756 23.08 -18.25 2.57
CA ALA A 756 23.07 -18.35 1.12
C ALA A 756 23.93 -17.27 0.50
N SER A 757 23.95 -16.10 1.11
CA SER A 757 24.71 -14.95 0.67
C SER A 757 26.20 -15.07 1.00
N ASN A 758 26.62 -16.12 1.70
CA ASN A 758 27.98 -16.15 2.20
C ASN A 758 28.68 -17.49 2.02
N LYS A 759 28.28 -18.30 1.04
CA LYS A 759 28.95 -19.60 0.96
C LYS A 759 30.39 -19.49 0.52
N ASN A 760 30.83 -18.35 -0.02
CA ASN A 760 32.23 -18.19 -0.37
C ASN A 760 33.00 -17.32 0.61
N SER A 761 32.38 -16.93 1.71
CA SER A 761 32.98 -15.93 2.58
C SER A 761 34.23 -16.42 3.29
N GLU A 762 34.53 -17.71 3.27
CA GLU A 762 35.74 -18.21 3.88
C GLU A 762 36.86 -18.42 2.89
N LYS A 763 36.58 -18.28 1.60
CA LYS A 763 37.57 -18.50 0.55
C LYS A 763 38.40 -17.22 0.37
N ILE A 764 39.53 -17.16 1.06
CA ILE A 764 40.35 -15.94 1.04
C ILE A 764 40.77 -15.53 -0.37
N PRO A 765 41.21 -16.42 -1.26
CA PRO A 765 41.61 -15.92 -2.59
C PRO A 765 40.45 -15.31 -3.33
N LEU A 766 39.24 -15.81 -3.08
CA LEU A 766 38.05 -15.21 -3.67
C LEU A 766 37.77 -13.81 -3.09
N LEU A 767 38.02 -13.59 -1.79
CA LEU A 767 37.80 -12.24 -1.27
C LEU A 767 38.83 -11.25 -1.80
N ARG A 768 40.07 -11.68 -2.04
CA ARG A 768 40.97 -10.67 -2.61
C ARG A 768 40.60 -10.32 -4.03
N ALA A 769 39.93 -11.24 -4.73
CA ALA A 769 39.49 -10.93 -6.09
C ALA A 769 38.38 -9.89 -6.08
N ILE A 770 37.45 -10.00 -5.12
CA ILE A 770 36.34 -9.07 -5.06
C ILE A 770 36.84 -7.70 -4.65
N ILE A 771 37.72 -7.65 -3.63
CA ILE A 771 38.31 -6.39 -3.17
C ILE A 771 39.03 -5.68 -4.32
N GLY A 772 39.84 -6.41 -5.09
CA GLY A 772 40.50 -5.83 -6.25
C GLY A 772 39.53 -5.35 -7.31
N ALA A 773 38.41 -6.06 -7.49
CA ALA A 773 37.44 -5.60 -8.48
C ALA A 773 36.95 -4.20 -8.17
N GLY A 774 36.95 -3.83 -6.88
CA GLY A 774 36.52 -2.54 -6.40
C GLY A 774 37.61 -1.48 -6.39
N LEU A 775 38.81 -1.84 -5.96
CA LEU A 775 39.88 -0.87 -5.85
C LEU A 775 40.72 -0.73 -7.11
N TYR A 776 40.56 -1.65 -8.05
CA TYR A 776 41.15 -1.51 -9.36
C TYR A 776 40.71 -0.18 -9.96
N PRO A 777 41.63 0.60 -10.56
CA PRO A 777 42.99 0.22 -10.92
C PRO A 777 44.13 0.66 -9.99
N ASN A 778 43.86 0.86 -8.70
CA ASN A 778 44.92 1.30 -7.78
C ASN A 778 45.76 0.09 -7.38
N MET A 779 46.85 -0.15 -8.10
CA MET A 779 47.72 -1.31 -7.91
C MET A 779 49.12 -0.88 -7.54
N ALA A 780 49.85 -1.75 -6.84
CA ALA A 780 51.28 -1.56 -6.62
C ALA A 780 52.00 -2.91 -6.65
N HIS A 781 53.29 -2.85 -6.97
CA HIS A 781 54.15 -4.03 -7.14
C HIS A 781 55.39 -3.88 -6.26
N LEU A 782 55.65 -4.89 -5.42
CA LEU A 782 56.78 -4.94 -4.50
C LEU A 782 57.95 -5.73 -5.06
N ARG A 783 59.20 -5.21 -4.86
CA ARG A 783 60.44 -5.84 -5.33
C ARG A 783 61.57 -5.89 -4.29
N LYS A 784 61.30 -5.91 -2.98
CA LYS A 784 62.43 -5.83 -2.04
C LYS A 784 62.16 -6.55 -0.72
N SER A 785 63.27 -6.88 -0.03
CA SER A 785 63.32 -7.59 1.24
C SER A 785 64.25 -6.95 2.28
N ARG A 786 64.42 -7.64 3.41
CA ARG A 786 65.32 -7.39 4.56
C ARG A 786 64.84 -8.18 5.78
N ARG A 793 61.73 -5.83 11.22
CA ARG A 793 61.25 -5.00 10.12
C ARG A 793 62.04 -5.15 8.81
N ALA A 794 61.36 -4.89 7.68
CA ALA A 794 61.96 -4.95 6.36
C ALA A 794 61.74 -3.61 5.63
N ILE A 795 62.62 -3.32 4.70
CA ILE A 795 62.47 -2.18 3.80
C ILE A 795 61.90 -2.68 2.47
N HIS A 796 61.10 -1.84 1.83
CA HIS A 796 60.34 -2.23 0.64
C HIS A 796 60.68 -1.31 -0.52
N THR A 797 61.06 -1.91 -1.65
CA THR A 797 61.19 -1.20 -2.93
C THR A 797 59.92 -1.49 -3.72
N MET A 798 58.96 -0.60 -3.60
CA MET A 798 57.64 -0.81 -4.16
C MET A 798 57.28 0.42 -4.96
N ALA A 799 56.46 0.23 -5.98
CA ALA A 799 56.02 1.33 -6.82
C ALA A 799 54.60 1.06 -7.26
N THR A 800 53.82 2.14 -7.38
CA THR A 800 52.48 1.97 -7.90
C THR A 800 52.53 1.82 -9.42
N ASP A 801 51.37 1.52 -9.99
CA ASP A 801 51.30 1.16 -11.41
C ASP A 801 51.79 2.26 -12.32
N ASP A 802 51.90 3.49 -11.82
CA ASP A 802 52.35 4.63 -12.59
C ASP A 802 53.85 4.87 -12.48
N GLY A 803 54.59 4.02 -11.76
CA GLY A 803 56.03 4.15 -11.71
C GLY A 803 56.57 4.84 -10.48
N ARG A 804 55.72 5.49 -9.67
CA ARG A 804 56.21 6.25 -8.53
C ARG A 804 56.52 5.34 -7.35
N ARG A 805 57.63 5.62 -6.67
CA ARG A 805 58.06 4.78 -5.57
C ARG A 805 57.18 5.05 -4.35
N VAL A 806 56.74 3.98 -3.70
CA VAL A 806 55.82 4.05 -2.58
C VAL A 806 56.30 3.13 -1.46
N ASN A 807 55.79 3.37 -0.26
CA ASN A 807 55.81 2.41 0.82
C ASN A 807 54.43 2.33 1.43
N PHE A 808 54.19 1.27 2.21
CA PHE A 808 52.99 1.17 3.04
C PHE A 808 53.03 2.19 4.17
N HIS A 809 51.91 2.84 4.42
CA HIS A 809 51.84 3.68 5.59
C HIS A 809 52.13 2.83 6.83
N PRO A 810 52.89 3.36 7.79
CA PRO A 810 53.17 2.59 9.02
C PRO A 810 51.92 2.19 9.80
N SER A 811 50.76 2.83 9.55
CA SER A 811 49.53 2.38 10.17
C SER A 811 48.97 1.13 9.51
N SER A 812 49.41 0.83 8.29
CA SER A 812 48.93 -0.32 7.54
C SER A 812 49.52 -1.60 8.10
N VAL A 813 48.73 -2.67 8.07
CA VAL A 813 49.22 -3.96 8.55
C VAL A 813 50.32 -4.54 7.69
N ASN A 814 50.52 -4.03 6.47
CA ASN A 814 51.57 -4.58 5.62
C ASN A 814 52.87 -3.83 5.79
N SER A 815 52.88 -2.75 6.59
CA SER A 815 54.08 -1.96 6.85
C SER A 815 55.20 -2.85 7.42
N GLY A 816 56.31 -2.95 6.69
CA GLY A 816 57.49 -3.62 7.21
C GLY A 816 57.42 -5.14 7.21
N GLU A 817 56.29 -5.73 6.84
CA GLU A 817 56.15 -7.18 6.87
C GLU A 817 56.97 -7.80 5.76
N SER A 818 57.41 -9.04 5.96
CA SER A 818 58.17 -9.77 4.95
C SER A 818 57.50 -11.11 4.68
N GLY A 819 57.94 -11.74 3.59
CA GLY A 819 57.37 -13.01 3.16
C GLY A 819 55.95 -12.98 2.64
N PHE A 820 55.72 -12.15 1.62
CA PHE A 820 54.42 -12.08 0.96
C PHE A 820 54.27 -13.21 -0.05
N ASP A 821 53.09 -13.84 -0.08
CA ASP A 821 52.83 -14.83 -1.12
C ASP A 821 52.69 -14.21 -2.50
N SER A 822 52.38 -12.92 -2.59
CA SER A 822 52.23 -12.25 -3.87
C SER A 822 52.81 -10.85 -3.77
N ALA A 823 53.43 -10.38 -4.85
CA ALA A 823 54.06 -9.08 -4.88
C ALA A 823 53.12 -7.95 -5.27
N TYR A 824 51.82 -8.21 -5.34
CA TYR A 824 50.89 -7.21 -5.86
C TYR A 824 49.85 -6.82 -4.83
N PHE A 825 49.53 -5.54 -4.82
CA PHE A 825 48.62 -4.97 -3.85
C PHE A 825 47.68 -4.02 -4.57
N VAL A 826 46.47 -3.89 -4.04
CA VAL A 826 45.54 -2.84 -4.40
C VAL A 826 45.35 -1.97 -3.17
N TYR A 827 44.95 -0.73 -3.40
CA TYR A 827 44.81 0.24 -2.30
C TYR A 827 43.64 1.16 -2.59
N PHE A 828 43.07 1.73 -1.52
CA PHE A 828 42.05 2.75 -1.68
C PHE A 828 42.63 4.15 -1.76
N GLN A 829 43.66 4.45 -0.96
CA GLN A 829 44.17 5.81 -0.82
C GLN A 829 45.69 5.84 -0.78
N ARG A 830 46.29 6.58 -1.69
CA ARG A 830 47.71 6.91 -1.69
C ARG A 830 47.86 8.35 -1.19
N GLN A 831 48.90 8.63 -0.37
CA GLN A 831 49.04 9.98 0.21
C GLN A 831 50.49 10.30 0.58
N LYS A 832 50.91 11.53 0.32
CA LYS A 832 52.26 12.03 0.58
C LYS A 832 52.31 12.83 1.90
N SER A 833 52.93 12.32 2.98
CA SER A 833 53.44 13.31 3.95
C SER A 833 54.94 13.41 4.19
N THR A 834 55.62 12.33 4.59
CA THR A 834 57.07 12.21 4.66
C THR A 834 57.61 11.47 3.47
N ASP A 835 56.73 10.84 2.76
CA ASP A 835 57.01 9.88 1.71
C ASP A 835 55.66 9.66 1.05
N LEU A 836 55.64 8.88 -0.01
CA LEU A 836 54.40 8.59 -0.70
C LEU A 836 53.88 7.26 -0.17
N PHE A 837 52.79 7.30 0.59
CA PHE A 837 52.33 6.13 1.33
C PHE A 837 51.01 5.65 0.76
N LEU A 838 50.81 4.33 0.83
CA LEU A 838 49.51 3.70 0.66
C LEU A 838 48.90 3.50 2.04
N LEU A 839 47.73 4.09 2.26
CA LEU A 839 47.15 4.10 3.60
C LEU A 839 46.52 2.78 3.99
N ASP A 840 46.25 1.92 3.00
CA ASP A 840 45.52 0.69 3.20
C ASP A 840 45.80 -0.18 1.98
N SER A 841 45.93 -1.48 2.20
CA SER A 841 46.25 -2.29 1.05
C SER A 841 45.82 -3.71 1.29
N THR A 842 45.50 -4.39 0.18
CA THR A 842 45.29 -5.81 0.19
C THR A 842 46.20 -6.48 -0.84
N MET A 843 46.86 -7.56 -0.41
CA MET A 843 47.66 -8.35 -1.33
C MET A 843 46.74 -9.13 -2.26
N VAL A 844 47.00 -9.04 -3.56
CA VAL A 844 46.15 -9.59 -4.60
C VAL A 844 46.99 -10.56 -5.43
N PHE A 845 46.31 -11.41 -6.17
CA PHE A 845 47.07 -12.30 -7.04
C PHE A 845 46.84 -11.94 -8.50
N PRO A 846 47.85 -12.14 -9.36
CA PRO A 846 47.74 -11.70 -10.77
C PRO A 846 46.51 -12.21 -11.47
N MET A 847 46.14 -13.47 -11.26
CA MET A 847 45.03 -14.00 -12.03
C MET A 847 43.71 -13.29 -11.70
N ALA A 848 43.53 -12.83 -10.46
CA ALA A 848 42.33 -12.08 -10.10
C ALA A 848 42.29 -10.71 -10.77
N LEU A 849 43.42 -9.99 -10.81
CA LEU A 849 43.42 -8.72 -11.53
C LEU A 849 43.05 -8.95 -12.99
N ILE A 850 43.66 -9.94 -13.63
CA ILE A 850 43.41 -10.22 -15.04
C ILE A 850 41.93 -10.50 -15.28
N ILE A 851 41.28 -11.24 -14.38
CA ILE A 851 39.91 -11.65 -14.64
C ILE A 851 38.96 -10.48 -14.52
N PHE A 852 39.12 -9.64 -13.47
CA PHE A 852 38.20 -8.55 -13.18
C PHE A 852 38.67 -7.19 -13.68
N GLY A 853 39.93 -7.07 -14.07
CA GLY A 853 40.47 -5.82 -14.55
C GLY A 853 40.15 -5.54 -16.00
N ASP A 854 41.02 -4.77 -16.65
CA ASP A 854 40.92 -4.40 -18.05
C ASP A 854 42.33 -4.28 -18.62
N GLY A 855 42.41 -3.93 -19.90
CA GLY A 855 43.74 -3.81 -20.44
C GLY A 855 44.39 -5.16 -20.58
N VAL A 856 43.61 -6.16 -20.97
CA VAL A 856 44.06 -7.55 -21.02
C VAL A 856 44.26 -7.94 -22.47
N GLU A 857 45.47 -8.38 -22.81
CA GLU A 857 45.73 -8.95 -24.12
C GLU A 857 46.65 -10.16 -23.95
N ALA A 858 46.65 -11.03 -24.95
CA ALA A 858 47.61 -12.11 -24.97
C ALA A 858 48.59 -11.80 -26.09
N GLY A 859 49.84 -12.21 -25.90
CA GLY A 859 50.82 -12.01 -26.94
C GLY A 859 52.08 -12.80 -26.71
N VAL A 860 53.13 -12.38 -27.42
CA VAL A 860 54.46 -12.95 -27.34
C VAL A 860 55.42 -11.78 -27.30
N THR A 861 56.32 -11.73 -26.32
CA THR A 861 57.33 -10.68 -26.47
C THR A 861 58.75 -11.19 -26.55
N GLN A 862 59.26 -12.08 -25.70
CA GLN A 862 60.65 -12.27 -26.09
C GLN A 862 60.84 -13.45 -27.03
N ASN A 863 60.50 -14.66 -26.59
CA ASN A 863 59.93 -15.74 -27.38
C ASN A 863 58.87 -16.41 -26.51
N THR A 864 58.39 -15.71 -25.51
CA THR A 864 57.58 -16.22 -24.44
C THR A 864 56.15 -15.71 -24.60
N PRO A 865 55.13 -16.54 -24.39
CA PRO A 865 53.77 -16.02 -24.43
C PRO A 865 53.40 -15.38 -23.11
N TYR A 866 52.70 -14.27 -23.19
CA TYR A 866 52.37 -13.48 -22.01
C TYR A 866 50.88 -13.26 -21.99
N LEU A 867 50.40 -12.82 -20.82
CA LEU A 867 49.06 -12.30 -20.61
C LEU A 867 49.20 -11.09 -19.68
N CYS A 868 48.70 -9.95 -20.09
CA CYS A 868 48.86 -8.74 -19.31
C CYS A 868 47.54 -8.26 -18.76
N VAL A 869 47.65 -7.29 -17.85
CA VAL A 869 46.54 -6.52 -17.30
C VAL A 869 46.98 -5.07 -17.26
N ALA A 870 46.04 -4.16 -17.55
CA ALA A 870 46.24 -2.71 -17.64
C ALA A 870 47.31 -2.32 -18.65
N LYS A 871 47.72 -3.27 -19.50
CA LYS A 871 48.91 -3.17 -20.34
C LYS A 871 50.06 -2.60 -19.53
N THR A 872 50.14 -2.95 -18.25
CA THR A 872 51.22 -2.51 -17.37
C THR A 872 52.02 -3.65 -16.78
N TYR A 873 51.33 -4.65 -16.24
CA TYR A 873 51.93 -5.82 -15.64
C TYR A 873 51.73 -6.99 -16.60
N TYR A 874 52.83 -7.56 -17.07
CA TYR A 874 52.84 -8.67 -18.00
C TYR A 874 53.29 -9.94 -17.30
N PHE A 875 52.59 -11.03 -17.55
CA PHE A 875 52.80 -12.30 -16.85
C PHE A 875 53.00 -13.41 -17.87
N LYS A 876 53.98 -14.29 -17.63
CA LYS A 876 54.15 -15.47 -18.47
C LYS A 876 52.89 -16.31 -18.38
N CYS A 877 52.37 -16.70 -19.54
CA CYS A 877 51.12 -17.44 -19.59
C CYS A 877 51.03 -18.19 -20.91
N ASN A 878 50.92 -19.51 -20.84
CA ASN A 878 50.82 -20.29 -22.07
C ASN A 878 49.50 -19.98 -22.77
N ARG A 879 49.38 -20.45 -24.01
CA ARG A 879 48.29 -19.94 -24.81
C ARG A 879 47.00 -20.67 -24.47
N GLU A 880 47.10 -21.93 -24.08
CA GLU A 880 45.91 -22.68 -23.72
C GLU A 880 45.20 -22.05 -22.52
N THR A 881 45.95 -21.57 -21.53
CA THR A 881 45.37 -20.81 -20.41
C THR A 881 44.86 -19.44 -20.85
N ALA A 882 45.68 -18.69 -21.58
CA ALA A 882 45.28 -17.36 -22.09
C ALA A 882 43.97 -17.40 -22.86
N ASP A 883 43.81 -18.35 -23.78
CA ASP A 883 42.58 -18.39 -24.56
C ASP A 883 41.35 -18.59 -23.67
N VAL A 884 41.49 -19.38 -22.60
CA VAL A 884 40.35 -19.63 -21.71
C VAL A 884 40.03 -18.42 -20.84
N VAL A 885 41.05 -17.79 -20.25
CA VAL A 885 40.78 -16.63 -19.39
C VAL A 885 40.17 -15.47 -20.19
N ILE A 886 40.64 -15.25 -21.42
CA ILE A 886 40.04 -14.24 -22.30
C ILE A 886 38.59 -14.61 -22.61
N GLN A 887 38.37 -15.87 -22.99
CA GLN A 887 36.99 -16.33 -23.17
C GLN A 887 36.18 -16.17 -21.88
N LEU A 888 36.81 -16.37 -20.73
CA LEU A 888 36.09 -16.29 -19.46
C LEU A 888 35.72 -14.85 -19.13
N ARG A 889 36.62 -13.89 -19.42
CA ARG A 889 36.29 -12.47 -19.26
C ARG A 889 35.09 -12.06 -20.11
N SER A 890 35.02 -12.58 -21.33
CA SER A 890 33.94 -12.21 -22.22
C SER A 890 32.61 -12.64 -21.63
N ASN A 891 32.53 -13.86 -21.11
CA ASN A 891 31.29 -14.33 -20.51
C ASN A 891 30.99 -13.58 -19.23
N LEU A 892 32.02 -13.25 -18.46
CA LEU A 892 31.75 -12.52 -17.24
C LEU A 892 31.19 -11.15 -17.57
N GLU A 893 31.62 -10.58 -18.70
CA GLU A 893 31.08 -9.27 -19.08
C GLU A 893 29.62 -9.40 -19.49
N LYS A 894 29.25 -10.50 -20.14
CA LYS A 894 27.86 -10.65 -20.54
C LYS A 894 26.98 -10.95 -19.34
N LEU A 895 27.49 -11.73 -18.38
CA LEU A 895 26.73 -11.99 -17.18
C LEU A 895 26.45 -10.71 -16.41
N LEU A 896 27.48 -9.88 -16.19
CA LEU A 896 27.33 -8.65 -15.42
C LEU A 896 26.33 -7.70 -16.07
N LEU A 897 26.40 -7.55 -17.40
CA LEU A 897 25.43 -6.71 -18.09
C LEU A 897 24.02 -7.19 -17.86
N LYS A 898 23.80 -8.51 -17.86
CA LYS A 898 22.43 -8.95 -17.74
C LYS A 898 21.96 -8.89 -16.28
N LYS A 899 22.85 -9.14 -15.32
CA LYS A 899 22.44 -9.04 -13.91
C LYS A 899 22.06 -7.61 -13.59
N ALA A 900 22.77 -6.64 -14.17
CA ALA A 900 22.45 -5.23 -13.95
C ALA A 900 21.10 -4.85 -14.56
N LEU A 901 20.77 -5.39 -15.75
CA LEU A 901 19.53 -5.04 -16.42
C LEU A 901 18.32 -5.80 -15.89
N TYR A 902 18.51 -7.05 -15.44
CA TYR A 902 17.41 -7.93 -15.00
C TYR A 902 17.77 -8.52 -13.64
N PRO A 903 17.81 -7.70 -12.60
CA PRO A 903 18.33 -8.17 -11.32
C PRO A 903 17.51 -9.31 -10.72
N ALA A 904 18.22 -10.37 -10.36
CA ALA A 904 17.68 -11.53 -9.67
C ALA A 904 18.83 -12.13 -8.88
N PRO A 905 18.55 -12.72 -7.73
CA PRO A 905 19.61 -13.50 -7.05
C PRO A 905 20.09 -14.61 -7.97
N ILE A 906 21.37 -14.92 -7.91
CA ILE A 906 21.88 -16.00 -8.74
C ILE A 906 21.47 -17.32 -8.12
N GLU A 907 20.65 -18.09 -8.84
CA GLU A 907 20.12 -19.33 -8.32
C GLU A 907 21.23 -20.37 -8.16
N GLU A 908 21.06 -21.21 -7.13
CA GLU A 908 22.14 -22.05 -6.66
C GLU A 908 22.41 -23.24 -7.56
N ASN A 909 21.47 -23.61 -8.41
CA ASN A 909 21.71 -24.71 -9.36
C ASN A 909 21.33 -24.32 -10.77
N GLY A 910 21.74 -23.12 -11.20
CA GLY A 910 21.36 -22.63 -12.52
C GLY A 910 22.48 -22.44 -13.53
N TYR A 911 22.14 -21.86 -14.68
CA TYR A 911 23.16 -21.59 -15.68
C TYR A 911 24.19 -20.59 -15.16
N GLU A 912 23.73 -19.48 -14.61
CA GLU A 912 24.64 -18.42 -14.20
C GLU A 912 25.65 -18.93 -13.16
N LYS A 913 25.23 -19.83 -12.28
CA LYS A 913 26.13 -20.33 -11.25
C LYS A 913 27.31 -21.11 -11.84
N GLN A 914 27.10 -21.78 -12.97
CA GLN A 914 28.20 -22.55 -13.59
C GLN A 914 29.37 -21.63 -13.95
N LEU A 915 29.06 -20.42 -14.41
CA LEU A 915 30.11 -19.45 -14.69
C LEU A 915 30.82 -18.99 -13.42
N ILE A 916 30.07 -18.74 -12.34
CA ILE A 916 30.67 -18.32 -11.08
C ILE A 916 31.64 -19.40 -10.59
N LYS A 917 31.22 -20.66 -10.67
CA LYS A 917 32.09 -21.76 -10.22
C LYS A 917 33.35 -21.82 -11.07
N ALA A 918 33.25 -21.52 -12.37
CA ALA A 918 34.44 -21.44 -13.22
C ALA A 918 35.45 -20.42 -12.69
N ILE A 919 34.96 -19.30 -12.15
CA ILE A 919 35.87 -18.26 -11.68
C ILE A 919 36.44 -18.64 -10.32
N GLU A 920 35.57 -19.13 -9.42
CA GLU A 920 36.02 -19.73 -8.16
C GLU A 920 37.13 -20.75 -8.38
N LEU A 921 36.97 -21.58 -9.41
CA LEU A 921 37.94 -22.64 -9.63
C LEU A 921 39.31 -22.05 -9.96
N LEU A 922 39.35 -21.12 -10.93
CA LEU A 922 40.61 -20.46 -11.31
C LEU A 922 41.26 -19.73 -10.12
N LEU A 923 40.44 -19.07 -9.28
CA LEU A 923 41.00 -18.23 -8.24
C LEU A 923 41.57 -19.05 -7.10
N SER A 924 40.94 -20.20 -6.83
CA SER A 924 41.40 -21.09 -5.77
C SER A 924 42.81 -21.58 -6.01
N LEU A 925 43.29 -21.64 -7.26
CA LEU A 925 44.65 -22.10 -7.49
C LEU A 925 45.69 -21.28 -6.74
N ASP A 926 45.33 -20.10 -6.21
CA ASP A 926 46.31 -19.31 -5.49
C ASP A 926 46.22 -19.48 -3.98
N GLU A 927 45.36 -20.37 -3.49
CA GLU A 927 45.24 -20.61 -2.05
C GLU A 927 46.54 -21.06 -1.42
N ARG A 928 46.72 -20.69 -0.14
CA ARG A 928 47.87 -21.09 0.66
C ARG A 928 47.88 -22.60 0.92
N LEU A 929 49.03 -23.23 0.63
CA LEU A 929 49.20 -24.65 0.78
C LEU A 929 49.32 -25.01 2.26
N LEU B 54 -37.45 -48.48 9.07
CA LEU B 54 -36.03 -48.88 9.07
C LEU B 54 -35.47 -49.23 7.68
N GLY B 55 -34.42 -48.52 7.28
CA GLY B 55 -33.97 -48.45 5.90
C GLY B 55 -32.89 -49.42 5.49
N CYS B 56 -32.23 -49.08 4.37
CA CYS B 56 -31.30 -49.96 3.69
C CYS B 56 -29.98 -50.04 4.43
N ASN B 57 -29.14 -50.98 4.01
CA ASN B 57 -27.90 -51.28 4.70
C ASN B 57 -26.78 -50.40 4.16
N VAL B 58 -26.04 -49.76 5.07
CA VAL B 58 -24.95 -48.86 4.72
C VAL B 58 -23.62 -49.33 5.30
N SER B 59 -23.52 -50.61 5.71
CA SER B 59 -22.24 -51.11 6.19
C SER B 59 -21.25 -51.23 5.05
N ALA B 60 -20.00 -50.95 5.34
CA ALA B 60 -18.90 -50.95 4.36
C ALA B 60 -18.05 -52.21 4.48
N PRO B 61 -17.42 -52.66 3.40
CA PRO B 61 -16.50 -53.82 3.49
C PRO B 61 -15.35 -53.55 4.46
N SER B 62 -14.81 -54.64 5.01
CA SER B 62 -13.78 -54.55 6.05
C SER B 62 -12.51 -53.88 5.52
N GLY B 63 -12.15 -54.15 4.27
CA GLY B 63 -10.94 -53.57 3.70
C GLY B 63 -11.04 -52.07 3.52
N VAL B 64 -12.24 -51.59 3.21
CA VAL B 64 -12.47 -50.17 3.17
C VAL B 64 -12.36 -49.58 4.57
N LEU B 65 -13.00 -50.25 5.56
CA LEU B 65 -13.00 -49.77 6.94
C LEU B 65 -11.60 -49.75 7.54
N GLU B 66 -10.79 -50.75 7.24
CA GLU B 66 -9.46 -50.76 7.87
C GLU B 66 -8.54 -49.75 7.21
N ARG B 67 -8.81 -49.38 5.96
CA ARG B 67 -8.03 -48.31 5.33
C ARG B 67 -8.49 -46.92 5.81
N VAL B 68 -9.78 -46.72 6.05
CA VAL B 68 -10.19 -45.47 6.66
C VAL B 68 -9.61 -45.36 8.06
N LYS B 69 -9.60 -46.46 8.81
CA LYS B 69 -8.98 -46.46 10.14
C LYS B 69 -7.52 -46.03 10.05
N GLU B 70 -6.81 -46.45 9.01
CA GLU B 70 -5.42 -46.03 8.90
C GLU B 70 -5.33 -44.58 8.52
N LEU B 71 -6.19 -44.13 7.59
CA LEU B 71 -6.15 -42.73 7.18
C LEU B 71 -6.46 -41.80 8.33
N MET B 72 -7.54 -42.07 9.09
CA MET B 72 -7.85 -41.23 10.24
C MET B 72 -6.74 -41.26 11.26
N GLU B 73 -6.09 -42.41 11.39
CA GLU B 73 -4.99 -42.51 12.32
C GLU B 73 -3.82 -41.71 11.82
N ASP B 74 -3.68 -41.58 10.50
CA ASP B 74 -2.55 -40.81 10.00
C ASP B 74 -2.80 -39.33 10.22
N TYR B 75 -4.06 -38.91 10.03
CA TYR B 75 -4.48 -37.53 10.32
C TYR B 75 -4.23 -37.16 11.77
N SER B 76 -4.42 -38.09 12.68
CA SER B 76 -4.35 -37.73 14.08
C SER B 76 -2.92 -37.65 14.59
N ARG B 77 -1.91 -37.83 13.75
CA ARG B 77 -0.53 -37.70 14.20
C ARG B 77 0.13 -36.42 13.67
N ALA B 78 -0.63 -35.36 13.56
CA ALA B 78 0.01 -34.12 13.14
C ALA B 78 0.08 -33.16 14.31
N PRO B 79 1.17 -32.38 14.42
CA PRO B 79 1.41 -31.38 15.47
C PRO B 79 0.50 -30.15 15.37
N ASP B 90 0.70 -18.63 9.21
CA ASP B 90 0.56 -17.36 9.94
C ASP B 90 -0.92 -16.96 10.13
N ALA B 91 -1.29 -16.78 11.40
CA ALA B 91 -2.68 -16.62 11.80
C ALA B 91 -3.04 -15.14 11.94
N LYS B 92 -3.03 -14.44 10.81
CA LYS B 92 -3.54 -13.08 10.84
C LYS B 92 -5.06 -13.09 10.97
N PHE B 93 -5.73 -14.10 10.40
CA PHE B 93 -7.19 -14.14 10.52
C PHE B 93 -7.63 -14.37 11.96
N GLN B 94 -6.88 -15.20 12.68
CA GLN B 94 -7.25 -15.50 14.05
C GLN B 94 -7.14 -14.26 14.93
N GLN B 95 -6.17 -13.39 14.62
CA GLN B 95 -6.05 -12.13 15.33
C GLN B 95 -7.21 -11.21 14.99
N GLN B 96 -7.59 -11.15 13.70
CA GLN B 96 -8.74 -10.32 13.33
C GLN B 96 -9.99 -10.78 14.06
N PHE B 97 -10.16 -12.10 14.17
CA PHE B 97 -11.34 -12.63 14.83
C PHE B 97 -11.31 -12.36 16.32
N ARG B 98 -10.15 -12.53 16.94
CA ARG B 98 -10.10 -12.27 18.37
C ARG B 98 -10.34 -10.78 18.62
N HIS B 99 -9.83 -9.93 17.73
CA HIS B 99 -10.02 -8.49 17.91
C HIS B 99 -11.49 -8.09 17.85
N LEU B 100 -12.26 -8.69 16.94
CA LEU B 100 -13.67 -8.36 16.85
C LEU B 100 -14.42 -8.72 18.13
N LEU B 101 -14.09 -9.86 18.73
CA LEU B 101 -14.81 -10.25 19.94
C LEU B 101 -14.37 -9.44 21.14
N SER B 102 -13.14 -8.90 21.14
CA SER B 102 -12.66 -8.22 22.34
C SER B 102 -13.19 -6.79 22.46
N VAL B 103 -13.49 -6.11 21.34
CA VAL B 103 -13.85 -4.69 21.36
C VAL B 103 -15.29 -4.49 21.83
N ASN B 104 -15.50 -3.41 22.56
CA ASN B 104 -16.82 -2.84 22.81
C ASN B 104 -17.25 -1.96 21.64
N PHE B 105 -18.49 -1.49 21.68
CA PHE B 105 -19.00 -0.73 20.54
C PHE B 105 -18.30 0.62 20.43
N GLU B 106 -17.99 1.24 21.56
CA GLU B 106 -17.33 2.54 21.48
C GLU B 106 -15.92 2.40 20.93
N GLU B 107 -15.22 1.32 21.31
CA GLU B 107 -13.90 1.11 20.74
C GLU B 107 -13.98 0.67 19.30
N PHE B 108 -15.03 -0.07 18.93
CA PHE B 108 -15.27 -0.34 17.51
C PHE B 108 -15.47 0.95 16.74
N VAL B 109 -16.29 1.86 17.29
CA VAL B 109 -16.53 3.13 16.63
C VAL B 109 -15.24 3.95 16.61
N ALA B 110 -14.51 3.96 17.72
CA ALA B 110 -13.26 4.71 17.78
C ALA B 110 -12.28 4.24 16.72
N GLU B 111 -12.05 2.93 16.66
CA GLU B 111 -11.02 2.44 15.74
C GLU B 111 -11.40 2.70 14.29
N THR B 112 -12.68 2.55 13.95
CA THR B 112 -13.04 2.76 12.56
C THR B 112 -12.84 4.21 12.12
N LYS B 113 -12.91 5.17 13.05
CA LYS B 113 -12.65 6.58 12.73
C LYS B 113 -11.19 6.78 12.27
N GLU B 114 -10.22 6.16 12.95
CA GLU B 114 -8.83 6.34 12.53
C GLU B 114 -8.55 5.64 11.20
N ARG B 115 -9.15 4.47 10.97
CA ARG B 115 -8.84 3.63 9.80
C ARG B 115 -9.37 4.20 8.49
N ASN B 116 -10.52 4.87 8.49
CA ASN B 116 -11.07 5.46 7.25
C ASN B 116 -11.17 6.97 7.47
N ALA B 117 -10.09 7.66 7.15
CA ALA B 117 -9.98 9.08 7.43
C ALA B 117 -9.76 9.91 6.18
N ASP B 118 -9.83 9.29 4.99
CA ASP B 118 -9.40 9.96 3.76
C ASP B 118 -10.17 11.26 3.49
N LEU B 119 -11.47 11.28 3.75
CA LEU B 119 -12.19 12.51 3.46
C LEU B 119 -11.87 13.63 4.45
N ASP B 120 -11.12 13.35 5.53
CA ASP B 120 -10.57 14.41 6.36
C ASP B 120 -9.56 15.25 5.61
N TRP B 121 -9.17 14.84 4.40
CA TRP B 121 -8.19 15.54 3.59
C TRP B 121 -8.86 16.02 2.33
N VAL B 122 -8.57 17.25 1.95
CA VAL B 122 -9.12 17.85 0.74
C VAL B 122 -7.96 18.55 0.04
N ASN B 123 -8.12 18.79 -1.26
CA ASN B 123 -7.03 19.31 -2.09
C ASN B 123 -7.41 20.66 -2.70
N PRO B 124 -6.89 21.76 -2.18
CA PRO B 124 -7.34 23.10 -2.64
C PRO B 124 -7.11 23.36 -4.11
N LYS B 125 -6.00 22.89 -4.67
CA LYS B 125 -5.71 23.12 -6.08
C LYS B 125 -6.65 22.35 -7.00
N LEU B 126 -7.26 21.28 -6.51
CA LEU B 126 -8.29 20.62 -7.28
C LEU B 126 -9.61 21.37 -7.16
N ASP B 127 -9.93 21.82 -5.96
CA ASP B 127 -11.10 22.65 -5.75
C ASP B 127 -11.12 23.82 -6.73
N GLU B 128 -9.98 24.51 -6.82
CA GLU B 128 -9.90 25.71 -7.63
C GLU B 128 -9.90 25.39 -9.12
N ARG B 129 -9.38 24.25 -9.52
CA ARG B 129 -9.41 23.93 -10.94
C ARG B 129 -10.81 23.50 -11.37
N LEU B 130 -11.49 22.68 -10.57
CA LEU B 130 -12.83 22.26 -10.93
C LEU B 130 -13.78 23.44 -10.90
N GLN B 131 -13.55 24.39 -10.00
CA GLN B 131 -14.36 25.61 -9.96
C GLN B 131 -14.21 26.42 -11.25
N LEU B 132 -12.99 26.51 -11.79
CA LEU B 132 -12.78 27.19 -13.05
C LEU B 132 -13.46 26.46 -14.20
N GLU B 133 -13.25 25.14 -14.30
CA GLU B 133 -13.83 24.38 -15.41
C GLU B 133 -15.35 24.46 -15.42
N LEU B 134 -15.99 24.58 -14.26
CA LEU B 134 -17.43 24.76 -14.25
C LEU B 134 -17.79 26.13 -14.82
N GLY B 135 -17.11 27.17 -14.37
CA GLY B 135 -17.28 28.49 -14.97
C GLY B 135 -17.07 28.52 -16.47
N GLN B 136 -16.11 27.74 -16.98
CA GLN B 136 -15.85 27.73 -18.43
C GLN B 136 -16.90 26.91 -19.15
N ARG B 137 -17.36 25.86 -18.49
CA ARG B 137 -18.36 24.99 -19.04
C ARG B 137 -19.75 25.60 -18.97
N GLN B 138 -19.85 26.79 -18.40
CA GLN B 138 -21.05 27.59 -18.47
C GLN B 138 -21.17 28.47 -19.70
N LEU B 139 -20.14 28.54 -20.57
CA LEU B 139 -20.24 29.44 -21.73
C LEU B 139 -20.42 28.77 -23.09
N GLU B 140 -20.15 27.47 -23.25
CA GLU B 140 -20.50 26.67 -24.43
C GLU B 140 -21.98 26.25 -24.56
N GLU B 141 -22.35 25.82 -25.78
CA GLU B 141 -23.74 25.61 -26.21
C GLU B 141 -24.12 24.14 -26.49
N ASN B 142 -23.29 23.17 -26.13
CA ASN B 142 -23.94 21.88 -25.92
C ASN B 142 -24.48 21.81 -24.49
N ALA B 143 -23.70 22.31 -23.53
CA ALA B 143 -24.30 22.86 -22.32
C ALA B 143 -24.89 24.26 -22.63
N LYS B 144 -25.51 24.88 -21.64
CA LYS B 144 -26.03 26.23 -21.65
C LYS B 144 -27.27 26.23 -22.54
N LYS B 145 -27.48 25.06 -23.14
CA LYS B 145 -28.69 24.47 -23.75
C LYS B 145 -29.21 23.37 -22.85
N ARG B 146 -28.29 22.50 -22.46
CA ARG B 146 -28.55 21.28 -21.74
C ARG B 146 -28.88 21.60 -20.30
N LEU B 147 -28.52 22.81 -19.89
CA LEU B 147 -28.81 23.29 -18.54
C LEU B 147 -30.18 23.91 -18.44
N GLU B 148 -30.77 24.44 -19.50
CA GLU B 148 -32.12 24.92 -19.28
C GLU B 148 -33.16 23.98 -19.87
N ALA B 149 -32.75 22.88 -20.52
CA ALA B 149 -33.66 21.75 -20.66
C ALA B 149 -33.75 20.97 -19.38
N ARG B 150 -32.65 20.96 -18.62
CA ARG B 150 -32.73 20.48 -17.24
C ARG B 150 -33.67 21.36 -16.48
N LYS B 151 -33.57 22.63 -16.77
CA LYS B 151 -34.16 23.52 -15.80
C LYS B 151 -35.68 23.61 -16.00
N LYS B 152 -36.25 22.89 -17.00
CA LYS B 152 -37.67 22.49 -17.18
C LYS B 152 -38.17 21.34 -16.28
N LEU B 153 -37.29 20.62 -15.54
CA LEU B 153 -37.84 19.59 -14.66
C LEU B 153 -38.23 20.20 -13.32
N PRO B 154 -39.37 19.81 -12.77
CA PRO B 154 -39.88 20.47 -11.55
C PRO B 154 -38.87 20.56 -10.42
N THR B 155 -38.03 19.52 -10.27
CA THR B 155 -37.06 19.50 -9.19
C THR B 155 -36.16 20.74 -9.18
N MET B 156 -35.79 21.23 -10.37
CA MET B 156 -34.86 22.35 -10.46
C MET B 156 -35.41 23.63 -9.82
N LYS B 157 -36.74 23.82 -9.76
CA LYS B 157 -37.24 25.05 -9.13
C LYS B 157 -36.93 25.09 -7.64
N TYR B 158 -36.67 23.94 -7.02
CA TYR B 158 -36.40 23.88 -5.59
C TYR B 158 -34.92 23.78 -5.28
N ALA B 159 -34.06 23.94 -6.29
CA ALA B 159 -32.62 23.76 -6.13
C ALA B 159 -32.10 24.51 -4.91
N ASP B 160 -32.39 25.80 -4.83
CA ASP B 160 -31.83 26.61 -3.76
C ASP B 160 -32.34 26.16 -2.39
N ASP B 161 -33.65 25.91 -2.26
CA ASP B 161 -34.17 25.45 -0.96
C ASP B 161 -33.63 24.08 -0.58
N ILE B 162 -33.41 23.19 -1.55
CA ILE B 162 -32.87 21.87 -1.24
C ILE B 162 -31.45 22.01 -0.69
N ILE B 163 -30.61 22.81 -1.37
CA ILE B 163 -29.26 23.09 -0.89
C ILE B 163 -29.29 23.64 0.53
N GLN B 164 -30.22 24.53 0.82
CA GLN B 164 -30.26 25.12 2.16
C GLN B 164 -30.70 24.09 3.18
N ALA B 165 -31.70 23.26 2.85
CA ALA B 165 -32.17 22.28 3.81
C ALA B 165 -31.10 21.24 4.11
N VAL B 166 -30.31 20.85 3.10
CA VAL B 166 -29.22 19.93 3.36
C VAL B 166 -28.20 20.56 4.31
N ARG B 167 -27.93 21.85 4.12
CA ARG B 167 -26.99 22.52 5.00
C ARG B 167 -27.52 22.58 6.43
N GLU B 168 -28.83 22.69 6.62
CA GLU B 168 -29.38 22.84 7.96
C GLU B 168 -29.77 21.54 8.64
N ASN B 169 -29.90 20.42 7.92
CA ASN B 169 -30.33 19.18 8.55
C ASN B 169 -29.50 17.99 8.11
N GLN B 170 -29.32 17.07 9.05
CA GLN B 170 -28.62 15.83 8.74
C GLN B 170 -29.44 14.97 7.78
N VAL B 171 -30.74 14.86 8.02
CA VAL B 171 -31.65 14.03 7.23
C VAL B 171 -32.79 14.90 6.69
N ILE B 172 -33.01 14.86 5.37
CA ILE B 172 -34.20 15.43 4.74
C ILE B 172 -34.84 14.37 3.86
N LEU B 173 -36.05 14.67 3.36
CA LEU B 173 -36.87 13.70 2.62
C LEU B 173 -37.47 14.37 1.39
N ILE B 174 -37.30 13.74 0.23
CA ILE B 174 -37.75 14.31 -1.05
C ILE B 174 -38.78 13.40 -1.68
N VAL B 175 -40.00 13.90 -1.84
CA VAL B 175 -41.13 13.12 -2.30
C VAL B 175 -41.50 13.61 -3.69
N GLY B 176 -41.56 12.69 -4.65
CA GLY B 176 -41.86 13.02 -6.02
C GLY B 176 -42.21 11.80 -6.86
N SER B 177 -43.06 11.97 -7.85
CA SER B 177 -43.36 10.86 -8.74
C SER B 177 -42.42 10.91 -9.95
N THR B 178 -42.34 9.78 -10.64
CA THR B 178 -41.57 9.65 -11.86
C THR B 178 -41.81 10.82 -12.80
N GLY B 179 -40.72 11.38 -13.30
CA GLY B 179 -40.81 12.54 -14.14
C GLY B 179 -40.56 13.83 -13.40
N CYS B 180 -40.51 13.79 -12.08
CA CYS B 180 -40.24 15.00 -11.32
C CYS B 180 -38.76 15.38 -11.36
N GLY B 181 -37.89 14.44 -11.73
CA GLY B 181 -36.46 14.69 -11.86
C GLY B 181 -35.64 14.67 -10.58
N LYS B 182 -36.17 14.11 -9.48
CA LYS B 182 -35.41 14.04 -8.24
C LYS B 182 -34.17 13.17 -8.37
N THR B 183 -34.27 12.07 -9.10
CA THR B 183 -33.17 11.12 -9.12
C THR B 183 -32.00 11.63 -9.96
N THR B 184 -32.30 12.25 -11.10
CA THR B 184 -31.27 12.82 -11.96
C THR B 184 -30.76 14.15 -11.45
N GLN B 185 -31.63 14.99 -10.87
CA GLN B 185 -31.19 16.34 -10.59
C GLN B 185 -30.63 16.55 -9.18
N VAL B 186 -31.18 15.93 -8.15
CA VAL B 186 -30.70 16.22 -6.80
C VAL B 186 -29.17 16.05 -6.65
N PRO B 187 -28.57 14.92 -7.06
CA PRO B 187 -27.10 14.81 -6.86
C PRO B 187 -26.30 15.88 -7.60
N GLN B 188 -26.72 16.23 -8.82
CA GLN B 188 -26.07 17.32 -9.54
C GLN B 188 -26.24 18.66 -8.81
N ILE B 189 -27.42 18.88 -8.23
CA ILE B 189 -27.64 20.13 -7.50
C ILE B 189 -26.67 20.24 -6.33
N LEU B 190 -26.38 19.13 -5.66
CA LEU B 190 -25.49 19.22 -4.51
C LEU B 190 -24.02 19.26 -4.94
N LEU B 191 -23.67 18.46 -5.95
CA LEU B 191 -22.29 18.45 -6.41
C LEU B 191 -21.89 19.77 -7.05
N ASP B 192 -22.67 20.22 -8.03
CA ASP B 192 -22.37 21.49 -8.68
C ASP B 192 -22.28 22.64 -7.68
N ASP B 193 -23.04 22.57 -6.59
CA ASP B 193 -22.94 23.63 -5.59
C ASP B 193 -21.60 23.59 -4.86
N ALA B 194 -21.16 22.40 -4.45
CA ALA B 194 -19.87 22.26 -3.76
C ALA B 194 -18.71 22.68 -4.64
N ILE B 195 -18.80 22.39 -5.94
CA ILE B 195 -17.80 22.86 -6.91
C ILE B 195 -17.85 24.37 -6.98
N SER B 196 -19.05 24.93 -7.09
CA SER B 196 -19.21 26.36 -7.19
C SER B 196 -18.70 27.07 -5.93
N ARG B 197 -18.97 26.49 -4.75
CA ARG B 197 -18.46 27.11 -3.52
C ARG B 197 -16.97 26.90 -3.29
N GLY B 198 -16.26 26.21 -4.18
CA GLY B 198 -14.85 25.95 -3.95
C GLY B 198 -14.53 24.82 -2.99
N CYS B 199 -15.41 23.82 -2.86
CA CYS B 199 -15.23 22.69 -1.95
C CYS B 199 -15.33 21.34 -2.67
N ALA B 200 -15.09 21.31 -3.97
CA ALA B 200 -15.33 20.11 -4.77
C ALA B 200 -14.72 18.84 -4.17
N SER B 201 -13.50 18.95 -3.67
CA SER B 201 -12.79 17.77 -3.24
C SER B 201 -13.39 17.14 -1.96
N SER B 202 -14.18 17.88 -1.17
CA SER B 202 -14.82 17.30 0.02
C SER B 202 -16.10 16.52 -0.31
N CYS B 203 -16.56 16.56 -1.55
CA CYS B 203 -17.91 16.10 -1.86
C CYS B 203 -17.85 14.74 -2.57
N ARG B 204 -18.45 13.73 -1.96
CA ARG B 204 -18.57 12.42 -2.59
C ARG B 204 -19.98 11.90 -2.36
N ILE B 205 -20.77 11.86 -3.42
CA ILE B 205 -22.18 11.49 -3.35
C ILE B 205 -22.36 10.04 -3.77
N ILE B 206 -23.06 9.27 -2.95
CA ILE B 206 -23.47 7.92 -3.29
C ILE B 206 -24.98 7.92 -3.30
N CYS B 207 -25.56 7.47 -4.41
CA CYS B 207 -27.00 7.39 -4.52
C CYS B 207 -27.38 5.95 -4.80
N THR B 208 -28.19 5.35 -3.93
CA THR B 208 -28.62 3.97 -4.05
C THR B 208 -29.81 3.85 -4.98
N GLN B 209 -29.91 2.69 -5.64
CA GLN B 209 -31.06 2.27 -6.44
C GLN B 209 -31.43 0.84 -6.06
N PRO B 210 -32.69 0.47 -6.23
CA PRO B 210 -33.08 -0.91 -5.94
C PRO B 210 -32.67 -1.88 -7.04
N ARG B 211 -32.62 -1.42 -8.29
CA ARG B 211 -32.41 -2.31 -9.41
C ARG B 211 -31.14 -1.97 -10.20
N ARG B 212 -30.50 -3.02 -10.74
CA ARG B 212 -29.22 -2.83 -11.40
C ARG B 212 -29.44 -2.01 -12.66
N ILE B 213 -30.46 -2.39 -13.43
CA ILE B 213 -30.70 -1.73 -14.71
C ILE B 213 -30.93 -0.24 -14.50
N SER B 214 -31.62 0.14 -13.40
CA SER B 214 -31.86 1.55 -13.11
C SER B 214 -30.55 2.27 -12.83
N ALA B 215 -29.69 1.66 -11.99
CA ALA B 215 -28.45 2.31 -11.60
C ALA B 215 -27.60 2.66 -12.82
N ILE B 216 -27.51 1.75 -13.79
CA ILE B 216 -26.68 2.00 -14.97
C ILE B 216 -27.28 3.12 -15.80
N ALA B 217 -28.57 3.02 -16.12
CA ALA B 217 -29.19 3.98 -17.05
C ALA B 217 -29.21 5.40 -16.47
N ILE B 218 -29.55 5.54 -15.18
CA ILE B 218 -29.46 6.83 -14.53
C ILE B 218 -28.03 7.39 -14.62
N ALA B 219 -27.03 6.55 -14.37
CA ALA B 219 -25.66 7.04 -14.46
C ALA B 219 -25.33 7.48 -15.87
N GLU B 220 -25.76 6.69 -16.86
CA GLU B 220 -25.51 7.06 -18.23
C GLU B 220 -26.28 8.30 -18.63
N TRP B 221 -27.48 8.51 -18.08
CA TRP B 221 -28.20 9.72 -18.49
C TRP B 221 -27.56 10.93 -17.85
N VAL B 222 -27.23 10.86 -16.55
CA VAL B 222 -26.67 12.02 -15.87
C VAL B 222 -25.34 12.43 -16.47
N SER B 223 -24.50 11.46 -16.82
CA SER B 223 -23.24 11.86 -17.43
C SER B 223 -23.48 12.50 -18.80
N TYR B 224 -24.53 12.06 -19.51
CA TYR B 224 -24.86 12.67 -20.80
C TYR B 224 -25.34 14.11 -20.62
N GLU B 225 -26.08 14.39 -19.53
CA GLU B 225 -26.56 15.75 -19.22
C GLU B 225 -25.42 16.63 -18.77
N ARG B 226 -24.24 16.05 -18.71
CA ARG B 226 -23.05 16.79 -18.35
C ARG B 226 -21.96 16.72 -19.41
N CYS B 227 -22.26 16.19 -20.61
CA CYS B 227 -21.29 16.16 -21.71
C CYS B 227 -20.00 15.49 -21.26
N GLU B 228 -20.12 14.41 -20.51
CA GLU B 228 -18.97 13.65 -20.05
C GLU B 228 -19.23 12.20 -20.37
N SER B 229 -18.18 11.49 -20.79
CA SER B 229 -18.33 10.06 -20.87
C SER B 229 -18.47 9.51 -19.46
N LEU B 230 -19.02 8.31 -19.35
CA LEU B 230 -19.14 7.68 -18.04
C LEU B 230 -17.78 7.53 -17.38
N GLY B 231 -17.73 7.81 -16.09
CA GLY B 231 -16.53 7.63 -15.31
C GLY B 231 -15.74 8.86 -14.92
N ASN B 232 -16.11 10.08 -15.36
CA ASN B 232 -15.41 11.20 -14.72
C ASN B 232 -16.12 11.86 -13.53
N SER B 233 -17.31 12.41 -13.70
CA SER B 233 -18.01 12.98 -12.54
C SER B 233 -19.19 12.12 -12.10
N VAL B 234 -19.65 11.23 -12.97
CA VAL B 234 -20.74 10.32 -12.66
C VAL B 234 -20.26 8.92 -12.97
N GLY B 235 -20.60 7.98 -12.08
CA GLY B 235 -20.25 6.60 -12.27
C GLY B 235 -21.36 5.73 -11.72
N TYR B 236 -21.24 4.43 -11.98
CA TYR B 236 -22.14 3.47 -11.37
C TYR B 236 -21.30 2.30 -10.89
N GLN B 237 -21.86 1.53 -9.97
CA GLN B 237 -21.20 0.38 -9.37
C GLN B 237 -22.29 -0.61 -8.99
N ILE B 238 -22.30 -1.78 -9.63
CA ILE B 238 -23.22 -2.85 -9.27
C ILE B 238 -22.40 -4.12 -9.09
N ARG B 239 -23.07 -5.22 -8.74
CA ARG B 239 -22.35 -6.46 -8.50
C ARG B 239 -21.55 -6.87 -9.74
N LEU B 240 -20.25 -7.00 -9.57
CA LEU B 240 -19.36 -7.50 -10.63
C LEU B 240 -19.40 -6.62 -11.88
N GLU B 241 -19.70 -5.32 -11.74
CA GLU B 241 -19.64 -4.41 -12.88
C GLU B 241 -19.63 -2.97 -12.42
N SER B 242 -18.67 -2.21 -12.92
CA SER B 242 -18.56 -0.83 -12.46
C SER B 242 -17.84 0.01 -13.49
N ARG B 243 -18.40 1.16 -13.78
CA ARG B 243 -17.65 2.26 -14.37
C ARG B 243 -17.58 3.34 -13.28
N LYS B 244 -16.55 3.23 -12.45
CA LYS B 244 -16.43 4.04 -11.25
C LYS B 244 -16.11 5.48 -11.61
N ALA B 245 -16.78 6.39 -10.92
CA ALA B 245 -16.45 7.79 -11.07
C ALA B 245 -15.12 8.09 -10.40
N ARG B 246 -14.61 9.30 -10.66
CA ARG B 246 -13.41 9.82 -10.01
C ARG B 246 -13.62 9.88 -8.49
N GLU B 247 -12.49 9.96 -7.77
CA GLU B 247 -12.53 9.76 -6.31
C GLU B 247 -13.30 10.87 -5.61
N ARG B 248 -13.06 12.14 -5.96
CA ARG B 248 -13.76 13.25 -5.32
C ARG B 248 -14.49 14.12 -6.34
N ALA B 249 -15.45 14.92 -5.84
CA ALA B 249 -16.34 15.72 -6.68
C ALA B 249 -17.05 14.83 -7.71
N SER B 250 -17.82 13.87 -7.19
CA SER B 250 -18.37 12.82 -8.04
C SER B 250 -19.68 12.28 -7.48
N ILE B 251 -20.46 11.68 -8.38
CA ILE B 251 -21.69 10.98 -8.03
C ILE B 251 -21.53 9.53 -8.45
N THR B 252 -21.89 8.60 -7.56
CA THR B 252 -21.94 7.19 -7.91
C THR B 252 -23.33 6.68 -7.63
N TYR B 253 -23.93 6.05 -8.63
CA TYR B 253 -25.17 5.29 -8.49
C TYR B 253 -24.82 3.82 -8.26
N CYS B 254 -25.45 3.20 -7.28
CA CYS B 254 -25.12 1.83 -6.99
C CYS B 254 -26.36 1.13 -6.44
N THR B 255 -26.40 -0.19 -6.60
CA THR B 255 -27.47 -0.95 -5.97
C THR B 255 -27.33 -0.86 -4.47
N THR B 256 -28.48 -0.83 -3.78
CA THR B 256 -28.46 -0.74 -2.33
C THR B 256 -27.61 -1.86 -1.76
N GLY B 257 -27.67 -3.04 -2.37
CA GLY B 257 -26.89 -4.15 -1.86
C GLY B 257 -25.40 -3.89 -1.89
N VAL B 258 -24.91 -3.17 -2.91
CA VAL B 258 -23.49 -2.85 -2.96
C VAL B 258 -23.08 -2.10 -1.69
N LEU B 259 -23.83 -1.04 -1.35
CA LEU B 259 -23.39 -0.21 -0.24
C LEU B 259 -23.44 -0.97 1.07
N LEU B 260 -24.43 -1.84 1.24
CA LEU B 260 -24.48 -2.68 2.43
C LEU B 260 -23.27 -3.58 2.54
N GLN B 261 -22.83 -4.19 1.43
CA GLN B 261 -21.61 -4.99 1.53
C GLN B 261 -20.41 -4.12 1.90
N GLN B 262 -20.39 -2.84 1.48
CA GLN B 262 -19.24 -1.99 1.79
C GLN B 262 -19.20 -1.57 3.25
N LEU B 263 -20.31 -1.70 4.00
CA LEU B 263 -20.26 -1.32 5.42
C LEU B 263 -19.27 -2.16 6.21
N GLN B 264 -19.04 -3.42 5.83
CA GLN B 264 -18.08 -4.23 6.58
C GLN B 264 -16.74 -3.54 6.73
N SER B 265 -16.26 -2.92 5.65
CA SER B 265 -15.00 -2.19 5.67
C SER B 265 -15.14 -0.78 6.24
N ASP B 266 -16.31 -0.15 6.09
CA ASP B 266 -16.46 1.28 6.39
C ASP B 266 -17.78 1.44 7.14
N PRO B 267 -17.84 0.91 8.36
CA PRO B 267 -19.14 0.68 9.01
C PRO B 267 -19.84 1.94 9.44
N LEU B 268 -19.13 3.07 9.47
CA LEU B 268 -19.73 4.36 9.78
C LEU B 268 -19.67 5.34 8.61
N MET B 269 -19.51 4.84 7.39
CA MET B 269 -19.66 5.62 6.16
C MET B 269 -18.74 6.84 6.10
N HIS B 270 -17.49 6.68 6.54
CA HIS B 270 -16.57 7.79 6.42
C HIS B 270 -16.14 8.10 4.98
N ASN B 271 -16.37 7.21 4.02
CA ASN B 271 -15.88 7.46 2.67
C ASN B 271 -16.93 8.11 1.77
N LEU B 272 -17.92 8.79 2.34
CA LEU B 272 -18.89 9.52 1.54
C LEU B 272 -19.39 10.72 2.32
N SER B 273 -19.62 11.83 1.62
CA SER B 273 -20.10 13.04 2.28
C SER B 273 -21.62 13.19 2.22
N VAL B 274 -22.25 12.66 1.18
CA VAL B 274 -23.70 12.71 0.97
C VAL B 274 -24.15 11.31 0.57
N LEU B 275 -25.16 10.79 1.25
CA LEU B 275 -25.78 9.52 0.89
C LEU B 275 -27.23 9.77 0.52
N ILE B 276 -27.63 9.37 -0.68
CA ILE B 276 -29.02 9.49 -1.13
C ILE B 276 -29.61 8.09 -1.31
N LEU B 277 -30.77 7.84 -0.67
CA LEU B 277 -31.53 6.60 -0.83
C LEU B 277 -32.76 6.83 -1.70
N ASP B 278 -32.88 6.09 -2.79
CA ASP B 278 -34.01 6.25 -3.69
C ASP B 278 -34.97 5.08 -3.57
N GLU B 279 -36.21 5.31 -4.00
CA GLU B 279 -37.25 4.30 -4.08
C GLU B 279 -37.47 3.56 -2.75
N ILE B 280 -37.21 4.24 -1.63
CA ILE B 280 -37.46 3.67 -0.32
C ILE B 280 -38.91 3.28 -0.09
N HIS B 281 -39.84 3.86 -0.86
CA HIS B 281 -41.25 3.49 -0.73
C HIS B 281 -41.50 2.05 -1.17
N GLU B 282 -40.60 1.46 -1.96
CA GLU B 282 -40.79 0.06 -2.32
C GLU B 282 -40.61 -0.89 -1.14
N ARG B 283 -40.02 -0.42 -0.04
CA ARG B 283 -39.75 -1.23 1.15
C ARG B 283 -39.00 -2.51 0.82
N SER B 284 -38.04 -2.39 -0.10
CA SER B 284 -37.03 -3.41 -0.25
C SER B 284 -36.36 -3.70 1.09
N VAL B 285 -35.96 -4.96 1.25
CA VAL B 285 -35.24 -5.37 2.44
C VAL B 285 -34.04 -4.47 2.69
N GLU B 286 -33.31 -4.16 1.61
CA GLU B 286 -32.03 -3.49 1.75
C GLU B 286 -32.20 -2.06 2.26
N THR B 287 -33.12 -1.30 1.66
CA THR B 287 -33.29 0.06 2.13
C THR B 287 -33.92 0.11 3.52
N ASP B 288 -34.79 -0.84 3.87
CA ASP B 288 -35.28 -0.87 5.26
C ASP B 288 -34.18 -1.20 6.25
N LEU B 289 -33.27 -2.09 5.88
CA LEU B 289 -32.15 -2.34 6.77
C LEU B 289 -31.27 -1.10 6.88
N LEU B 290 -31.01 -0.42 5.75
CA LEU B 290 -30.13 0.76 5.73
C LEU B 290 -30.67 1.88 6.60
N MET B 291 -31.98 2.13 6.55
CA MET B 291 -32.51 3.16 7.42
C MET B 291 -32.37 2.77 8.89
N GLY B 292 -32.47 1.48 9.19
CA GLY B 292 -32.19 1.02 10.54
C GLY B 292 -30.78 1.36 10.98
N LEU B 293 -29.79 1.11 10.12
CA LEU B 293 -28.42 1.31 10.52
C LEU B 293 -28.05 2.80 10.57
N LEU B 294 -28.70 3.62 9.76
CA LEU B 294 -28.45 5.06 9.86
C LEU B 294 -28.84 5.58 11.25
N LYS B 295 -29.85 5.00 11.90
CA LYS B 295 -30.13 5.46 13.25
C LYS B 295 -29.07 5.00 14.25
N VAL B 296 -28.27 3.97 13.92
CA VAL B 296 -27.08 3.64 14.71
C VAL B 296 -25.87 4.46 14.26
N ILE B 297 -25.74 4.71 12.95
CA ILE B 297 -24.55 5.37 12.41
C ILE B 297 -24.60 6.88 12.67
N LEU B 298 -25.70 7.54 12.30
CA LEU B 298 -25.72 9.00 12.28
C LEU B 298 -25.37 9.68 13.60
N PRO B 299 -25.72 9.16 14.79
CA PRO B 299 -25.27 9.80 16.03
C PRO B 299 -23.75 9.87 16.23
N HIS B 300 -22.96 9.17 15.40
CA HIS B 300 -21.51 9.28 15.43
C HIS B 300 -20.93 9.94 14.17
N ARG B 301 -21.77 10.48 13.29
CA ARG B 301 -21.30 11.15 12.08
C ARG B 301 -22.10 12.42 11.82
N PRO B 302 -21.83 13.49 12.58
CA PRO B 302 -22.66 14.71 12.46
C PRO B 302 -22.58 15.37 11.09
N ASP B 303 -21.43 15.26 10.44
CA ASP B 303 -21.17 15.89 9.15
C ASP B 303 -21.64 15.08 7.96
N LEU B 304 -22.23 13.92 8.17
CA LEU B 304 -22.77 13.13 7.07
C LEU B 304 -24.16 13.64 6.71
N LYS B 305 -24.41 13.83 5.40
CA LYS B 305 -25.72 14.27 4.93
C LYS B 305 -26.45 13.10 4.31
N VAL B 306 -27.72 12.94 4.67
CA VAL B 306 -28.58 11.89 4.13
C VAL B 306 -29.79 12.54 3.47
N ILE B 307 -30.12 12.08 2.28
CA ILE B 307 -31.27 12.55 1.55
C ILE B 307 -32.11 11.34 1.20
N LEU B 308 -33.20 11.13 1.94
CA LEU B 308 -34.14 10.09 1.57
C LEU B 308 -34.95 10.57 0.37
N MET B 309 -35.28 9.63 -0.52
CA MET B 309 -36.12 9.95 -1.66
C MET B 309 -37.20 8.89 -1.83
N SER B 310 -38.41 9.36 -2.09
CA SER B 310 -39.58 8.50 -2.04
C SER B 310 -40.60 8.92 -3.10
N ALA B 311 -41.39 7.95 -3.55
CA ALA B 311 -42.60 8.22 -4.31
C ALA B 311 -43.72 8.64 -3.36
N THR B 312 -44.90 8.92 -3.90
CA THR B 312 -46.03 9.36 -3.06
C THR B 312 -46.80 8.15 -2.53
N VAL B 313 -46.10 7.35 -1.74
CA VAL B 313 -46.66 6.08 -1.25
C VAL B 313 -46.31 5.94 0.23
N ARG B 314 -47.27 6.24 1.10
CA ARG B 314 -47.01 6.26 2.54
C ARG B 314 -45.72 7.00 2.86
N GLU B 315 -45.45 8.08 2.13
CA GLU B 315 -44.25 8.89 2.36
C GLU B 315 -44.13 9.31 3.82
N GLN B 316 -45.28 9.42 4.53
CA GLN B 316 -45.20 10.01 5.84
C GLN B 316 -44.52 9.08 6.85
N ASP B 317 -44.55 7.78 6.58
CA ASP B 317 -43.85 6.81 7.44
C ASP B 317 -42.37 7.14 7.57
N PHE B 318 -41.74 7.59 6.48
CA PHE B 318 -40.30 7.81 6.51
C PHE B 318 -39.96 9.10 7.23
N CYS B 319 -40.79 10.14 7.05
CA CYS B 319 -40.60 11.37 7.81
C CYS B 319 -40.76 11.12 9.32
N ASP B 320 -41.79 10.35 9.72
CA ASP B 320 -41.98 10.00 11.13
C ASP B 320 -40.80 9.19 11.68
N TYR B 321 -40.30 8.24 10.90
CA TYR B 321 -39.23 7.36 11.35
C TYR B 321 -37.94 8.14 11.64
N PHE B 322 -37.77 9.29 11.02
CA PHE B 322 -36.63 10.17 11.22
C PHE B 322 -37.02 11.50 11.86
N ASN B 323 -37.91 11.45 12.85
CA ASN B 323 -38.13 12.57 13.76
C ASN B 323 -38.65 13.82 13.04
N ASN B 324 -39.65 13.62 12.18
CA ASN B 324 -40.35 14.70 11.45
C ASN B 324 -39.36 15.66 10.77
N CYS B 325 -38.48 15.06 9.98
CA CYS B 325 -37.43 15.78 9.28
C CYS B 325 -38.04 16.55 8.12
N PRO B 326 -37.34 17.56 7.59
CA PRO B 326 -37.90 18.33 6.45
C PRO B 326 -38.38 17.42 5.34
N MET B 327 -39.47 17.78 4.69
CA MET B 327 -39.97 16.93 3.63
C MET B 327 -40.44 17.81 2.49
N PHE B 328 -39.82 17.65 1.32
CA PHE B 328 -40.22 18.36 0.12
C PHE B 328 -41.12 17.45 -0.68
N ARG B 329 -42.21 18.03 -1.18
CA ARG B 329 -43.06 17.34 -2.14
C ARG B 329 -42.86 18.06 -3.46
N ILE B 330 -42.38 17.33 -4.43
CA ILE B 330 -42.01 17.88 -5.71
C ILE B 330 -43.04 17.40 -6.71
N GLU B 331 -43.80 18.36 -7.23
CA GLU B 331 -44.83 18.16 -8.23
C GLU B 331 -44.24 17.55 -9.48
N GLY B 332 -45.10 16.98 -10.27
CA GLY B 332 -44.74 16.65 -11.63
C GLY B 332 -44.80 15.19 -11.94
N VAL B 333 -45.27 14.96 -13.15
CA VAL B 333 -45.45 13.64 -13.72
C VAL B 333 -44.95 13.70 -15.16
N MET B 334 -45.12 12.59 -15.82
CA MET B 334 -45.12 12.30 -17.23
C MET B 334 -46.56 12.54 -17.65
N PHE B 335 -46.98 12.14 -18.84
CA PHE B 335 -48.27 12.58 -19.34
C PHE B 335 -49.45 12.02 -18.53
N PRO B 336 -50.55 12.76 -18.47
CA PRO B 336 -51.70 12.33 -17.67
C PRO B 336 -52.33 11.09 -18.25
N VAL B 337 -52.73 10.18 -17.39
CA VAL B 337 -53.48 9.01 -17.82
C VAL B 337 -54.74 8.87 -16.96
N LYS B 338 -55.86 8.54 -17.63
CA LYS B 338 -57.21 8.53 -17.07
C LYS B 338 -57.47 7.18 -16.41
N MET B 339 -58.04 7.20 -15.21
CA MET B 339 -58.42 5.97 -14.52
C MET B 339 -59.88 5.64 -14.81
N LEU B 340 -60.12 4.45 -15.31
CA LEU B 340 -61.45 3.87 -15.42
C LEU B 340 -61.51 2.60 -14.56
N TYR B 341 -62.60 2.41 -13.85
CA TYR B 341 -62.78 1.21 -13.03
C TYR B 341 -63.79 0.31 -13.71
N LEU B 342 -64.11 -0.81 -13.05
CA LEU B 342 -64.86 -1.85 -13.75
C LEU B 342 -66.27 -1.39 -14.12
N GLU B 343 -66.89 -0.54 -13.27
CA GLU B 343 -68.10 0.18 -13.64
C GLU B 343 -67.94 0.84 -14.99
N ASP B 344 -66.85 1.60 -15.17
CA ASP B 344 -66.67 2.34 -16.41
C ASP B 344 -66.41 1.38 -17.59
N VAL B 345 -65.60 0.33 -17.37
CA VAL B 345 -65.22 -0.55 -18.49
C VAL B 345 -66.44 -1.27 -19.05
N LEU B 346 -67.24 -1.88 -18.17
CA LEU B 346 -68.43 -2.57 -18.64
C LEU B 346 -69.42 -1.59 -19.26
N SER B 347 -69.44 -0.36 -18.76
CA SER B 347 -70.33 0.66 -19.33
C SER B 347 -69.97 0.98 -20.78
N LYS B 348 -68.72 0.76 -21.19
CA LYS B 348 -68.33 1.06 -22.57
C LYS B 348 -68.32 -0.16 -23.48
N THR B 349 -68.03 -1.36 -22.97
CA THR B 349 -67.94 -2.54 -23.82
C THR B 349 -69.24 -3.34 -23.87
N ASN B 350 -70.04 -3.26 -22.80
CA ASN B 350 -71.29 -4.00 -22.66
C ASN B 350 -71.06 -5.50 -22.65
N TYR B 351 -69.86 -5.92 -22.22
CA TYR B 351 -69.55 -7.32 -22.17
C TYR B 351 -70.51 -8.05 -21.23
N GLU B 352 -70.74 -9.33 -21.51
CA GLU B 352 -71.68 -10.14 -20.76
C GLU B 352 -71.00 -11.44 -20.33
N PHE B 353 -71.25 -11.86 -19.09
CA PHE B 353 -70.55 -12.97 -18.46
C PHE B 353 -71.35 -14.26 -18.52
N GLN B 354 -70.63 -15.39 -18.52
CA GLN B 354 -71.23 -16.73 -18.48
C GLN B 354 -70.20 -17.78 -18.11
N PRO B 365 -68.53 -22.37 -4.82
CA PRO B 365 -67.84 -21.83 -3.64
C PRO B 365 -68.85 -21.43 -2.54
N PRO B 366 -68.54 -21.75 -1.28
CA PRO B 366 -69.58 -21.75 -0.23
C PRO B 366 -70.34 -20.44 0.02
N GLU B 367 -69.62 -19.37 0.32
CA GLU B 367 -70.21 -18.09 0.65
C GLU B 367 -69.79 -16.96 -0.27
N ARG B 368 -69.05 -17.27 -1.33
CA ARG B 368 -68.31 -16.23 -2.03
C ARG B 368 -69.24 -15.13 -2.50
N ARG B 369 -70.40 -15.51 -2.98
CA ARG B 369 -71.30 -14.52 -3.57
C ARG B 369 -71.92 -13.60 -2.54
N MET B 370 -72.20 -14.11 -1.36
CA MET B 370 -72.65 -13.24 -0.29
C MET B 370 -71.51 -12.42 0.27
N LYS B 371 -70.32 -13.02 0.37
CA LYS B 371 -69.13 -12.25 0.74
C LYS B 371 -68.87 -11.13 -0.25
N HIS B 372 -69.00 -11.43 -1.55
CA HIS B 372 -68.76 -10.43 -2.58
C HIS B 372 -69.82 -9.32 -2.54
N GLU B 373 -71.06 -9.68 -2.28
CA GLU B 373 -72.09 -8.66 -2.36
C GLU B 373 -72.14 -7.83 -1.08
N ALA B 374 -71.68 -8.40 0.03
CA ALA B 374 -71.45 -7.59 1.22
C ALA B 374 -70.41 -6.50 0.97
N MET B 375 -69.52 -6.69 0.00
CA MET B 375 -68.53 -5.68 -0.34
C MET B 375 -69.09 -4.59 -1.24
N ILE B 376 -69.80 -4.96 -2.30
CA ILE B 376 -70.00 -4.06 -3.43
C ILE B 376 -71.28 -3.22 -3.39
N GLU B 377 -72.30 -3.65 -2.66
CA GLU B 377 -73.63 -3.03 -2.67
C GLU B 377 -73.82 -1.74 -1.90
N PRO B 378 -73.19 -1.57 -0.75
CA PRO B 378 -73.16 -0.22 -0.16
C PRO B 378 -72.70 0.79 -1.19
N TYR B 379 -71.70 0.40 -2.01
CA TYR B 379 -71.24 1.25 -3.11
C TYR B 379 -72.30 1.37 -4.20
N LEU B 380 -72.78 0.23 -4.70
CA LEU B 380 -73.70 0.19 -5.83
C LEU B 380 -74.96 1.00 -5.59
N ARG B 381 -75.22 1.36 -4.34
CA ARG B 381 -76.40 2.12 -3.97
C ARG B 381 -76.12 3.60 -3.87
N ARG B 382 -74.87 3.98 -3.68
CA ARG B 382 -74.48 5.37 -3.83
C ARG B 382 -74.27 5.78 -5.30
N ILE B 383 -74.31 4.85 -6.26
CA ILE B 383 -74.03 5.26 -7.64
C ILE B 383 -75.10 4.86 -8.65
N ARG B 384 -76.28 4.42 -8.17
CA ARG B 384 -77.36 3.98 -9.06
C ARG B 384 -77.62 4.89 -10.26
N ASN B 385 -77.62 6.21 -10.06
CA ASN B 385 -77.97 7.09 -11.17
C ASN B 385 -76.79 7.46 -12.05
N SER B 386 -75.57 7.04 -11.71
CA SER B 386 -74.39 7.39 -12.47
C SER B 386 -73.99 6.33 -13.48
N TYR B 387 -74.57 5.14 -13.41
CA TYR B 387 -74.30 4.06 -14.33
C TYR B 387 -75.60 3.36 -14.68
N ASP B 388 -75.60 2.63 -15.79
CA ASP B 388 -76.76 1.86 -16.19
C ASP B 388 -77.14 0.84 -15.12
N SER B 389 -78.42 0.47 -15.11
CA SER B 389 -78.86 -0.61 -14.24
C SER B 389 -78.13 -1.91 -14.58
N ARG B 390 -77.94 -2.17 -15.88
CA ARG B 390 -77.38 -3.43 -16.35
C ARG B 390 -75.93 -3.62 -15.92
N VAL B 391 -75.12 -2.55 -15.96
CA VAL B 391 -73.72 -2.72 -15.61
C VAL B 391 -73.58 -2.95 -14.12
N LEU B 392 -74.35 -2.22 -13.30
CA LEU B 392 -74.18 -2.47 -11.89
C LEU B 392 -74.76 -3.80 -11.47
N ASP B 393 -75.53 -4.45 -12.34
CA ASP B 393 -75.95 -5.83 -12.09
C ASP B 393 -74.83 -6.82 -12.35
N LYS B 394 -73.96 -6.55 -13.31
CA LYS B 394 -72.82 -7.43 -13.49
C LYS B 394 -71.72 -7.20 -12.44
N LEU B 395 -71.58 -5.98 -11.90
CA LEU B 395 -70.60 -5.82 -10.83
C LEU B 395 -70.95 -6.70 -9.63
N ARG B 396 -72.17 -7.21 -9.55
CA ARG B 396 -72.49 -8.08 -8.44
C ARG B 396 -72.18 -9.53 -8.70
N LEU B 397 -71.80 -9.88 -9.93
CA LEU B 397 -71.29 -11.21 -10.14
C LEU B 397 -69.82 -11.20 -9.80
N PRO B 398 -69.38 -12.05 -8.87
CA PRO B 398 -67.96 -12.06 -8.47
C PRO B 398 -66.97 -12.33 -9.59
N GLU B 399 -67.44 -12.83 -10.75
CA GLU B 399 -66.57 -13.15 -11.86
C GLU B 399 -66.12 -11.89 -12.61
N SER B 400 -66.83 -10.78 -12.46
CA SER B 400 -66.49 -9.54 -13.14
C SER B 400 -65.12 -8.99 -12.71
N GLU B 401 -64.80 -9.06 -11.43
CA GLU B 401 -63.56 -8.48 -10.99
C GLU B 401 -62.41 -9.49 -11.11
N GLY B 402 -61.20 -8.95 -11.19
CA GLY B 402 -60.01 -9.77 -11.37
C GLY B 402 -59.92 -10.25 -12.80
N CYS B 403 -59.36 -11.44 -12.97
CA CYS B 403 -59.15 -12.02 -14.28
C CYS B 403 -59.69 -13.43 -14.31
N GLU B 404 -60.85 -13.67 -13.69
CA GLU B 404 -61.38 -15.01 -13.72
C GLU B 404 -61.91 -15.36 -15.10
N ASP B 405 -62.52 -14.39 -15.78
CA ASP B 405 -62.97 -14.59 -17.16
C ASP B 405 -62.00 -13.89 -18.09
N ILE B 406 -61.11 -14.65 -18.74
CA ILE B 406 -60.11 -14.04 -19.59
C ILE B 406 -60.71 -13.58 -20.91
N ASP B 407 -61.84 -14.16 -21.33
CA ASP B 407 -62.55 -13.66 -22.51
C ASP B 407 -63.01 -12.23 -22.31
N PHE B 408 -63.37 -11.87 -21.06
CA PHE B 408 -63.63 -10.47 -20.75
C PHE B 408 -62.43 -9.61 -21.09
N ILE B 409 -61.24 -10.07 -20.67
CA ILE B 409 -60.03 -9.31 -20.98
C ILE B 409 -59.80 -9.26 -22.48
N ALA B 410 -60.03 -10.37 -23.17
CA ALA B 410 -59.82 -10.38 -24.62
C ALA B 410 -60.75 -9.39 -25.31
N ASP B 411 -62.00 -9.33 -24.84
CA ASP B 411 -62.97 -8.42 -25.44
C ASP B 411 -62.54 -6.97 -25.26
N LEU B 412 -61.92 -6.67 -24.11
CA LEU B 412 -61.48 -5.31 -23.87
C LEU B 412 -60.18 -5.01 -24.58
N VAL B 413 -59.38 -6.03 -24.88
CA VAL B 413 -58.29 -5.82 -25.84
C VAL B 413 -58.87 -5.43 -27.19
N TYR B 414 -59.89 -6.17 -27.64
CA TYR B 414 -60.51 -5.89 -28.93
C TYR B 414 -61.17 -4.51 -28.94
N TYR B 415 -61.76 -4.11 -27.80
CA TYR B 415 -62.42 -2.80 -27.74
C TYR B 415 -61.43 -1.65 -27.91
N ILE B 416 -60.27 -1.74 -27.25
CA ILE B 416 -59.25 -0.70 -27.43
C ILE B 416 -58.73 -0.71 -28.86
N CYS B 417 -58.72 -1.87 -29.52
CA CYS B 417 -58.19 -1.95 -30.88
C CYS B 417 -58.99 -1.10 -31.85
N GLU B 418 -60.29 -0.95 -31.62
CA GLU B 418 -61.15 -0.27 -32.58
C GLU B 418 -61.48 1.17 -32.21
N ASN B 419 -61.64 1.48 -30.94
CA ASN B 419 -62.08 2.82 -30.56
C ASN B 419 -60.98 3.80 -30.15
N GLU B 420 -59.75 3.38 -29.96
CA GLU B 420 -58.75 4.33 -29.49
C GLU B 420 -57.56 4.48 -30.43
N PRO B 421 -56.81 5.62 -30.31
CA PRO B 421 -55.68 5.91 -31.22
C PRO B 421 -54.51 4.95 -31.05
N GLU B 422 -53.45 5.16 -31.83
CA GLU B 422 -52.27 4.31 -31.81
C GLU B 422 -51.81 4.13 -30.38
N GLY B 423 -51.37 2.92 -30.03
CA GLY B 423 -50.68 2.76 -28.78
C GLY B 423 -50.63 1.32 -28.37
N ALA B 424 -49.70 1.02 -27.47
CA ALA B 424 -49.56 -0.36 -27.03
C ALA B 424 -50.49 -0.62 -25.86
N ILE B 425 -50.96 -1.86 -25.78
CA ILE B 425 -51.78 -2.33 -24.66
C ILE B 425 -50.88 -3.17 -23.77
N LEU B 426 -50.76 -2.76 -22.51
CA LEU B 426 -50.01 -3.52 -21.53
C LEU B 426 -51.00 -4.15 -20.57
N VAL B 427 -51.03 -5.49 -20.53
CA VAL B 427 -52.02 -6.24 -19.76
C VAL B 427 -51.32 -6.92 -18.59
N PHE B 428 -51.75 -6.60 -17.37
CA PHE B 428 -51.20 -7.19 -16.16
C PHE B 428 -52.08 -8.35 -15.75
N LEU B 429 -51.55 -9.56 -15.83
CA LEU B 429 -52.20 -10.77 -15.36
C LEU B 429 -51.35 -11.42 -14.28
N PRO B 430 -51.94 -12.26 -13.43
CA PRO B 430 -51.19 -12.69 -12.24
C PRO B 430 -49.98 -13.54 -12.57
N GLY B 431 -50.13 -14.59 -13.38
CA GLY B 431 -49.02 -15.49 -13.59
C GLY B 431 -48.93 -16.18 -14.94
N TYR B 432 -47.97 -17.12 -15.03
CA TYR B 432 -47.74 -17.85 -16.27
C TYR B 432 -49.04 -18.41 -16.86
N ASP B 433 -49.86 -19.04 -16.02
CA ASP B 433 -51.03 -19.74 -16.51
C ASP B 433 -52.03 -18.79 -17.18
N LYS B 434 -52.36 -17.67 -16.51
CA LYS B 434 -53.35 -16.77 -17.09
C LYS B 434 -52.78 -15.97 -18.26
N ILE B 435 -51.47 -15.78 -18.32
CA ILE B 435 -50.84 -15.24 -19.53
C ILE B 435 -51.02 -16.21 -20.69
N SER B 436 -50.76 -17.49 -20.44
CA SER B 436 -50.89 -18.46 -21.51
C SER B 436 -52.32 -18.49 -22.03
N GLN B 437 -53.32 -18.43 -21.14
CA GLN B 437 -54.70 -18.55 -21.60
C GLN B 437 -55.09 -17.41 -22.52
N LEU B 438 -54.75 -16.18 -22.14
CA LEU B 438 -55.14 -15.06 -22.99
C LEU B 438 -54.27 -14.97 -24.24
N TYR B 439 -53.02 -15.41 -24.16
CA TYR B 439 -52.21 -15.49 -25.37
C TYR B 439 -52.85 -16.44 -26.39
N ASN B 440 -53.31 -17.60 -25.94
CA ASN B 440 -53.91 -18.53 -26.89
C ASN B 440 -55.20 -17.99 -27.44
N ILE B 441 -55.94 -17.24 -26.64
CA ILE B 441 -57.19 -16.65 -27.08
C ILE B 441 -56.96 -15.54 -28.10
N LEU B 442 -55.97 -14.68 -27.88
CA LEU B 442 -55.69 -13.68 -28.90
C LEU B 442 -55.08 -14.31 -30.14
N ASP B 443 -54.44 -15.47 -30.01
CA ASP B 443 -53.75 -16.08 -31.13
C ASP B 443 -54.59 -17.13 -31.86
N LYS B 444 -55.50 -17.82 -31.19
CA LYS B 444 -56.40 -18.77 -31.87
C LYS B 444 -57.83 -18.49 -31.44
N PRO B 445 -58.42 -17.39 -31.89
CA PRO B 445 -59.72 -16.96 -31.35
C PRO B 445 -60.89 -17.78 -31.86
N LYS B 446 -61.87 -18.00 -30.97
CA LYS B 446 -63.11 -18.68 -31.33
C LYS B 446 -64.29 -17.75 -31.51
N THR B 447 -64.19 -16.48 -31.11
CA THR B 447 -65.21 -15.49 -31.40
C THR B 447 -64.95 -14.71 -32.67
N SER B 448 -66.07 -14.25 -33.26
CA SER B 448 -66.02 -13.51 -34.51
C SER B 448 -65.32 -12.16 -34.31
N LYS B 449 -65.56 -11.52 -33.18
CA LYS B 449 -64.86 -10.27 -32.87
C LYS B 449 -63.34 -10.48 -32.83
N GLY B 450 -62.87 -11.57 -32.24
CA GLY B 450 -61.44 -11.78 -32.12
C GLY B 450 -60.86 -12.21 -33.43
N GLN B 451 -61.69 -12.83 -34.24
CA GLN B 451 -61.27 -13.45 -35.47
C GLN B 451 -60.91 -12.36 -36.49
N ARG B 452 -61.69 -11.26 -36.49
CA ARG B 452 -61.36 -10.00 -37.19
C ARG B 452 -59.98 -9.44 -36.85
N TRP B 453 -59.65 -9.37 -35.56
CA TRP B 453 -58.50 -8.64 -35.04
C TRP B 453 -57.21 -9.44 -34.99
N ARG B 454 -57.25 -10.74 -35.29
CA ARG B 454 -56.16 -11.63 -34.90
C ARG B 454 -54.81 -11.22 -35.52
N ASP B 455 -54.76 -10.94 -36.82
CA ASP B 455 -53.50 -10.54 -37.41
C ASP B 455 -53.37 -9.04 -37.62
N HIS B 456 -54.05 -8.27 -36.79
CA HIS B 456 -53.74 -6.86 -36.62
C HIS B 456 -53.22 -6.58 -35.22
N MET B 457 -52.76 -7.62 -34.51
CA MET B 457 -52.03 -7.46 -33.26
C MET B 457 -50.69 -8.20 -33.31
N ALA B 458 -49.71 -7.61 -32.65
CA ALA B 458 -48.43 -8.23 -32.34
C ALA B 458 -48.44 -8.49 -30.84
N VAL B 459 -48.55 -9.77 -30.46
CA VAL B 459 -48.78 -10.15 -29.09
C VAL B 459 -47.49 -10.69 -28.51
N PHE B 460 -47.07 -10.10 -27.38
CA PHE B 460 -45.85 -10.49 -26.67
C PHE B 460 -46.18 -10.93 -25.26
N PRO B 461 -45.88 -12.17 -24.89
CA PRO B 461 -45.88 -12.53 -23.47
C PRO B 461 -44.61 -12.03 -22.80
N LEU B 462 -44.76 -11.64 -21.54
CA LEU B 462 -43.71 -10.99 -20.76
C LEU B 462 -43.71 -11.54 -19.33
N HIS B 463 -42.67 -12.30 -18.99
CA HIS B 463 -42.55 -13.08 -17.76
C HIS B 463 -41.07 -13.30 -17.50
N SER B 464 -40.69 -13.32 -16.22
CA SER B 464 -39.28 -13.46 -15.84
C SER B 464 -38.64 -14.72 -16.40
N LEU B 465 -39.43 -15.77 -16.61
CA LEU B 465 -38.91 -17.02 -17.18
C LEU B 465 -38.96 -17.03 -18.70
N MET B 466 -39.38 -15.94 -19.32
CA MET B 466 -39.54 -15.88 -20.75
C MET B 466 -38.51 -14.96 -21.40
N GLN B 467 -38.07 -15.33 -22.61
CA GLN B 467 -36.96 -14.58 -23.19
C GLN B 467 -37.41 -13.30 -23.87
N SER B 468 -38.72 -13.09 -23.98
CA SER B 468 -39.21 -11.87 -24.59
C SER B 468 -38.62 -10.65 -23.92
N GLY B 469 -38.35 -10.73 -22.62
CA GLY B 469 -37.74 -9.60 -21.93
C GLY B 469 -36.29 -9.33 -22.34
N GLU B 470 -35.54 -10.37 -22.73
CA GLU B 470 -34.14 -10.17 -23.10
C GLU B 470 -33.90 -10.12 -24.61
N GLN B 471 -34.96 -10.06 -25.41
CA GLN B 471 -34.91 -9.67 -26.80
C GLN B 471 -35.54 -8.29 -26.93
N GLN B 472 -35.27 -7.60 -28.03
CA GLN B 472 -35.67 -6.20 -28.15
C GLN B 472 -36.97 -5.98 -28.92
N ALA B 473 -37.68 -7.03 -29.32
CA ALA B 473 -38.87 -6.84 -30.14
C ALA B 473 -40.01 -6.22 -29.33
N VAL B 474 -40.24 -6.74 -28.12
CA VAL B 474 -41.27 -6.19 -27.25
C VAL B 474 -40.98 -4.75 -26.86
N PHE B 475 -39.73 -4.30 -27.00
CA PHE B 475 -39.39 -2.91 -26.73
C PHE B 475 -39.54 -2.00 -27.94
N ARG B 476 -39.63 -2.55 -29.15
CA ARG B 476 -39.77 -1.73 -30.33
C ARG B 476 -41.22 -1.34 -30.55
N ARG B 477 -41.45 -0.58 -31.52
CA ARG B 477 -42.82 -0.22 -31.81
C ARG B 477 -43.32 -1.05 -33.00
N PRO B 478 -44.57 -1.48 -33.05
CA PRO B 478 -44.94 -2.59 -33.93
C PRO B 478 -44.93 -2.18 -35.39
N PRO B 479 -44.93 -3.16 -36.30
CA PRO B 479 -45.07 -2.84 -37.72
C PRO B 479 -46.36 -2.07 -37.99
N ALA B 480 -46.37 -1.39 -39.14
CA ALA B 480 -47.55 -0.64 -39.55
C ALA B 480 -48.77 -1.53 -39.67
N GLY B 481 -49.92 -1.00 -39.27
CA GLY B 481 -51.19 -1.69 -39.35
C GLY B 481 -51.48 -2.72 -38.28
N GLN B 482 -50.53 -3.03 -37.40
CA GLN B 482 -50.87 -3.85 -36.25
C GLN B 482 -50.44 -3.17 -34.96
N ARG B 483 -51.20 -3.44 -33.91
CA ARG B 483 -51.05 -2.84 -32.58
C ARG B 483 -50.36 -3.81 -31.64
N LYS B 484 -49.36 -3.31 -30.91
CA LYS B 484 -48.64 -4.19 -29.99
C LYS B 484 -49.46 -4.39 -28.72
N VAL B 485 -49.57 -5.65 -28.28
CA VAL B 485 -50.32 -6.03 -27.08
C VAL B 485 -49.39 -6.88 -26.22
N ILE B 486 -49.07 -6.41 -25.02
CA ILE B 486 -48.14 -7.09 -24.13
C ILE B 486 -48.93 -7.72 -23.01
N ILE B 487 -48.73 -9.02 -22.81
CA ILE B 487 -49.38 -9.76 -21.73
C ILE B 487 -48.33 -10.10 -20.70
N SER B 488 -48.38 -9.45 -19.54
CA SER B 488 -47.25 -9.49 -18.63
C SER B 488 -47.71 -9.75 -17.20
N THR B 489 -46.75 -10.18 -16.38
CA THR B 489 -46.88 -10.28 -14.93
C THR B 489 -46.52 -8.95 -14.30
N ILE B 490 -46.39 -8.92 -12.98
CA ILE B 490 -45.97 -7.69 -12.30
C ILE B 490 -44.62 -7.18 -12.80
N ILE B 491 -43.90 -8.02 -13.55
CA ILE B 491 -42.56 -7.68 -14.02
C ILE B 491 -42.51 -6.36 -14.78
N ALA B 492 -43.58 -6.00 -15.51
CA ALA B 492 -43.57 -4.75 -16.27
C ALA B 492 -43.93 -3.53 -15.43
N GLU B 493 -44.14 -3.70 -14.13
CA GLU B 493 -44.47 -2.59 -13.25
C GLU B 493 -43.25 -1.75 -12.91
N THR B 494 -42.15 -2.39 -12.46
CA THR B 494 -40.90 -1.67 -12.25
C THR B 494 -39.68 -2.27 -12.94
N SER B 495 -39.59 -3.60 -13.01
CA SER B 495 -38.35 -4.26 -13.45
C SER B 495 -38.07 -3.99 -14.93
N VAL B 496 -39.05 -4.26 -15.79
CA VAL B 496 -38.95 -4.06 -17.22
C VAL B 496 -39.82 -2.88 -17.60
N THR B 497 -39.30 -2.01 -18.47
CA THR B 497 -40.00 -0.80 -18.85
C THR B 497 -40.20 -0.75 -20.35
N ILE B 498 -41.44 -0.61 -20.77
CA ILE B 498 -41.79 -0.55 -22.18
C ILE B 498 -42.39 0.83 -22.43
N ASP B 499 -41.85 1.55 -23.43
CA ASP B 499 -42.05 2.98 -23.48
C ASP B 499 -43.24 3.43 -24.31
N ASP B 500 -43.72 2.63 -25.26
CA ASP B 500 -44.84 3.07 -26.08
C ASP B 500 -46.19 2.54 -25.58
N VAL B 501 -46.26 2.10 -24.32
CA VAL B 501 -47.56 1.70 -23.81
C VAL B 501 -48.45 2.93 -23.66
N VAL B 502 -49.64 2.87 -24.22
CA VAL B 502 -50.64 3.92 -24.01
C VAL B 502 -51.83 3.43 -23.18
N TYR B 503 -52.15 2.14 -23.20
CA TYR B 503 -53.31 1.62 -22.48
C TYR B 503 -52.84 0.48 -21.58
N VAL B 504 -53.19 0.57 -20.30
CA VAL B 504 -52.86 -0.46 -19.33
C VAL B 504 -54.18 -1.09 -18.90
N ILE B 505 -54.27 -2.41 -19.03
CA ILE B 505 -55.36 -3.19 -18.45
C ILE B 505 -54.85 -3.84 -17.17
N ASN B 506 -55.31 -3.34 -16.05
CA ASN B 506 -54.88 -3.83 -14.76
C ASN B 506 -55.93 -4.81 -14.26
N SER B 507 -55.62 -6.10 -14.33
CA SER B 507 -56.53 -7.09 -13.77
C SER B 507 -56.61 -7.01 -12.24
N GLY B 508 -55.63 -6.40 -11.59
CA GLY B 508 -55.68 -6.25 -10.16
C GLY B 508 -55.26 -7.46 -9.39
N ARG B 509 -54.82 -8.50 -10.09
CA ARG B 509 -54.43 -9.76 -9.46
C ARG B 509 -52.97 -10.04 -9.76
N THR B 510 -52.25 -10.45 -8.73
CA THR B 510 -50.86 -10.89 -8.82
C THR B 510 -50.69 -12.17 -8.02
N LYS B 511 -49.47 -12.68 -7.98
CA LYS B 511 -49.15 -13.84 -7.15
C LYS B 511 -48.13 -13.42 -6.11
N ALA B 512 -48.18 -14.04 -4.94
CA ALA B 512 -47.30 -13.64 -3.86
C ALA B 512 -46.95 -14.84 -3.00
N THR B 513 -45.79 -14.78 -2.36
CA THR B 513 -45.30 -15.83 -1.47
C THR B 513 -45.59 -15.51 -0.01
N ASN B 514 -46.21 -16.46 0.68
CA ASN B 514 -46.58 -16.29 2.08
C ASN B 514 -46.00 -17.47 2.84
N TYR B 515 -45.09 -17.17 3.76
CA TYR B 515 -44.51 -18.19 4.61
C TYR B 515 -45.29 -18.22 5.91
N ASP B 516 -45.80 -19.38 6.28
CA ASP B 516 -46.46 -19.58 7.56
C ASP B 516 -45.42 -20.13 8.53
N ILE B 517 -45.13 -19.37 9.58
CA ILE B 517 -44.05 -19.76 10.48
C ILE B 517 -44.41 -21.00 11.30
N GLU B 518 -45.70 -21.20 11.60
CA GLU B 518 -46.11 -22.34 12.42
C GLU B 518 -45.95 -23.66 11.65
N THR B 519 -46.46 -23.71 10.43
CA THR B 519 -46.42 -24.92 9.59
C THR B 519 -45.12 -25.06 8.80
N ASN B 520 -44.33 -23.99 8.67
CA ASN B 520 -43.11 -24.00 7.87
C ASN B 520 -43.37 -24.48 6.44
N ILE B 521 -44.50 -24.08 5.85
CA ILE B 521 -44.74 -24.32 4.43
C ILE B 521 -44.94 -22.97 3.75
N GLN B 522 -44.16 -22.71 2.73
CA GLN B 522 -44.25 -21.50 1.94
C GLN B 522 -45.17 -21.75 0.77
N SER B 523 -46.03 -20.79 0.50
CA SER B 523 -47.07 -20.98 -0.51
C SER B 523 -47.05 -19.82 -1.50
N LEU B 524 -47.59 -20.11 -2.67
CA LEU B 524 -47.67 -19.16 -3.77
C LEU B 524 -49.14 -19.05 -4.16
N ASP B 525 -49.77 -17.90 -3.81
CA ASP B 525 -51.21 -17.74 -3.89
C ASP B 525 -51.56 -16.55 -4.78
N GLU B 526 -52.71 -16.65 -5.44
CA GLU B 526 -53.24 -15.51 -6.18
C GLU B 526 -53.89 -14.56 -5.18
N VAL B 527 -53.52 -13.28 -5.25
CA VAL B 527 -53.96 -12.27 -4.30
C VAL B 527 -54.33 -10.99 -5.03
N TRP B 528 -55.06 -10.12 -4.33
CA TRP B 528 -55.27 -8.80 -4.88
C TRP B 528 -54.01 -7.98 -4.68
N VAL B 529 -53.75 -7.10 -5.65
CA VAL B 529 -52.69 -6.10 -5.61
C VAL B 529 -53.07 -5.00 -4.62
N THR B 530 -52.11 -4.15 -4.28
CA THR B 530 -52.34 -3.02 -3.40
C THR B 530 -52.44 -1.73 -4.20
N LYS B 531 -52.95 -0.67 -3.56
CA LYS B 531 -53.11 0.59 -4.29
C LYS B 531 -51.77 1.13 -4.78
N ALA B 532 -50.70 0.88 -4.03
CA ALA B 532 -49.39 1.27 -4.52
C ALA B 532 -49.05 0.58 -5.83
N ASN B 533 -49.42 -0.70 -5.98
CA ASN B 533 -49.27 -1.33 -7.27
C ASN B 533 -50.08 -0.56 -8.31
N THR B 534 -51.40 -0.47 -8.08
CA THR B 534 -52.31 0.15 -9.04
C THR B 534 -51.82 1.50 -9.50
N GLN B 535 -51.28 2.31 -8.60
CA GLN B 535 -50.86 3.64 -9.03
C GLN B 535 -49.56 3.55 -9.82
N GLN B 536 -48.72 2.57 -9.53
CA GLN B 536 -47.52 2.42 -10.36
C GLN B 536 -47.90 1.95 -11.76
N ARG B 537 -48.86 1.02 -11.86
CA ARG B 537 -49.31 0.50 -13.15
C ARG B 537 -49.94 1.58 -13.99
N ARG B 538 -50.57 2.56 -13.34
CA ARG B 538 -51.23 3.62 -14.09
C ARG B 538 -50.21 4.55 -14.73
N GLY B 539 -49.07 4.76 -14.06
CA GLY B 539 -47.99 5.53 -14.66
C GLY B 539 -47.45 4.90 -15.93
N ARG B 540 -47.41 3.56 -15.99
CA ARG B 540 -46.88 2.86 -17.16
C ARG B 540 -47.63 3.16 -18.45
N ALA B 541 -48.77 3.85 -18.39
CA ALA B 541 -49.45 4.25 -19.62
C ALA B 541 -49.14 5.67 -20.02
N GLY B 542 -48.48 6.45 -19.16
CA GLY B 542 -48.30 7.87 -19.41
C GLY B 542 -46.88 8.31 -19.74
N ARG B 543 -46.12 7.45 -20.38
CA ARG B 543 -44.70 7.69 -20.62
C ARG B 543 -44.50 8.41 -21.96
N VAL B 544 -45.28 8.08 -22.98
CA VAL B 544 -45.16 8.68 -24.31
C VAL B 544 -46.23 9.75 -24.56
N ARG B 545 -47.47 9.49 -24.17
CA ARG B 545 -48.57 10.39 -24.49
C ARG B 545 -49.65 10.20 -23.43
N PRO B 546 -50.66 11.07 -23.39
CA PRO B 546 -51.78 10.83 -22.49
C PRO B 546 -52.38 9.44 -22.72
N GLY B 547 -52.53 8.68 -21.65
CA GLY B 547 -52.96 7.30 -21.76
C GLY B 547 -54.18 6.93 -20.95
N ILE B 548 -54.49 5.64 -20.88
CA ILE B 548 -55.65 5.18 -20.13
C ILE B 548 -55.27 3.92 -19.36
N CYS B 549 -55.83 3.79 -18.15
CA CYS B 549 -55.62 2.61 -17.32
C CYS B 549 -57.00 2.04 -17.01
N TYR B 550 -57.22 0.78 -17.35
CA TYR B 550 -58.50 0.13 -17.15
C TYR B 550 -58.34 -0.92 -16.05
N ASN B 551 -58.89 -0.63 -14.89
CA ASN B 551 -58.80 -1.55 -13.76
C ASN B 551 -60.05 -2.42 -13.74
N LEU B 552 -59.86 -3.74 -13.88
CA LEU B 552 -60.99 -4.65 -13.93
C LEU B 552 -61.47 -4.99 -12.53
N PHE B 553 -61.73 -3.97 -11.72
CA PHE B 553 -62.39 -4.15 -10.45
C PHE B 553 -63.08 -2.85 -10.10
N SER B 554 -64.11 -2.95 -9.26
CA SER B 554 -64.86 -1.76 -8.89
C SER B 554 -64.06 -0.87 -7.95
N ARG B 555 -64.48 0.40 -7.84
CA ARG B 555 -63.83 1.21 -6.83
C ARG B 555 -64.17 0.76 -5.43
N ALA B 556 -65.20 -0.07 -5.28
CA ALA B 556 -65.43 -0.73 -3.99
C ALA B 556 -64.31 -1.68 -3.66
N ARG B 557 -63.81 -2.42 -4.67
CA ARG B 557 -62.66 -3.29 -4.42
C ARG B 557 -61.44 -2.48 -4.06
N GLU B 558 -61.22 -1.34 -4.74
CA GLU B 558 -60.00 -0.58 -4.47
C GLU B 558 -59.95 -0.09 -3.03
N ASP B 559 -61.12 0.16 -2.44
CA ASP B 559 -61.18 0.72 -1.10
C ASP B 559 -61.00 -0.33 -0.01
N ARG B 560 -60.98 -1.61 -0.34
CA ARG B 560 -60.55 -2.64 0.60
C ARG B 560 -59.16 -3.19 0.34
N MET B 561 -58.50 -2.73 -0.72
CA MET B 561 -57.13 -3.13 -0.97
C MET B 561 -56.22 -2.49 0.07
N ASP B 562 -55.07 -3.10 0.28
CA ASP B 562 -54.10 -2.50 1.18
C ASP B 562 -53.45 -1.29 0.53
N ASP B 563 -52.78 -0.48 1.38
CA ASP B 563 -51.96 0.62 0.90
C ASP B 563 -50.77 0.10 0.10
N ILE B 564 -49.93 -0.72 0.74
CA ILE B 564 -48.70 -1.23 0.13
C ILE B 564 -48.63 -2.74 0.34
N PRO B 565 -47.80 -3.45 -0.42
CA PRO B 565 -47.57 -4.88 -0.14
C PRO B 565 -46.83 -5.05 1.18
N THR B 566 -46.99 -6.21 1.81
CA THR B 566 -46.34 -6.41 3.11
C THR B 566 -44.83 -6.22 2.92
N PRO B 567 -44.19 -5.34 3.70
CA PRO B 567 -42.76 -5.07 3.54
C PRO B 567 -41.93 -6.36 3.48
N GLU B 568 -40.98 -6.37 2.56
CA GLU B 568 -40.33 -7.64 2.23
C GLU B 568 -39.58 -8.25 3.41
N ILE B 569 -39.11 -7.43 4.36
CA ILE B 569 -38.31 -8.02 5.44
C ILE B 569 -39.19 -8.89 6.34
N LEU B 570 -40.49 -8.59 6.43
CA LEU B 570 -41.39 -9.43 7.21
C LEU B 570 -41.71 -10.75 6.52
N ARG B 571 -41.30 -10.95 5.26
CA ARG B 571 -41.52 -12.20 4.55
C ARG B 571 -40.24 -13.00 4.36
N SER B 572 -39.11 -12.50 4.85
CA SER B 572 -37.80 -12.99 4.46
C SER B 572 -37.18 -13.89 5.51
N LYS B 573 -36.41 -14.88 5.05
CA LYS B 573 -35.48 -15.59 5.92
C LYS B 573 -34.43 -14.64 6.47
N LEU B 574 -34.18 -14.70 7.78
CA LEU B 574 -33.34 -13.69 8.43
C LEU B 574 -31.94 -14.20 8.76
N GLU B 575 -31.64 -15.47 8.43
CA GLU B 575 -30.35 -16.08 8.75
C GLU B 575 -29.20 -15.21 8.25
N SER B 576 -29.30 -14.68 7.04
CA SER B 576 -28.11 -14.05 6.45
C SER B 576 -27.91 -12.64 6.98
N ILE B 577 -29.01 -11.90 7.23
CA ILE B 577 -28.92 -10.58 7.85
C ILE B 577 -28.33 -10.67 9.26
N ILE B 578 -28.88 -11.57 10.09
CA ILE B 578 -28.39 -11.71 11.46
C ILE B 578 -26.89 -11.90 11.48
N LEU B 579 -26.37 -12.65 10.52
CA LEU B 579 -24.93 -12.85 10.46
C LEU B 579 -24.21 -11.58 10.00
N SER B 580 -24.70 -10.94 8.94
CA SER B 580 -24.07 -9.72 8.46
C SER B 580 -23.98 -8.66 9.56
N LEU B 581 -24.96 -8.62 10.46
CA LEU B 581 -24.93 -7.66 11.55
C LEU B 581 -23.75 -7.88 12.50
N LYS B 582 -23.39 -9.14 12.76
CA LYS B 582 -22.31 -9.41 13.72
C LYS B 582 -21.00 -8.76 13.30
N LEU B 583 -20.76 -8.58 11.99
CA LEU B 583 -19.52 -7.93 11.56
C LEU B 583 -19.57 -6.41 11.65
N LEU B 584 -20.76 -5.83 11.78
CA LEU B 584 -20.93 -4.41 12.13
C LEU B 584 -20.98 -4.22 13.63
N HIS B 585 -20.59 -5.24 14.40
CA HIS B 585 -20.63 -5.21 15.85
C HIS B 585 -22.02 -4.86 16.39
N ILE B 586 -23.06 -5.26 15.66
CA ILE B 586 -24.43 -5.23 16.17
C ILE B 586 -24.73 -6.65 16.61
N ASP B 587 -24.48 -6.95 17.88
CA ASP B 587 -24.46 -8.33 18.32
C ASP B 587 -25.83 -8.82 18.80
N ASP B 588 -26.79 -7.93 19.03
CA ASP B 588 -28.09 -8.36 19.50
C ASP B 588 -29.13 -8.15 18.40
N PRO B 589 -29.46 -9.18 17.62
CA PRO B 589 -30.39 -8.97 16.50
C PRO B 589 -31.82 -8.70 16.94
N TYR B 590 -32.25 -9.24 18.09
CA TYR B 590 -33.58 -8.91 18.60
C TYR B 590 -33.72 -7.42 18.84
N ARG B 591 -32.76 -6.80 19.53
CA ARG B 591 -32.85 -5.38 19.84
C ARG B 591 -32.77 -4.56 18.56
N PHE B 592 -31.85 -4.86 17.67
CA PHE B 592 -31.70 -4.01 16.50
C PHE B 592 -32.89 -4.16 15.56
N LEU B 593 -33.31 -5.39 15.27
CA LEU B 593 -34.38 -5.55 14.29
C LEU B 593 -35.72 -4.98 14.77
N GLN B 594 -35.94 -4.84 16.07
CA GLN B 594 -37.15 -4.17 16.61
C GLN B 594 -37.19 -2.68 16.29
N THR B 595 -36.06 -2.12 15.83
CA THR B 595 -35.85 -0.72 15.54
C THR B 595 -36.28 -0.31 14.13
N LEU B 596 -36.55 -1.28 13.26
CA LEU B 596 -36.91 -1.00 11.88
C LEU B 596 -38.32 -0.45 11.82
N ILE B 597 -38.66 0.12 10.67
CA ILE B 597 -39.98 0.72 10.50
C ILE B 597 -41.06 -0.30 10.78
N ASN B 598 -40.89 -1.51 10.27
CA ASN B 598 -41.71 -2.65 10.64
C ASN B 598 -40.82 -3.71 11.25
N ALA B 599 -41.06 -4.02 12.49
CA ALA B 599 -40.25 -5.00 13.16
C ALA B 599 -40.62 -6.40 12.66
N PRO B 600 -39.65 -7.23 12.32
CA PRO B 600 -39.96 -8.62 11.95
C PRO B 600 -40.39 -9.40 13.16
N ASN B 601 -41.03 -10.54 12.91
CA ASN B 601 -41.52 -11.35 14.02
C ASN B 601 -40.31 -11.87 14.80
N PRO B 602 -40.26 -11.68 16.12
CA PRO B 602 -39.13 -12.24 16.89
C PRO B 602 -38.99 -13.75 16.74
N GLU B 603 -40.10 -14.46 16.47
CA GLU B 603 -40.00 -15.90 16.21
C GLU B 603 -39.21 -16.19 14.95
N ALA B 604 -39.25 -15.29 13.96
CA ALA B 604 -38.42 -15.43 12.76
C ALA B 604 -36.95 -15.14 13.04
N ILE B 605 -36.66 -14.22 13.95
CA ILE B 605 -35.28 -13.99 14.36
C ILE B 605 -34.74 -15.20 15.12
N LYS B 606 -35.52 -15.72 16.06
CA LYS B 606 -35.15 -16.96 16.74
C LYS B 606 -34.84 -18.04 15.74
N MET B 607 -35.71 -18.17 14.73
CA MET B 607 -35.56 -19.25 13.79
C MET B 607 -34.30 -19.08 12.95
N GLY B 608 -33.91 -17.84 12.66
CA GLY B 608 -32.67 -17.63 11.95
C GLY B 608 -31.46 -17.91 12.81
N VAL B 609 -31.51 -17.51 14.09
CA VAL B 609 -30.37 -17.77 14.97
C VAL B 609 -30.18 -19.27 15.13
N GLU B 610 -31.27 -20.03 15.22
CA GLU B 610 -31.08 -21.45 15.46
C GLU B 610 -30.56 -22.15 14.22
N LEU B 611 -31.00 -21.72 13.06
CA LEU B 611 -30.38 -22.22 11.84
C LEU B 611 -28.89 -21.94 11.87
N LEU B 612 -28.52 -20.71 12.22
CA LEU B 612 -27.11 -20.35 12.26
C LEU B 612 -26.34 -21.10 13.36
N LYS B 613 -27.02 -21.46 14.46
CA LYS B 613 -26.32 -22.28 15.44
C LYS B 613 -26.19 -23.72 14.97
N ARG B 614 -27.11 -24.18 14.14
CA ARG B 614 -27.08 -25.54 13.63
C ARG B 614 -25.93 -25.74 12.66
N ILE B 615 -25.69 -24.78 11.77
CA ILE B 615 -24.54 -24.88 10.87
C ILE B 615 -23.28 -24.35 11.51
N GLU B 616 -23.34 -23.98 12.79
CA GLU B 616 -22.18 -23.61 13.60
C GLU B 616 -21.51 -22.31 13.13
N ALA B 617 -22.28 -21.42 12.52
CA ALA B 617 -21.83 -20.05 12.34
C ALA B 617 -21.90 -19.26 13.64
N LEU B 618 -22.77 -19.66 14.56
CA LEU B 618 -22.79 -19.17 15.93
C LEU B 618 -22.62 -20.33 16.88
N ASP B 619 -22.00 -20.06 18.03
CA ASP B 619 -21.93 -21.03 19.11
C ASP B 619 -23.21 -20.93 19.94
N GLN B 620 -23.28 -21.68 21.05
CA GLN B 620 -24.57 -21.87 21.68
C GLN B 620 -25.08 -20.64 22.42
N THR B 621 -24.18 -19.73 22.80
CA THR B 621 -24.56 -18.42 23.34
C THR B 621 -24.93 -17.39 22.28
N GLY B 622 -24.84 -17.74 20.99
CA GLY B 622 -25.14 -16.79 19.92
C GLY B 622 -23.96 -15.96 19.43
N THR B 623 -22.74 -16.29 19.81
CA THR B 623 -21.57 -15.54 19.38
C THR B 623 -20.95 -16.11 18.11
N LEU B 624 -20.37 -15.22 17.33
CA LEU B 624 -19.88 -15.59 16.03
C LEU B 624 -18.73 -16.58 16.17
N THR B 625 -18.71 -17.55 15.34
CA THR B 625 -17.59 -18.48 15.33
C THR B 625 -16.68 -18.13 14.17
N PRO B 626 -15.44 -18.61 14.18
CA PRO B 626 -14.55 -18.31 13.05
C PRO B 626 -15.14 -18.70 11.71
N LEU B 627 -15.85 -19.82 11.65
CA LEU B 627 -16.52 -20.13 10.41
C LEU B 627 -17.63 -19.13 10.12
N GLY B 628 -18.39 -18.75 11.14
CA GLY B 628 -19.48 -17.81 10.90
C GLY B 628 -19.00 -16.47 10.39
N MET B 629 -17.81 -16.04 10.81
CA MET B 629 -17.34 -14.76 10.32
C MET B 629 -16.95 -14.86 8.84
N HIS B 630 -16.38 -15.99 8.42
CA HIS B 630 -16.13 -16.21 6.99
C HIS B 630 -17.44 -16.14 6.21
N LEU B 631 -18.44 -16.91 6.63
CA LEU B 631 -19.74 -16.92 5.97
C LEU B 631 -20.35 -15.52 5.93
N ALA B 632 -20.08 -14.69 6.92
CA ALA B 632 -20.73 -13.38 6.95
C ALA B 632 -20.17 -12.46 5.88
N LYS B 633 -18.95 -12.69 5.44
CA LYS B 633 -18.32 -11.87 4.42
C LYS B 633 -18.64 -12.31 2.99
N LEU B 634 -19.12 -13.56 2.79
CA LEU B 634 -19.43 -14.02 1.45
C LEU B 634 -20.79 -13.49 1.01
N PRO B 635 -20.89 -12.91 -0.18
CA PRO B 635 -22.15 -12.34 -0.67
C PRO B 635 -23.19 -13.39 -1.07
N ILE B 636 -23.52 -14.30 -0.16
CA ILE B 636 -24.42 -15.39 -0.47
C ILE B 636 -24.95 -15.89 0.86
N ASP B 637 -26.15 -16.46 0.83
CA ASP B 637 -26.78 -16.90 2.07
C ASP B 637 -25.91 -17.98 2.74
N PRO B 638 -25.92 -18.06 4.07
CA PRO B 638 -24.84 -18.76 4.79
C PRO B 638 -24.77 -20.28 4.56
N GLN B 639 -25.89 -20.97 4.33
CA GLN B 639 -25.81 -22.40 4.06
C GLN B 639 -25.00 -22.66 2.79
N MET B 640 -25.32 -21.95 1.72
CA MET B 640 -24.58 -22.15 0.49
C MET B 640 -23.20 -21.50 0.54
N GLY B 641 -22.99 -20.54 1.43
CA GLY B 641 -21.61 -20.16 1.71
C GLY B 641 -20.84 -21.33 2.28
N LYS B 642 -21.44 -22.03 3.25
CA LYS B 642 -20.79 -23.19 3.84
C LYS B 642 -20.42 -24.20 2.79
N MET B 643 -21.33 -24.42 1.85
CA MET B 643 -21.08 -25.41 0.81
C MET B 643 -19.91 -25.00 -0.07
N ILE B 644 -19.83 -23.72 -0.40
CA ILE B 644 -18.73 -23.25 -1.23
C ILE B 644 -17.39 -23.51 -0.54
N LEU B 645 -17.31 -23.30 0.78
CA LEU B 645 -16.05 -23.61 1.46
C LEU B 645 -15.79 -25.09 1.50
N MET B 646 -16.82 -25.91 1.78
CA MET B 646 -16.58 -27.35 1.78
C MET B 646 -15.96 -27.76 0.47
N SER B 647 -16.44 -27.17 -0.62
CA SER B 647 -15.91 -27.52 -1.92
C SER B 647 -14.50 -27.03 -2.11
N ALA B 648 -14.04 -26.06 -1.32
CA ALA B 648 -12.62 -25.71 -1.33
C ALA B 648 -11.82 -26.80 -0.66
N LEU B 649 -12.27 -27.23 0.52
CA LEU B 649 -11.53 -28.23 1.26
C LEU B 649 -11.60 -29.60 0.60
N PHE B 650 -12.58 -29.83 -0.27
CA PHE B 650 -12.81 -31.15 -0.85
C PHE B 650 -12.51 -31.18 -2.34
N CYS B 651 -11.90 -30.12 -2.87
CA CYS B 651 -11.40 -30.09 -4.25
C CYS B 651 -12.49 -30.37 -5.28
N CYS B 652 -13.68 -29.79 -5.10
CA CYS B 652 -14.75 -29.85 -6.11
C CYS B 652 -15.39 -28.45 -6.31
N LEU B 653 -14.53 -27.45 -6.46
CA LEU B 653 -14.93 -26.06 -6.45
C LEU B 653 -15.85 -25.70 -7.61
N ASP B 654 -15.55 -26.18 -8.81
CA ASP B 654 -16.24 -25.62 -9.97
C ASP B 654 -17.70 -26.04 -10.03
N PRO B 655 -18.05 -27.32 -9.91
CA PRO B 655 -19.47 -27.68 -9.90
C PRO B 655 -20.22 -27.11 -8.73
N ILE B 656 -19.57 -26.94 -7.58
CA ILE B 656 -20.34 -26.59 -6.39
C ILE B 656 -20.71 -25.12 -6.42
N THR B 657 -19.77 -24.27 -6.84
CA THR B 657 -20.10 -22.87 -7.09
C THR B 657 -21.18 -22.75 -8.16
N SER B 658 -21.21 -23.65 -9.14
CA SER B 658 -22.31 -23.57 -10.10
C SER B 658 -23.65 -23.82 -9.42
N ALA B 659 -23.72 -24.84 -8.55
CA ALA B 659 -24.94 -25.07 -7.79
C ALA B 659 -25.27 -23.87 -6.91
N ALA B 660 -24.27 -23.31 -6.23
CA ALA B 660 -24.52 -22.15 -5.37
C ALA B 660 -25.06 -20.96 -6.16
N ALA B 661 -24.37 -20.57 -7.24
CA ALA B 661 -24.78 -19.40 -8.00
C ALA B 661 -26.20 -19.53 -8.54
N ALA B 662 -26.54 -20.70 -9.09
CA ALA B 662 -27.89 -20.84 -9.64
C ALA B 662 -28.94 -20.82 -8.54
N LEU B 663 -28.60 -21.32 -7.35
CA LEU B 663 -29.54 -21.26 -6.24
C LEU B 663 -29.65 -19.86 -5.70
N SER B 664 -28.51 -19.16 -5.58
CA SER B 664 -28.57 -17.78 -5.14
C SER B 664 -29.23 -16.89 -6.18
N PHE B 665 -28.81 -16.96 -7.45
CA PHE B 665 -29.54 -16.09 -8.36
C PHE B 665 -30.70 -16.71 -9.13
N LYS B 666 -30.45 -17.68 -10.01
CA LYS B 666 -31.58 -18.22 -10.80
C LYS B 666 -31.11 -19.33 -11.74
N SER B 667 -32.04 -20.13 -12.25
CA SER B 667 -31.68 -21.03 -13.33
C SER B 667 -31.53 -20.28 -14.64
N PRO B 668 -30.64 -20.73 -15.55
CA PRO B 668 -30.47 -20.08 -16.85
C PRO B 668 -31.51 -20.45 -17.90
N PHE B 669 -32.43 -21.37 -17.61
CA PHE B 669 -33.40 -21.83 -18.59
C PHE B 669 -34.61 -20.90 -18.70
N TYR B 670 -34.95 -20.52 -19.94
CA TYR B 670 -36.24 -19.94 -20.24
C TYR B 670 -37.34 -21.00 -20.19
N SER B 671 -38.60 -20.54 -20.19
CA SER B 671 -39.77 -21.42 -20.27
C SER B 671 -40.75 -20.80 -21.25
N PRO B 672 -40.51 -20.94 -22.55
CA PRO B 672 -41.35 -20.24 -23.53
C PRO B 672 -42.69 -20.90 -23.72
N LEU B 673 -43.69 -20.07 -24.03
CA LEU B 673 -45.06 -20.53 -24.17
C LEU B 673 -45.13 -21.62 -25.23
N GLY B 674 -45.83 -22.71 -24.91
CA GLY B 674 -46.03 -23.80 -25.83
C GLY B 674 -44.88 -24.78 -25.95
N LYS B 675 -43.69 -24.43 -25.47
CA LYS B 675 -42.52 -25.28 -25.62
C LYS B 675 -42.16 -26.01 -24.33
N GLU B 676 -43.11 -26.19 -23.42
CA GLU B 676 -42.80 -26.82 -22.13
C GLU B 676 -42.40 -28.28 -22.32
N SER B 677 -43.06 -28.96 -23.26
CA SER B 677 -42.70 -30.34 -23.56
C SER B 677 -41.27 -30.43 -24.08
N ARG B 678 -40.84 -29.45 -24.88
CA ARG B 678 -39.48 -29.46 -25.38
C ARG B 678 -38.49 -29.02 -24.30
N VAL B 679 -38.92 -28.18 -23.39
CA VAL B 679 -38.04 -27.76 -22.29
C VAL B 679 -37.73 -28.93 -21.39
N ASP B 680 -38.72 -29.77 -21.14
CA ASP B 680 -38.50 -30.93 -20.26
C ASP B 680 -37.36 -31.81 -20.79
N GLU B 681 -37.30 -32.06 -22.09
CA GLU B 681 -36.23 -32.94 -22.55
C GLU B 681 -34.88 -32.25 -22.57
N ILE B 682 -34.83 -30.95 -22.85
CA ILE B 682 -33.52 -30.27 -22.84
C ILE B 682 -32.87 -30.40 -21.47
N LYS B 683 -33.66 -30.28 -20.40
CA LYS B 683 -33.05 -30.45 -19.08
C LYS B 683 -32.82 -31.90 -18.71
N ARG B 684 -33.65 -32.83 -19.19
CA ARG B 684 -33.35 -34.24 -18.94
C ARG B 684 -32.03 -34.59 -19.61
N ARG B 685 -31.82 -34.05 -20.81
CA ARG B 685 -30.59 -34.33 -21.52
C ARG B 685 -29.41 -33.66 -20.83
N MET B 686 -29.57 -32.42 -20.42
CA MET B 686 -28.46 -31.75 -19.76
C MET B 686 -28.23 -32.28 -18.35
N ALA B 687 -29.20 -32.98 -17.77
CA ALA B 687 -28.95 -33.60 -16.47
C ALA B 687 -28.09 -34.85 -16.56
N ARG B 688 -27.86 -35.39 -17.76
CA ARG B 688 -26.95 -36.52 -17.94
C ARG B 688 -27.31 -37.66 -17.00
N ASN B 689 -28.59 -37.85 -16.77
CA ASN B 689 -29.10 -38.91 -15.92
C ASN B 689 -28.53 -38.89 -14.51
N MET B 690 -28.06 -37.76 -14.02
CA MET B 690 -27.50 -37.67 -12.69
C MET B 690 -28.52 -37.32 -11.61
N ARG B 691 -29.78 -37.09 -11.95
CA ARG B 691 -30.82 -36.93 -10.93
C ARG B 691 -30.65 -35.71 -10.04
N SER B 692 -30.12 -34.61 -10.56
CA SER B 692 -29.88 -33.43 -9.75
C SER B 692 -30.17 -32.18 -10.57
N ASP B 693 -31.06 -31.34 -10.07
CA ASP B 693 -31.24 -30.05 -10.75
C ASP B 693 -29.97 -29.21 -10.64
N HIS B 694 -29.23 -29.31 -9.55
CA HIS B 694 -28.07 -28.46 -9.36
C HIS B 694 -26.92 -28.88 -10.26
N LEU B 695 -26.54 -30.18 -10.24
CA LEU B 695 -25.52 -30.64 -11.18
C LEU B 695 -25.95 -30.34 -12.62
N MET B 696 -27.24 -30.51 -12.90
CA MET B 696 -27.80 -30.16 -14.20
C MET B 696 -27.45 -28.72 -14.57
N VAL B 697 -27.48 -27.80 -13.60
CA VAL B 697 -27.06 -26.44 -13.90
C VAL B 697 -25.58 -26.40 -14.22
N HIS B 698 -24.77 -27.15 -13.47
CA HIS B 698 -23.34 -27.11 -13.73
C HIS B 698 -22.98 -27.65 -15.11
N ASN B 699 -23.59 -28.77 -15.52
CA ASN B 699 -23.29 -29.30 -16.86
C ASN B 699 -23.70 -28.31 -17.94
N THR B 700 -24.75 -27.52 -17.67
CA THR B 700 -25.13 -26.46 -18.62
C THR B 700 -24.01 -25.44 -18.81
N ILE B 701 -23.37 -25.03 -17.72
CA ILE B 701 -22.28 -24.06 -17.83
C ILE B 701 -21.12 -24.65 -18.62
N ILE B 702 -20.79 -25.92 -18.34
CA ILE B 702 -19.72 -26.62 -19.04
C ILE B 702 -19.97 -26.60 -20.53
N ALA B 703 -21.19 -26.93 -20.94
CA ALA B 703 -21.54 -26.85 -22.34
C ALA B 703 -21.47 -25.42 -22.85
N TYR B 704 -21.95 -24.46 -22.04
CA TYR B 704 -21.89 -23.06 -22.43
C TYR B 704 -20.44 -22.63 -22.73
N ARG B 705 -19.50 -23.01 -21.86
CA ARG B 705 -18.10 -22.64 -22.11
C ARG B 705 -17.61 -23.18 -23.42
N ASP B 706 -17.86 -24.46 -23.68
CA ASP B 706 -17.36 -25.06 -24.91
C ASP B 706 -18.03 -24.46 -26.14
N SER B 707 -19.29 -24.04 -26.01
CA SER B 707 -19.92 -23.35 -27.12
C SER B 707 -19.30 -21.98 -27.35
N ARG B 708 -18.67 -21.39 -26.33
CA ARG B 708 -17.88 -20.19 -26.58
C ARG B 708 -16.51 -20.52 -27.16
N TYR B 709 -15.91 -21.63 -26.70
CA TYR B 709 -14.65 -22.08 -27.27
C TYR B 709 -14.82 -22.43 -28.75
N SER B 710 -16.05 -22.70 -29.17
CA SER B 710 -16.35 -23.14 -30.53
C SER B 710 -17.01 -22.05 -31.34
N HIS B 711 -17.15 -20.85 -30.80
CA HIS B 711 -17.88 -19.78 -31.46
C HIS B 711 -19.30 -20.18 -31.84
N ALA B 712 -19.89 -21.16 -31.15
CA ALA B 712 -21.28 -21.52 -31.35
C ALA B 712 -22.18 -21.05 -30.21
N GLU B 713 -21.82 -19.95 -29.56
CA GLU B 713 -22.54 -19.52 -28.36
C GLU B 713 -24.01 -19.29 -28.65
N ARG B 714 -24.31 -18.46 -29.65
CA ARG B 714 -25.70 -18.08 -29.91
C ARG B 714 -26.53 -19.26 -30.38
N ASP B 715 -25.99 -20.08 -31.30
CA ASP B 715 -26.65 -21.33 -31.70
C ASP B 715 -26.95 -22.23 -30.50
N PHE B 716 -25.96 -22.41 -29.62
CA PHE B 716 -26.15 -23.24 -28.44
C PHE B 716 -27.29 -22.73 -27.57
N CYS B 717 -27.33 -21.41 -27.29
CA CYS B 717 -28.39 -20.87 -26.44
C CYS B 717 -29.76 -20.98 -27.11
N TYR B 718 -29.80 -20.71 -28.41
CA TYR B 718 -31.05 -20.90 -29.16
C TYR B 718 -31.54 -22.34 -29.07
N LYS B 719 -30.65 -23.30 -29.31
CA LYS B 719 -31.09 -24.69 -29.37
C LYS B 719 -31.59 -25.20 -28.03
N ASN B 720 -31.09 -24.65 -26.93
CA ASN B 720 -31.39 -25.18 -25.61
C ASN B 720 -32.20 -24.26 -24.71
N PHE B 721 -32.80 -23.19 -25.25
CA PHE B 721 -33.66 -22.28 -24.48
C PHE B 721 -32.96 -21.73 -23.25
N LEU B 722 -31.76 -21.19 -23.46
CA LEU B 722 -30.93 -20.67 -22.39
C LEU B 722 -30.77 -19.16 -22.51
N SER B 723 -30.76 -18.49 -21.37
CA SER B 723 -30.49 -17.06 -21.35
C SER B 723 -28.98 -16.85 -21.32
N SER B 724 -28.46 -16.31 -22.40
CA SER B 724 -27.04 -16.00 -22.43
C SER B 724 -26.65 -15.06 -21.28
N MET B 725 -27.50 -14.09 -20.95
CA MET B 725 -27.10 -13.09 -19.96
C MET B 725 -27.00 -13.66 -18.56
N THR B 726 -27.92 -14.54 -18.17
CA THR B 726 -27.78 -15.09 -16.83
C THR B 726 -26.63 -16.11 -16.78
N LEU B 727 -26.34 -16.84 -17.87
CA LEU B 727 -25.18 -17.72 -17.84
C LEU B 727 -23.91 -16.91 -17.61
N GLN B 728 -23.78 -15.76 -18.30
CA GLN B 728 -22.58 -14.97 -18.08
C GLN B 728 -22.53 -14.46 -16.65
N GLN B 729 -23.68 -14.13 -16.09
CA GLN B 729 -23.66 -13.66 -14.72
C GLN B 729 -23.33 -14.80 -13.77
N LEU B 730 -23.92 -15.98 -13.96
CA LEU B 730 -23.52 -17.13 -13.14
C LEU B 730 -22.02 -17.36 -13.21
N GLU B 731 -21.44 -17.22 -14.40
CA GLU B 731 -19.98 -17.34 -14.48
C GLU B 731 -19.27 -16.22 -13.73
N ARG B 732 -19.70 -14.95 -13.85
CA ARG B 732 -19.00 -13.93 -13.06
C ARG B 732 -19.20 -14.13 -11.58
N MET B 733 -20.32 -14.73 -11.18
CA MET B 733 -20.47 -15.02 -9.76
C MET B 733 -19.59 -16.14 -9.27
N LYS B 734 -19.45 -17.20 -10.04
CA LYS B 734 -18.57 -18.29 -9.60
C LYS B 734 -17.14 -17.77 -9.43
N ASN B 735 -16.68 -16.95 -10.37
CA ASN B 735 -15.34 -16.41 -10.20
C ASN B 735 -15.26 -15.44 -9.02
N GLN B 736 -16.37 -14.80 -8.64
CA GLN B 736 -16.25 -13.93 -7.49
C GLN B 736 -16.14 -14.71 -6.19
N PHE B 737 -16.83 -15.86 -6.08
CA PHE B 737 -16.65 -16.72 -4.91
C PHE B 737 -15.23 -17.30 -4.85
N SER B 738 -14.71 -17.84 -5.96
CA SER B 738 -13.37 -18.40 -5.89
C SER B 738 -12.34 -17.31 -5.58
N GLU B 739 -12.56 -16.10 -6.11
CA GLU B 739 -11.60 -15.03 -5.85
C GLU B 739 -11.60 -14.65 -4.37
N LEU B 740 -12.78 -14.60 -3.75
CA LEU B 740 -12.84 -14.34 -2.32
C LEU B 740 -12.16 -15.46 -1.53
N LEU B 741 -12.49 -16.71 -1.84
CA LEU B 741 -11.86 -17.81 -1.12
C LEU B 741 -10.35 -17.80 -1.30
N TYR B 742 -9.88 -17.44 -2.48
CA TYR B 742 -8.43 -17.26 -2.65
C TYR B 742 -7.90 -16.19 -1.71
N ASN B 743 -8.59 -15.06 -1.60
CA ASN B 743 -8.07 -14.00 -0.74
C ASN B 743 -8.12 -14.40 0.73
N TYR B 744 -9.09 -15.23 1.11
CA TYR B 744 -9.19 -15.75 2.46
C TYR B 744 -8.25 -16.94 2.72
N LYS B 745 -7.40 -17.31 1.75
CA LYS B 745 -6.38 -18.35 1.91
C LYS B 745 -6.97 -19.76 1.99
N PHE B 746 -8.11 -20.02 1.35
CA PHE B 746 -8.67 -21.38 1.24
C PHE B 746 -8.33 -22.04 -0.09
N LEU B 747 -7.95 -21.27 -1.10
CA LEU B 747 -7.52 -21.80 -2.36
C LEU B 747 -6.15 -21.26 -2.75
N ALA B 748 -5.43 -22.11 -3.47
CA ALA B 748 -4.12 -21.76 -3.98
C ALA B 748 -4.23 -20.85 -5.19
N SER B 749 -5.38 -20.87 -5.87
CA SER B 749 -5.62 -20.09 -7.08
C SER B 749 -7.00 -19.42 -7.02
N SER B 750 -7.07 -18.21 -7.54
CA SER B 750 -8.35 -17.52 -7.63
C SER B 750 -9.24 -18.01 -8.76
N ASN B 751 -8.77 -18.93 -9.59
CA ASN B 751 -9.50 -19.40 -10.75
C ASN B 751 -10.41 -20.53 -10.30
N CYS B 752 -11.73 -20.41 -10.52
CA CYS B 752 -12.56 -21.49 -10.02
C CYS B 752 -12.52 -22.71 -10.92
N LYS B 753 -11.84 -22.64 -12.06
CA LYS B 753 -11.61 -23.83 -12.86
C LYS B 753 -10.22 -24.40 -12.67
N ASP B 754 -9.47 -23.91 -11.69
CA ASP B 754 -8.10 -24.39 -11.52
C ASP B 754 -8.05 -25.87 -11.19
N ALA B 755 -7.09 -26.57 -11.79
CA ALA B 755 -7.03 -28.02 -11.67
C ALA B 755 -6.81 -28.44 -10.22
N ALA B 756 -5.96 -27.72 -9.49
CA ALA B 756 -5.70 -28.13 -8.12
C ALA B 756 -6.95 -28.07 -7.26
N SER B 757 -7.84 -27.12 -7.54
CA SER B 757 -9.10 -26.96 -6.83
C SER B 757 -10.16 -27.95 -7.28
N ASN B 758 -9.88 -28.78 -8.30
CA ASN B 758 -10.96 -29.53 -8.93
C ASN B 758 -10.63 -31.00 -9.15
N LYS B 759 -9.71 -31.58 -8.37
CA LYS B 759 -9.35 -32.97 -8.64
C LYS B 759 -10.48 -33.93 -8.31
N ASN B 760 -11.44 -33.52 -7.51
CA ASN B 760 -12.59 -34.36 -7.24
C ASN B 760 -13.85 -33.91 -7.96
N SER B 761 -13.73 -32.95 -8.89
CA SER B 761 -14.91 -32.34 -9.49
C SER B 761 -15.69 -33.30 -10.39
N GLU B 762 -15.14 -34.48 -10.67
CA GLU B 762 -15.82 -35.50 -11.48
C GLU B 762 -16.43 -36.64 -10.66
N LYS B 763 -16.16 -36.72 -9.38
CA LYS B 763 -16.67 -37.82 -8.58
C LYS B 763 -18.09 -37.46 -8.16
N ILE B 764 -19.07 -37.94 -8.93
CA ILE B 764 -20.47 -37.57 -8.69
C ILE B 764 -20.90 -37.86 -7.25
N PRO B 765 -20.62 -39.03 -6.66
CA PRO B 765 -21.09 -39.23 -5.28
C PRO B 765 -20.49 -38.24 -4.30
N LEU B 766 -19.27 -37.77 -4.57
CA LEU B 766 -18.66 -36.76 -3.73
C LEU B 766 -19.37 -35.40 -3.86
N LEU B 767 -19.81 -35.03 -5.07
CA LEU B 767 -20.52 -33.77 -5.22
C LEU B 767 -21.91 -33.86 -4.57
N ARG B 768 -22.57 -35.02 -4.59
CA ARG B 768 -23.84 -35.02 -3.89
C ARG B 768 -23.66 -34.95 -2.38
N ALA B 769 -22.50 -35.36 -1.87
CA ALA B 769 -22.24 -35.16 -0.45
C ALA B 769 -22.10 -33.68 -0.12
N ILE B 770 -21.38 -32.93 -0.98
CA ILE B 770 -21.18 -31.50 -0.74
C ILE B 770 -22.46 -30.70 -0.95
N ILE B 771 -23.22 -31.02 -2.01
CA ILE B 771 -24.54 -30.43 -2.19
C ILE B 771 -25.42 -30.75 -0.99
N GLY B 772 -25.43 -32.03 -0.56
CA GLY B 772 -26.23 -32.39 0.59
C GLY B 772 -25.81 -31.65 1.85
N ALA B 773 -24.49 -31.42 2.02
CA ALA B 773 -24.03 -30.62 3.16
C ALA B 773 -24.62 -29.23 3.15
N GLY B 774 -24.94 -28.69 1.98
CA GLY B 774 -25.46 -27.33 1.93
C GLY B 774 -26.96 -27.22 2.15
N LEU B 775 -27.73 -28.13 1.56
CA LEU B 775 -29.17 -28.10 1.62
C LEU B 775 -29.74 -28.89 2.81
N TYR B 776 -28.93 -29.69 3.48
CA TYR B 776 -29.33 -30.27 4.75
C TYR B 776 -29.74 -29.14 5.70
N PRO B 777 -30.86 -29.26 6.43
CA PRO B 777 -31.58 -30.52 6.61
C PRO B 777 -32.83 -30.70 5.76
N ASN B 778 -32.91 -30.08 4.58
CA ASN B 778 -34.08 -30.26 3.72
C ASN B 778 -33.94 -31.59 2.99
N MET B 779 -34.52 -32.64 3.58
CA MET B 779 -34.44 -33.99 3.07
C MET B 779 -35.83 -34.50 2.70
N ALA B 780 -35.88 -35.41 1.74
CA ALA B 780 -37.12 -36.12 1.44
C ALA B 780 -36.83 -37.57 1.08
N HIS B 781 -37.82 -38.42 1.30
CA HIS B 781 -37.70 -39.85 1.07
C HIS B 781 -38.83 -40.31 0.16
N LEU B 782 -38.48 -40.96 -0.94
CA LEU B 782 -39.44 -41.53 -1.86
C LEU B 782 -39.68 -42.96 -1.40
N ARG B 783 -40.96 -43.35 -1.27
CA ARG B 783 -41.25 -44.63 -0.66
C ARG B 783 -41.91 -45.62 -1.60
N LYS B 784 -42.52 -45.16 -2.69
CA LYS B 784 -43.08 -46.08 -3.67
C LYS B 784 -43.09 -45.38 -5.02
N SER B 785 -42.95 -46.18 -6.07
CA SER B 785 -42.92 -45.69 -7.44
C SER B 785 -43.86 -46.58 -8.24
N ARG B 786 -45.01 -46.04 -8.64
CA ARG B 786 -45.96 -46.78 -9.45
C ARG B 786 -45.73 -46.49 -10.95
N GLN B 787 -46.49 -47.16 -11.81
CA GLN B 787 -46.42 -46.99 -13.27
C GLN B 787 -47.65 -47.60 -13.94
N ARG B 793 -44.09 -41.92 -17.79
CA ARG B 793 -44.05 -41.17 -16.53
C ARG B 793 -44.59 -42.00 -15.33
N ALA B 794 -44.11 -41.69 -14.12
CA ALA B 794 -44.48 -42.42 -12.91
C ALA B 794 -45.11 -41.50 -11.86
N ILE B 795 -45.91 -42.11 -10.95
CA ILE B 795 -46.43 -41.39 -9.80
C ILE B 795 -45.57 -41.70 -8.57
N HIS B 796 -45.47 -40.73 -7.67
CA HIS B 796 -44.51 -40.75 -6.56
C HIS B 796 -45.22 -40.68 -5.22
N THR B 797 -44.89 -41.60 -4.32
CA THR B 797 -45.27 -41.51 -2.91
C THR B 797 -44.04 -41.05 -2.13
N MET B 798 -43.92 -39.74 -1.94
CA MET B 798 -42.73 -39.16 -1.35
C MET B 798 -43.11 -38.20 -0.21
N ALA B 799 -42.24 -38.08 0.78
CA ALA B 799 -42.50 -37.20 1.91
C ALA B 799 -41.19 -36.61 2.43
N THR B 800 -41.25 -35.36 2.87
CA THR B 800 -40.10 -34.68 3.49
C THR B 800 -39.90 -35.20 4.92
N ASP B 801 -38.79 -34.77 5.53
CA ASP B 801 -38.41 -35.28 6.86
C ASP B 801 -39.43 -34.95 7.95
N ASP B 802 -40.33 -34.00 7.69
CA ASP B 802 -41.33 -33.61 8.67
C ASP B 802 -42.65 -34.37 8.49
N GLY B 803 -42.71 -35.33 7.57
CA GLY B 803 -43.87 -36.17 7.42
C GLY B 803 -44.81 -35.77 6.31
N ARG B 804 -44.67 -34.57 5.75
CA ARG B 804 -45.62 -34.07 4.77
C ARG B 804 -45.37 -34.68 3.41
N ARG B 805 -46.44 -35.06 2.73
CA ARG B 805 -46.30 -35.66 1.41
C ARG B 805 -46.06 -34.55 0.39
N VAL B 806 -45.06 -34.77 -0.49
CA VAL B 806 -44.61 -33.80 -1.48
C VAL B 806 -44.46 -34.49 -2.82
N ASN B 807 -44.39 -33.69 -3.89
CA ASN B 807 -43.93 -34.20 -5.18
C ASN B 807 -42.84 -33.28 -5.73
N PHE B 808 -42.11 -33.79 -6.74
CA PHE B 808 -41.20 -32.94 -7.49
C PHE B 808 -42.00 -31.95 -8.33
N HIS B 809 -41.62 -30.69 -8.28
CA HIS B 809 -42.25 -29.75 -9.18
C HIS B 809 -41.98 -30.18 -10.62
N PRO B 810 -42.99 -30.13 -11.50
CA PRO B 810 -42.77 -30.56 -12.89
C PRO B 810 -41.68 -29.80 -13.62
N SER B 811 -41.25 -28.63 -13.13
CA SER B 811 -40.11 -27.98 -13.74
C SER B 811 -38.78 -28.64 -13.36
N SER B 812 -38.79 -29.45 -12.30
CA SER B 812 -37.59 -30.14 -11.85
C SER B 812 -37.28 -31.34 -12.74
N VAL B 813 -35.99 -31.63 -12.90
CA VAL B 813 -35.61 -32.78 -13.71
C VAL B 813 -36.07 -34.10 -13.12
N ASN B 814 -36.46 -34.16 -11.85
CA ASN B 814 -36.82 -35.44 -11.27
C ASN B 814 -38.32 -35.74 -11.36
N SER B 815 -39.10 -34.76 -11.80
CA SER B 815 -40.53 -34.94 -11.98
C SER B 815 -40.81 -36.09 -12.94
N GLY B 816 -41.47 -37.13 -12.42
CA GLY B 816 -41.94 -38.24 -13.24
C GLY B 816 -40.95 -39.37 -13.54
N GLU B 817 -39.68 -39.25 -13.14
CA GLU B 817 -38.72 -40.30 -13.42
C GLU B 817 -38.90 -41.53 -12.51
N SER B 818 -38.36 -42.67 -12.97
CA SER B 818 -38.58 -43.97 -12.33
C SER B 818 -37.34 -44.64 -11.76
N GLY B 819 -36.22 -44.64 -12.48
CA GLY B 819 -35.06 -45.41 -12.05
C GLY B 819 -34.10 -44.72 -11.11
N PHE B 820 -34.55 -44.36 -9.92
CA PHE B 820 -33.66 -43.74 -8.95
C PHE B 820 -32.86 -44.83 -8.25
N ASP B 821 -31.53 -44.65 -8.18
CA ASP B 821 -30.69 -45.56 -7.40
C ASP B 821 -30.76 -45.33 -5.90
N SER B 822 -31.21 -44.16 -5.47
CA SER B 822 -31.38 -43.85 -4.05
C SER B 822 -32.72 -43.16 -3.85
N ALA B 823 -33.40 -43.52 -2.79
CA ALA B 823 -34.72 -43.02 -2.50
C ALA B 823 -34.71 -41.69 -1.72
N TYR B 824 -33.55 -41.04 -1.59
CA TYR B 824 -33.43 -39.85 -0.74
C TYR B 824 -32.97 -38.64 -1.54
N PHE B 825 -33.52 -37.48 -1.20
CA PHE B 825 -33.26 -36.26 -1.93
C PHE B 825 -33.10 -35.11 -0.95
N VAL B 826 -32.32 -34.12 -1.36
CA VAL B 826 -32.27 -32.82 -0.69
C VAL B 826 -32.79 -31.77 -1.65
N TYR B 827 -33.25 -30.65 -1.09
CA TYR B 827 -33.91 -29.61 -1.88
C TYR B 827 -33.59 -28.23 -1.30
N PHE B 828 -33.63 -27.20 -2.17
CA PHE B 828 -33.42 -25.88 -1.61
C PHE B 828 -34.72 -25.23 -1.16
N GLN B 829 -35.80 -25.37 -1.94
CA GLN B 829 -37.04 -24.71 -1.58
C GLN B 829 -38.26 -25.57 -1.87
N ARG B 830 -39.07 -25.77 -0.83
CA ARG B 830 -40.37 -26.42 -0.90
C ARG B 830 -41.45 -25.35 -0.99
N GLN B 831 -42.45 -25.56 -1.85
CA GLN B 831 -43.52 -24.56 -1.95
C GLN B 831 -44.80 -25.18 -2.48
N LYS B 832 -45.93 -24.78 -1.85
CA LYS B 832 -47.28 -25.28 -2.13
C LYS B 832 -47.98 -24.34 -3.08
N SER B 833 -48.31 -24.77 -4.31
CA SER B 833 -49.47 -24.14 -4.92
C SER B 833 -50.69 -25.02 -5.20
N THR B 834 -50.56 -26.10 -5.97
CA THR B 834 -51.62 -27.09 -6.17
C THR B 834 -51.43 -28.29 -5.28
N ASP B 835 -50.25 -28.39 -4.70
CA ASP B 835 -49.72 -29.51 -3.96
C ASP B 835 -48.46 -28.98 -3.35
N LEU B 836 -47.84 -29.78 -2.52
CA LEU B 836 -46.62 -29.38 -1.85
C LEU B 836 -45.43 -29.91 -2.65
N PHE B 837 -44.67 -29.01 -3.27
CA PHE B 837 -43.67 -29.36 -4.28
C PHE B 837 -42.24 -29.08 -3.81
N LEU B 838 -41.30 -29.90 -4.31
CA LEU B 838 -39.88 -29.56 -4.27
C LEU B 838 -39.52 -28.87 -5.58
N LEU B 839 -38.98 -27.64 -5.51
CA LEU B 839 -38.69 -26.88 -6.71
C LEU B 839 -37.43 -27.33 -7.40
N ASP B 840 -36.58 -28.03 -6.68
CA ASP B 840 -35.26 -28.40 -7.14
C ASP B 840 -34.81 -29.52 -6.21
N SER B 841 -34.14 -30.53 -6.75
CA SER B 841 -33.73 -31.61 -5.87
C SER B 841 -32.49 -32.28 -6.44
N THR B 842 -31.68 -32.78 -5.51
CA THR B 842 -30.55 -33.63 -5.84
C THR B 842 -30.70 -34.93 -5.07
N MET B 843 -30.56 -36.06 -5.78
CA MET B 843 -30.57 -37.35 -5.13
C MET B 843 -29.28 -37.57 -4.35
N VAL B 844 -29.41 -38.02 -3.12
CA VAL B 844 -28.28 -38.15 -2.21
C VAL B 844 -28.23 -39.57 -1.65
N PHE B 845 -27.09 -39.95 -1.12
CA PHE B 845 -27.00 -41.30 -0.52
C PHE B 845 -26.92 -41.23 1.00
N PRO B 846 -27.47 -42.23 1.70
CA PRO B 846 -27.47 -42.19 3.18
C PRO B 846 -26.11 -41.94 3.79
N MET B 847 -25.06 -42.53 3.22
CA MET B 847 -23.75 -42.37 3.83
C MET B 847 -23.27 -40.92 3.76
N ALA B 848 -23.66 -40.16 2.72
CA ALA B 848 -23.29 -38.75 2.64
C ALA B 848 -24.01 -37.92 3.69
N LEU B 849 -25.31 -38.17 3.87
CA LEU B 849 -26.05 -37.46 4.92
C LEU B 849 -25.46 -37.77 6.30
N ILE B 850 -25.23 -39.05 6.60
CA ILE B 850 -24.72 -39.44 7.91
C ILE B 850 -23.37 -38.76 8.21
N ILE B 851 -22.49 -38.67 7.19
CA ILE B 851 -21.15 -38.13 7.40
C ILE B 851 -21.18 -36.63 7.63
N PHE B 852 -22.00 -35.91 6.89
CA PHE B 852 -22.02 -34.46 6.98
C PHE B 852 -23.20 -33.91 7.78
N GLY B 853 -24.19 -34.75 8.10
CA GLY B 853 -25.38 -34.28 8.79
C GLY B 853 -25.17 -34.16 10.29
N ASP B 854 -26.26 -34.27 11.03
CA ASP B 854 -26.19 -34.28 12.49
C ASP B 854 -27.29 -35.21 12.99
N GLY B 855 -27.39 -35.33 14.30
CA GLY B 855 -28.41 -36.22 14.84
C GLY B 855 -28.06 -37.67 14.58
N VAL B 856 -26.77 -38.01 14.67
CA VAL B 856 -26.29 -39.31 14.26
C VAL B 856 -25.99 -40.13 15.51
N GLU B 857 -26.65 -41.27 15.66
CA GLU B 857 -26.32 -42.22 16.71
C GLU B 857 -26.38 -43.63 16.14
N ALA B 858 -25.66 -44.52 16.81
CA ALA B 858 -25.76 -45.95 16.51
C ALA B 858 -26.39 -46.65 17.69
N GLY B 859 -27.16 -47.69 17.39
CA GLY B 859 -27.78 -48.43 18.46
C GLY B 859 -28.34 -49.71 17.95
N VAL B 860 -29.26 -50.27 18.75
CA VAL B 860 -29.96 -51.50 18.42
C VAL B 860 -31.46 -51.29 18.64
N THR B 861 -32.23 -51.47 17.58
CA THR B 861 -33.67 -51.62 17.50
C THR B 861 -33.84 -52.92 16.71
N GLN B 862 -35.05 -53.31 16.31
CA GLN B 862 -35.70 -54.44 16.91
C GLN B 862 -34.75 -55.58 17.22
N ASN B 863 -33.95 -56.11 16.28
CA ASN B 863 -32.73 -56.76 16.74
C ASN B 863 -31.53 -56.47 15.86
N THR B 864 -31.58 -55.40 15.18
CA THR B 864 -30.61 -54.88 14.25
C THR B 864 -29.86 -53.68 14.78
N PRO B 865 -28.56 -53.62 14.51
CA PRO B 865 -27.81 -52.39 14.79
C PRO B 865 -28.08 -51.38 13.69
N TYR B 866 -28.23 -50.13 14.08
CA TYR B 866 -28.61 -49.11 13.13
C TYR B 866 -27.64 -47.95 13.24
N LEU B 867 -27.71 -47.09 12.24
CA LEU B 867 -27.06 -45.80 12.26
C LEU B 867 -28.03 -44.82 11.65
N CYS B 868 -28.35 -43.75 12.36
CA CYS B 868 -29.37 -42.81 11.89
C CYS B 868 -28.78 -41.45 11.60
N VAL B 869 -29.59 -40.62 10.95
CA VAL B 869 -29.28 -39.23 10.69
C VAL B 869 -30.55 -38.41 10.97
N ALA B 870 -30.37 -37.23 11.55
CA ALA B 870 -31.44 -36.34 12.00
C ALA B 870 -32.39 -37.00 13.00
N LYS B 871 -32.00 -38.15 13.56
CA LYS B 871 -32.86 -39.05 14.33
C LYS B 871 -34.19 -39.16 13.62
N THR B 872 -34.15 -39.16 12.30
CA THR B 872 -35.34 -39.33 11.48
C THR B 872 -35.24 -40.49 10.53
N TYR B 873 -34.10 -40.70 9.90
CA TYR B 873 -33.86 -41.81 8.99
C TYR B 873 -32.89 -42.80 9.63
N TYR B 874 -33.34 -44.05 9.84
CA TYR B 874 -32.54 -45.09 10.48
C TYR B 874 -32.14 -46.13 9.44
N PHE B 875 -30.88 -46.53 9.44
CA PHE B 875 -30.31 -47.40 8.41
C PHE B 875 -29.65 -48.62 9.05
N LYS B 876 -29.85 -49.79 8.45
CA LYS B 876 -29.10 -50.97 8.89
C LYS B 876 -27.61 -50.74 8.71
N CYS B 877 -26.83 -50.99 9.75
CA CYS B 877 -25.39 -50.74 9.70
C CYS B 877 -24.70 -51.57 10.78
N ASN B 878 -23.72 -52.38 10.40
CA ASN B 878 -23.03 -53.17 11.42
C ASN B 878 -22.22 -52.23 12.32
N ARG B 879 -21.73 -52.72 13.46
CA ARG B 879 -21.13 -51.74 14.35
C ARG B 879 -19.67 -51.45 14.02
N GLU B 880 -19.00 -52.34 13.28
CA GLU B 880 -17.64 -51.99 12.86
C GLU B 880 -17.65 -50.73 12.00
N THR B 881 -18.63 -50.61 11.09
CA THR B 881 -18.78 -49.40 10.29
C THR B 881 -19.19 -48.20 11.13
N ALA B 882 -20.22 -48.38 11.98
CA ALA B 882 -20.67 -47.30 12.86
C ALA B 882 -19.51 -46.67 13.64
N ASP B 883 -18.68 -47.50 14.28
CA ASP B 883 -17.56 -46.97 15.07
C ASP B 883 -16.62 -46.11 14.21
N VAL B 884 -16.41 -46.51 12.96
CA VAL B 884 -15.51 -45.76 12.09
C VAL B 884 -16.16 -44.45 11.69
N VAL B 885 -17.42 -44.51 11.26
CA VAL B 885 -18.13 -43.30 10.85
C VAL B 885 -18.29 -42.34 12.02
N ILE B 886 -18.50 -42.87 13.22
CA ILE B 886 -18.56 -41.98 14.38
C ILE B 886 -17.22 -41.29 14.58
N GLN B 887 -16.14 -42.07 14.62
CA GLN B 887 -14.82 -41.48 14.75
C GLN B 887 -14.54 -40.53 13.58
N LEU B 888 -15.07 -40.84 12.39
CA LEU B 888 -14.78 -40.01 11.23
C LEU B 888 -15.51 -38.67 11.30
N ARG B 889 -16.78 -38.66 11.71
CA ARG B 889 -17.46 -37.37 11.95
C ARG B 889 -16.74 -36.56 13.02
N SER B 890 -16.25 -37.24 14.07
CA SER B 890 -15.60 -36.53 15.16
C SER B 890 -14.33 -35.86 14.65
N ASN B 891 -13.55 -36.56 13.83
CA ASN B 891 -12.37 -35.93 13.25
C ASN B 891 -12.76 -34.83 12.25
N LEU B 892 -13.85 -35.01 11.51
CA LEU B 892 -14.17 -33.97 10.54
C LEU B 892 -14.58 -32.65 11.22
N GLU B 893 -15.24 -32.70 12.40
CA GLU B 893 -15.52 -31.43 13.09
C GLU B 893 -14.26 -30.75 13.54
N LYS B 894 -13.27 -31.53 13.92
CA LYS B 894 -12.04 -30.95 14.41
C LYS B 894 -11.24 -30.35 13.27
N LEU B 895 -11.27 -30.99 12.10
CA LEU B 895 -10.64 -30.41 10.91
C LEU B 895 -11.30 -29.09 10.55
N LEU B 896 -12.64 -29.09 10.48
CA LEU B 896 -13.36 -27.88 10.08
C LEU B 896 -13.09 -26.74 11.04
N LEU B 897 -13.12 -27.02 12.34
CA LEU B 897 -12.81 -25.99 13.34
C LEU B 897 -11.45 -25.41 13.09
N LYS B 898 -10.47 -26.23 12.76
CA LYS B 898 -9.16 -25.63 12.62
C LYS B 898 -8.96 -24.95 11.26
N LYS B 899 -9.60 -25.44 10.19
CA LYS B 899 -9.48 -24.74 8.91
C LYS B 899 -10.13 -23.36 8.95
N ALA B 900 -11.25 -23.21 9.67
CA ALA B 900 -11.84 -21.88 9.79
C ALA B 900 -10.92 -20.94 10.58
N LEU B 901 -10.23 -21.45 11.59
CA LEU B 901 -9.43 -20.57 12.44
C LEU B 901 -8.08 -20.23 11.83
N TYR B 902 -7.51 -21.14 11.05
CA TYR B 902 -6.18 -20.95 10.47
C TYR B 902 -6.27 -21.28 8.98
N PRO B 903 -6.93 -20.42 8.21
CA PRO B 903 -7.23 -20.76 6.81
C PRO B 903 -5.96 -21.02 6.00
N ALA B 904 -5.95 -22.16 5.34
CA ALA B 904 -4.87 -22.57 4.46
C ALA B 904 -5.45 -23.56 3.47
N PRO B 905 -4.96 -23.58 2.23
CA PRO B 905 -5.34 -24.69 1.34
C PRO B 905 -4.90 -26.00 1.98
N ILE B 906 -5.66 -27.06 1.71
CA ILE B 906 -5.28 -28.40 2.13
C ILE B 906 -4.20 -28.89 1.18
N GLU B 907 -2.99 -29.08 1.69
CA GLU B 907 -1.90 -29.47 0.80
C GLU B 907 -2.06 -30.94 0.41
N GLU B 908 -1.75 -31.29 -0.83
CA GLU B 908 -2.20 -32.62 -1.24
C GLU B 908 -1.35 -33.79 -0.69
N ASN B 909 -0.22 -33.53 -0.09
CA ASN B 909 0.45 -34.71 0.47
C ASN B 909 0.79 -34.48 1.93
N GLY B 910 -0.18 -33.96 2.69
CA GLY B 910 -0.06 -33.72 4.11
C GLY B 910 -1.06 -34.52 4.96
N TYR B 911 -1.09 -34.21 6.26
CA TYR B 911 -2.00 -34.92 7.16
C TYR B 911 -3.46 -34.64 6.84
N GLU B 912 -3.86 -33.37 6.65
CA GLU B 912 -5.28 -33.09 6.50
C GLU B 912 -5.87 -33.83 5.30
N LYS B 913 -5.11 -33.96 4.21
CA LYS B 913 -5.64 -34.65 3.03
C LYS B 913 -5.97 -36.10 3.35
N GLN B 914 -5.25 -36.72 4.31
CA GLN B 914 -5.53 -38.10 4.71
C GLN B 914 -6.96 -38.24 5.23
N LEU B 915 -7.41 -37.29 6.04
CA LEU B 915 -8.80 -37.30 6.48
C LEU B 915 -9.74 -37.14 5.30
N ILE B 916 -9.42 -36.22 4.38
CA ILE B 916 -10.23 -36.02 3.19
C ILE B 916 -10.33 -37.30 2.37
N LYS B 917 -9.18 -37.98 2.15
CA LYS B 917 -9.21 -39.21 1.36
C LYS B 917 -10.04 -40.30 2.03
N ALA B 918 -10.02 -40.35 3.37
CA ALA B 918 -10.89 -41.26 4.10
C ALA B 918 -12.35 -41.03 3.75
N ILE B 919 -12.73 -39.78 3.54
CA ILE B 919 -14.13 -39.50 3.26
C ILE B 919 -14.46 -39.79 1.81
N GLU B 920 -13.57 -39.40 0.88
CA GLU B 920 -13.75 -39.75 -0.53
C GLU B 920 -13.97 -41.25 -0.69
N LEU B 921 -13.20 -42.06 0.05
CA LEU B 921 -13.26 -43.52 -0.08
C LEU B 921 -14.62 -44.05 0.36
N LEU B 922 -15.07 -43.70 1.57
CA LEU B 922 -16.40 -44.11 2.02
C LEU B 922 -17.49 -43.67 1.06
N LEU B 923 -17.40 -42.44 0.54
CA LEU B 923 -18.47 -41.95 -0.31
C LEU B 923 -18.41 -42.59 -1.68
N SER B 924 -17.20 -42.94 -2.14
CA SER B 924 -17.06 -43.64 -3.41
C SER B 924 -17.86 -44.96 -3.46
N LEU B 925 -18.15 -45.60 -2.33
CA LEU B 925 -18.86 -46.88 -2.36
C LEU B 925 -20.24 -46.80 -3.02
N ASP B 926 -20.77 -45.60 -3.27
CA ASP B 926 -22.11 -45.49 -3.83
C ASP B 926 -22.13 -45.30 -5.34
N GLU B 927 -20.98 -45.34 -6.02
CA GLU B 927 -20.95 -45.17 -7.48
C GLU B 927 -21.85 -46.20 -8.16
N ARG B 928 -22.37 -45.82 -9.34
CA ARG B 928 -23.39 -46.61 -10.01
C ARG B 928 -22.89 -48.01 -10.38
N LEU B 929 -21.88 -48.09 -11.26
CA LEU B 929 -21.30 -49.39 -11.60
C LEU B 929 -20.13 -49.77 -10.67
MG MG E . 12.73 15.72 -0.60
MG MG F . -19.11 2.97 2.50
#